data_2FBY
# 
_entry.id   2FBY 
# 
_audit_conform.dict_name       mmcif_pdbx.dic 
_audit_conform.dict_version    5.377 
_audit_conform.dict_location   http://mmcif.pdb.org/dictionaries/ascii/mmcif_pdbx.dic 
# 
loop_
_database_2.database_id 
_database_2.database_code 
_database_2.pdbx_database_accession 
_database_2.pdbx_DOI 
PDB   2FBY         pdb_00002fby 10.2210/pdb2fby/pdb 
RCSB  RCSB035696   ?            ?                   
WWPDB D_1000035696 ?            ?                   
# 
loop_
_pdbx_database_related.db_name 
_pdbx_database_related.db_id 
_pdbx_database_related.details 
_pdbx_database_related.content_type 
PDB 2FBT . unspecified 
PDB 2FBV . unspecified 
PDB 2FBX . unspecified 
PDB 2FC0 . unspecified 
# 
_pdbx_database_status.status_code                     REL 
_pdbx_database_status.entry_id                        2FBY 
_pdbx_database_status.recvd_initial_deposition_date   2005-12-10 
_pdbx_database_status.deposit_site                    RCSB 
_pdbx_database_status.process_site                    RCSB 
_pdbx_database_status.status_code_sf                  REL 
_pdbx_database_status.status_code_mr                  ? 
_pdbx_database_status.SG_entry                        ? 
_pdbx_database_status.pdb_format_compatible           Y 
_pdbx_database_status.status_code_cs                  ? 
_pdbx_database_status.status_code_nmr_data            ? 
_pdbx_database_status.methods_development_category    ? 
# 
_audit_author.name           'Perry, J.J.' 
_audit_author.pdbx_ordinal   1 
# 
_citation.id                        primary 
_citation.title                     
'WRN exonuclease structure and molecular mechanism imply an editing role in DNA end processing.' 
_citation.journal_abbrev            Nat.Struct.Mol.Biol. 
_citation.journal_volume            13 
_citation.page_first                414 
_citation.page_last                 422 
_citation.year                      2006 
_citation.journal_id_ASTM           ? 
_citation.country                   US 
_citation.journal_id_ISSN           1545-9993 
_citation.journal_id_CSD            ? 
_citation.book_publisher            ? 
_citation.pdbx_database_id_PubMed   16622405 
_citation.pdbx_database_id_DOI      10.1038/nsmb1088 
# 
loop_
_citation_author.citation_id 
_citation_author.name 
_citation_author.ordinal 
_citation_author.identifier_ORCID 
primary 'Perry, J.J.'    1 ? 
primary 'Yannone, S.M.'  2 ? 
primary 'Holden, L.G.'   3 ? 
primary 'Hitomi, C.'     4 ? 
primary 'Asaithamby, A.' 5 ? 
primary 'Han, S.'        6 ? 
primary 'Cooper, P.K.'   7 ? 
primary 'Chen, D.J.'     8 ? 
primary 'Tainer, J.A.'   9 ? 
# 
_cell.entry_id           2FBY 
_cell.length_a           80.089 
_cell.length_b           80.089 
_cell.length_c           92.970 
_cell.angle_alpha        90.00 
_cell.angle_beta         90.00 
_cell.angle_gamma        120.00 
_cell.Z_PDB              6 
_cell.pdbx_unique_axis   ? 
_cell.length_a_esd       ? 
_cell.length_b_esd       ? 
_cell.length_c_esd       ? 
_cell.angle_alpha_esd    ? 
_cell.angle_beta_esd     ? 
_cell.angle_gamma_esd    ? 
# 
_symmetry.entry_id                         2FBY 
_symmetry.space_group_name_H-M             'P 32 2 1' 
_symmetry.pdbx_full_space_group_name_H-M   ? 
_symmetry.cell_setting                     ? 
_symmetry.Int_Tables_number                154 
_symmetry.space_group_name_Hall            ? 
# 
loop_
_entity.id 
_entity.type 
_entity.src_method 
_entity.pdbx_description 
_entity.formula_weight 
_entity.pdbx_number_of_molecules 
_entity.pdbx_ec 
_entity.pdbx_mutation 
_entity.pdbx_fragment 
_entity.details 
1 polymer     man 'Werner syndrome helicase' 23430.865 1   2.7.7.- ? 'Exonuclease domain' ? 
2 non-polymer syn 'EUROPIUM (III) ION'       151.964   2   ?       ? ?                    ? 
3 water       nat water                      18.015    128 ?       ? ?                    ? 
# 
_entity_poly.entity_id                      1 
_entity_poly.type                           'polypeptide(L)' 
_entity_poly.nstd_linkage                   no 
_entity_poly.nstd_monomer                   no 
_entity_poly.pdbx_seq_one_letter_code       
;HHHHHHSVFEDDLPFLEFTGSIVYSYDASDCSFLSEDISMSLSDGDVVGFDMEWPPLYNRGKLGKVALIQLCVSESKCYL
FHVSSMSVFPQGLKMLLENKAVKKAGVGIEGDQWKLLRDFDIKLKNFVELTDVANKKLKCTETWSLNSLVKHLLGKQLLK
DKSIRCSNWSKFPLTEDQKLYAATDAYAGFIIYRNLEILDDTVQR
;
_entity_poly.pdbx_seq_one_letter_code_can   
;HHHHHHSVFEDDLPFLEFTGSIVYSYDASDCSFLSEDISMSLSDGDVVGFDMEWPPLYNRGKLGKVALIQLCVSESKCYL
FHVSSMSVFPQGLKMLLENKAVKKAGVGIEGDQWKLLRDFDIKLKNFVELTDVANKKLKCTETWSLNSLVKHLLGKQLLK
DKSIRCSNWSKFPLTEDQKLYAATDAYAGFIIYRNLEILDDTVQR
;
_entity_poly.pdbx_strand_id                 A 
_entity_poly.pdbx_target_identifier         ? 
# 
loop_
_entity_poly_seq.entity_id 
_entity_poly_seq.num 
_entity_poly_seq.mon_id 
_entity_poly_seq.hetero 
1 1   HIS n 
1 2   HIS n 
1 3   HIS n 
1 4   HIS n 
1 5   HIS n 
1 6   HIS n 
1 7   SER n 
1 8   VAL n 
1 9   PHE n 
1 10  GLU n 
1 11  ASP n 
1 12  ASP n 
1 13  LEU n 
1 14  PRO n 
1 15  PHE n 
1 16  LEU n 
1 17  GLU n 
1 18  PHE n 
1 19  THR n 
1 20  GLY n 
1 21  SER n 
1 22  ILE n 
1 23  VAL n 
1 24  TYR n 
1 25  SER n 
1 26  TYR n 
1 27  ASP n 
1 28  ALA n 
1 29  SER n 
1 30  ASP n 
1 31  CYS n 
1 32  SER n 
1 33  PHE n 
1 34  LEU n 
1 35  SER n 
1 36  GLU n 
1 37  ASP n 
1 38  ILE n 
1 39  SER n 
1 40  MET n 
1 41  SER n 
1 42  LEU n 
1 43  SER n 
1 44  ASP n 
1 45  GLY n 
1 46  ASP n 
1 47  VAL n 
1 48  VAL n 
1 49  GLY n 
1 50  PHE n 
1 51  ASP n 
1 52  MET n 
1 53  GLU n 
1 54  TRP n 
1 55  PRO n 
1 56  PRO n 
1 57  LEU n 
1 58  TYR n 
1 59  ASN n 
1 60  ARG n 
1 61  GLY n 
1 62  LYS n 
1 63  LEU n 
1 64  GLY n 
1 65  LYS n 
1 66  VAL n 
1 67  ALA n 
1 68  LEU n 
1 69  ILE n 
1 70  GLN n 
1 71  LEU n 
1 72  CYS n 
1 73  VAL n 
1 74  SER n 
1 75  GLU n 
1 76  SER n 
1 77  LYS n 
1 78  CYS n 
1 79  TYR n 
1 80  LEU n 
1 81  PHE n 
1 82  HIS n 
1 83  VAL n 
1 84  SER n 
1 85  SER n 
1 86  MET n 
1 87  SER n 
1 88  VAL n 
1 89  PHE n 
1 90  PRO n 
1 91  GLN n 
1 92  GLY n 
1 93  LEU n 
1 94  LYS n 
1 95  MET n 
1 96  LEU n 
1 97  LEU n 
1 98  GLU n 
1 99  ASN n 
1 100 LYS n 
1 101 ALA n 
1 102 VAL n 
1 103 LYS n 
1 104 LYS n 
1 105 ALA n 
1 106 GLY n 
1 107 VAL n 
1 108 GLY n 
1 109 ILE n 
1 110 GLU n 
1 111 GLY n 
1 112 ASP n 
1 113 GLN n 
1 114 TRP n 
1 115 LYS n 
1 116 LEU n 
1 117 LEU n 
1 118 ARG n 
1 119 ASP n 
1 120 PHE n 
1 121 ASP n 
1 122 ILE n 
1 123 LYS n 
1 124 LEU n 
1 125 LYS n 
1 126 ASN n 
1 127 PHE n 
1 128 VAL n 
1 129 GLU n 
1 130 LEU n 
1 131 THR n 
1 132 ASP n 
1 133 VAL n 
1 134 ALA n 
1 135 ASN n 
1 136 LYS n 
1 137 LYS n 
1 138 LEU n 
1 139 LYS n 
1 140 CYS n 
1 141 THR n 
1 142 GLU n 
1 143 THR n 
1 144 TRP n 
1 145 SER n 
1 146 LEU n 
1 147 ASN n 
1 148 SER n 
1 149 LEU n 
1 150 VAL n 
1 151 LYS n 
1 152 HIS n 
1 153 LEU n 
1 154 LEU n 
1 155 GLY n 
1 156 LYS n 
1 157 GLN n 
1 158 LEU n 
1 159 LEU n 
1 160 LYS n 
1 161 ASP n 
1 162 LYS n 
1 163 SER n 
1 164 ILE n 
1 165 ARG n 
1 166 CYS n 
1 167 SER n 
1 168 ASN n 
1 169 TRP n 
1 170 SER n 
1 171 LYS n 
1 172 PHE n 
1 173 PRO n 
1 174 LEU n 
1 175 THR n 
1 176 GLU n 
1 177 ASP n 
1 178 GLN n 
1 179 LYS n 
1 180 LEU n 
1 181 TYR n 
1 182 ALA n 
1 183 ALA n 
1 184 THR n 
1 185 ASP n 
1 186 ALA n 
1 187 TYR n 
1 188 ALA n 
1 189 GLY n 
1 190 PHE n 
1 191 ILE n 
1 192 ILE n 
1 193 TYR n 
1 194 ARG n 
1 195 ASN n 
1 196 LEU n 
1 197 GLU n 
1 198 ILE n 
1 199 LEU n 
1 200 ASP n 
1 201 ASP n 
1 202 THR n 
1 203 VAL n 
1 204 GLN n 
1 205 ARG n 
# 
_entity_src_gen.entity_id                          1 
_entity_src_gen.pdbx_src_id                        1 
_entity_src_gen.pdbx_alt_source_flag               sample 
_entity_src_gen.pdbx_seq_type                      ? 
_entity_src_gen.pdbx_beg_seq_num                   ? 
_entity_src_gen.pdbx_end_seq_num                   ? 
_entity_src_gen.gene_src_common_name               human 
_entity_src_gen.gene_src_genus                     Homo 
_entity_src_gen.pdbx_gene_src_gene                 'WRN, RECQ3, RECQL2' 
_entity_src_gen.gene_src_species                   ? 
_entity_src_gen.gene_src_strain                    ? 
_entity_src_gen.gene_src_tissue                    ? 
_entity_src_gen.gene_src_tissue_fraction           ? 
_entity_src_gen.gene_src_details                   ? 
_entity_src_gen.pdbx_gene_src_fragment             ? 
_entity_src_gen.pdbx_gene_src_scientific_name      'Homo sapiens' 
_entity_src_gen.pdbx_gene_src_ncbi_taxonomy_id     9606 
_entity_src_gen.pdbx_gene_src_variant              ? 
_entity_src_gen.pdbx_gene_src_cell_line            ? 
_entity_src_gen.pdbx_gene_src_atcc                 ? 
_entity_src_gen.pdbx_gene_src_organ                ? 
_entity_src_gen.pdbx_gene_src_organelle            ? 
_entity_src_gen.pdbx_gene_src_cell                 ? 
_entity_src_gen.pdbx_gene_src_cellular_location    ? 
_entity_src_gen.host_org_common_name               ? 
_entity_src_gen.pdbx_host_org_scientific_name      'Escherichia coli' 
_entity_src_gen.pdbx_host_org_ncbi_taxonomy_id     562 
_entity_src_gen.host_org_genus                     Escherichia 
_entity_src_gen.pdbx_host_org_gene                 ? 
_entity_src_gen.pdbx_host_org_organ                ? 
_entity_src_gen.host_org_species                   ? 
_entity_src_gen.pdbx_host_org_tissue               ? 
_entity_src_gen.pdbx_host_org_tissue_fraction      ? 
_entity_src_gen.pdbx_host_org_strain               'BL21 (DE3) PLysS' 
_entity_src_gen.pdbx_host_org_variant              ? 
_entity_src_gen.pdbx_host_org_cell_line            ? 
_entity_src_gen.pdbx_host_org_atcc                 ? 
_entity_src_gen.pdbx_host_org_culture_collection   ? 
_entity_src_gen.pdbx_host_org_cell                 ? 
_entity_src_gen.pdbx_host_org_organelle            ? 
_entity_src_gen.pdbx_host_org_cellular_location    ? 
_entity_src_gen.pdbx_host_org_vector_type          plasmid 
_entity_src_gen.pdbx_host_org_vector               ? 
_entity_src_gen.host_org_details                   ? 
_entity_src_gen.expression_system_id               ? 
_entity_src_gen.plasmid_name                       pET28b 
_entity_src_gen.plasmid_details                    ? 
_entity_src_gen.pdbx_description                   ? 
# 
_struct_ref.id                         1 
_struct_ref.db_name                    UNP 
_struct_ref.db_code                    WRN_HUMAN 
_struct_ref.pdbx_db_accession          Q14191 
_struct_ref.entity_id                  1 
_struct_ref.pdbx_seq_one_letter_code   
;SVFEDDLPFLEFTGSIVYSYDASDCSFLSEDISMSLSDGDVVGFDMEWPPLYNRGKLGKVALIQLCVSESKCYLFHVSSM
SVFPQGLKMLLENKAVKKAGVGIEGDQWKLLRDFDIKLKNFVELTDVANKKLKCTETWSLNSLVKHLLGKQLLKDKSIRC
SNWSKFPLTEDQKLYAATDAYAGFIIYRNLEILDDTVQR
;
_struct_ref.pdbx_align_begin           38 
_struct_ref.pdbx_db_isoform            ? 
# 
_struct_ref_seq.align_id                      1 
_struct_ref_seq.ref_id                        1 
_struct_ref_seq.pdbx_PDB_id_code              2FBY 
_struct_ref_seq.pdbx_strand_id                A 
_struct_ref_seq.seq_align_beg                 7 
_struct_ref_seq.pdbx_seq_align_beg_ins_code   ? 
_struct_ref_seq.seq_align_end                 205 
_struct_ref_seq.pdbx_seq_align_end_ins_code   ? 
_struct_ref_seq.pdbx_db_accession             Q14191 
_struct_ref_seq.db_align_beg                  38 
_struct_ref_seq.pdbx_db_align_beg_ins_code    ? 
_struct_ref_seq.db_align_end                  236 
_struct_ref_seq.pdbx_db_align_end_ins_code    ? 
_struct_ref_seq.pdbx_auth_seq_align_beg       38 
_struct_ref_seq.pdbx_auth_seq_align_end       236 
# 
loop_
_struct_ref_seq_dif.align_id 
_struct_ref_seq_dif.pdbx_pdb_id_code 
_struct_ref_seq_dif.mon_id 
_struct_ref_seq_dif.pdbx_pdb_strand_id 
_struct_ref_seq_dif.seq_num 
_struct_ref_seq_dif.pdbx_pdb_ins_code 
_struct_ref_seq_dif.pdbx_seq_db_name 
_struct_ref_seq_dif.pdbx_seq_db_accession_code 
_struct_ref_seq_dif.db_mon_id 
_struct_ref_seq_dif.pdbx_seq_db_seq_num 
_struct_ref_seq_dif.details 
_struct_ref_seq_dif.pdbx_auth_seq_num 
_struct_ref_seq_dif.pdbx_ordinal 
1 2FBY HIS A 1 ? UNP Q14191 ? ? 'expression tag' 32 1 
1 2FBY HIS A 2 ? UNP Q14191 ? ? 'expression tag' 33 2 
1 2FBY HIS A 3 ? UNP Q14191 ? ? 'expression tag' 34 3 
1 2FBY HIS A 4 ? UNP Q14191 ? ? 'expression tag' 35 4 
1 2FBY HIS A 5 ? UNP Q14191 ? ? 'expression tag' 36 5 
1 2FBY HIS A 6 ? UNP Q14191 ? ? 'expression tag' 37 6 
# 
loop_
_chem_comp.id 
_chem_comp.type 
_chem_comp.mon_nstd_flag 
_chem_comp.name 
_chem_comp.pdbx_synonyms 
_chem_comp.formula 
_chem_comp.formula_weight 
ALA 'L-peptide linking' y ALANINE              ? 'C3 H7 N O2'     89.093  
ARG 'L-peptide linking' y ARGININE             ? 'C6 H15 N4 O2 1' 175.209 
ASN 'L-peptide linking' y ASPARAGINE           ? 'C4 H8 N2 O3'    132.118 
ASP 'L-peptide linking' y 'ASPARTIC ACID'      ? 'C4 H7 N O4'     133.103 
CYS 'L-peptide linking' y CYSTEINE             ? 'C3 H7 N O2 S'   121.158 
EU3 non-polymer         . 'EUROPIUM (III) ION' ? 'Eu 3'           151.964 
GLN 'L-peptide linking' y GLUTAMINE            ? 'C5 H10 N2 O3'   146.144 
GLU 'L-peptide linking' y 'GLUTAMIC ACID'      ? 'C5 H9 N O4'     147.129 
GLY 'peptide linking'   y GLYCINE              ? 'C2 H5 N O2'     75.067  
HIS 'L-peptide linking' y HISTIDINE            ? 'C6 H10 N3 O2 1' 156.162 
HOH non-polymer         . WATER                ? 'H2 O'           18.015  
ILE 'L-peptide linking' y ISOLEUCINE           ? 'C6 H13 N O2'    131.173 
LEU 'L-peptide linking' y LEUCINE              ? 'C6 H13 N O2'    131.173 
LYS 'L-peptide linking' y LYSINE               ? 'C6 H15 N2 O2 1' 147.195 
MET 'L-peptide linking' y METHIONINE           ? 'C5 H11 N O2 S'  149.211 
PHE 'L-peptide linking' y PHENYLALANINE        ? 'C9 H11 N O2'    165.189 
PRO 'L-peptide linking' y PROLINE              ? 'C5 H9 N O2'     115.130 
SER 'L-peptide linking' y SERINE               ? 'C3 H7 N O3'     105.093 
THR 'L-peptide linking' y THREONINE            ? 'C4 H9 N O3'     119.119 
TRP 'L-peptide linking' y TRYPTOPHAN           ? 'C11 H12 N2 O2'  204.225 
TYR 'L-peptide linking' y TYROSINE             ? 'C9 H11 N O3'    181.189 
VAL 'L-peptide linking' y VALINE               ? 'C5 H11 N O2'    117.146 
# 
_exptl.entry_id          2FBY 
_exptl.method            'X-RAY DIFFRACTION' 
_exptl.crystals_number   1 
# 
_exptl_crystal.id                    1 
_exptl_crystal.density_meas          ? 
_exptl_crystal.density_Matthews      3.67 
_exptl_crystal.density_percent_sol   66.51 
_exptl_crystal.description           ? 
_exptl_crystal.F_000                 ? 
_exptl_crystal.preparation           ? 
# 
_exptl_crystal_grow.crystal_id      1 
_exptl_crystal_grow.method          ? 
_exptl_crystal_grow.temp            ? 
_exptl_crystal_grow.temp_details    ? 
_exptl_crystal_grow.pH              4.50 
_exptl_crystal_grow.pdbx_details    
;5ul of 4.5mg/ml WRN exonuclease buffered in 25mM Tris HCL, 100mM NaCl, pH 7.5, mixed with 5ul 1% MPEG 2K, 200mM Na Acetate, pH 4.5 from the reservior solution and 1ul EDTA additive, VAPOR DIFFUSION, SITTING DROP, pH 4.50
;
_exptl_crystal_grow.pdbx_pH_range   . 
# 
_diffrn.id                     1 
_diffrn.ambient_temp           100.0 
_diffrn.ambient_temp_details   ? 
_diffrn.crystal_id             1 
# 
_diffrn_detector.diffrn_id              1 
_diffrn_detector.detector               CCD 
_diffrn_detector.type                   'ADSC QUANTUM 210' 
_diffrn_detector.pdbx_collection_date   ? 
_diffrn_detector.details                ? 
# 
_diffrn_radiation.diffrn_id                        1 
_diffrn_radiation.wavelength_id                    1 
_diffrn_radiation.pdbx_monochromatic_or_laue_m_l   M 
_diffrn_radiation.monochromator                    ? 
_diffrn_radiation.pdbx_diffrn_protocol             'SINGLE WAVELENGTH' 
_diffrn_radiation.pdbx_scattering_type             x-ray 
# 
_diffrn_radiation_wavelength.id           1 
_diffrn_radiation_wavelength.wavelength   0.95 
_diffrn_radiation_wavelength.wt           1.0 
# 
_diffrn_source.diffrn_id                   1 
_diffrn_source.source                      SYNCHROTRON 
_diffrn_source.type                        'ALS BEAMLINE 5.0.2' 
_diffrn_source.pdbx_synchrotron_site       ALS 
_diffrn_source.pdbx_synchrotron_beamline   5.0.2 
_diffrn_source.pdbx_wavelength             0.95 
_diffrn_source.pdbx_wavelength_list        ? 
# 
_reflns.entry_id                     2FBY 
_reflns.observed_criterion_sigma_I   ? 
_reflns.observed_criterion_sigma_F   ? 
_reflns.d_resolution_low             27.800 
_reflns.d_resolution_high            2.000 
_reflns.number_obs                   22764 
_reflns.number_all                   ? 
_reflns.percent_possible_obs         95.7 
_reflns.pdbx_Rmerge_I_obs            0.056 
_reflns.pdbx_Rsym_value              ? 
_reflns.pdbx_netI_over_sigmaI        39.4000 
_reflns.B_iso_Wilson_estimate        22.80 
_reflns.pdbx_redundancy              ? 
_reflns.R_free_details               ? 
_reflns.limit_h_max                  ? 
_reflns.limit_h_min                  ? 
_reflns.limit_k_max                  ? 
_reflns.limit_k_min                  ? 
_reflns.limit_l_max                  ? 
_reflns.limit_l_min                  ? 
_reflns.observed_criterion_F_max     ? 
_reflns.observed_criterion_F_min     ? 
_reflns.pdbx_chi_squared             ? 
_reflns.pdbx_scaling_rejects         ? 
_reflns.pdbx_diffrn_id               1 
_reflns.pdbx_ordinal                 1 
# 
_reflns_shell.d_res_high             2.00 
_reflns_shell.d_res_low              2.13 
_reflns_shell.percent_possible_all   87.7 
_reflns_shell.Rmerge_I_obs           0.349 
_reflns_shell.pdbx_Rsym_value        ? 
_reflns_shell.meanI_over_sigI_obs    3.400 
_reflns_shell.pdbx_redundancy        ? 
_reflns_shell.percent_possible_obs   ? 
_reflns_shell.number_unique_all      ? 
_reflns_shell.number_measured_all    ? 
_reflns_shell.number_measured_obs    ? 
_reflns_shell.number_unique_obs      ? 
_reflns_shell.pdbx_chi_squared       ? 
_reflns_shell.pdbx_diffrn_id         ? 
_reflns_shell.pdbx_ordinal           1 
# 
_refine.entry_id                                 2FBY 
_refine.ls_number_reflns_obs                     22764 
_refine.ls_number_reflns_all                     23787 
_refine.pdbx_ls_sigma_I                          ? 
_refine.pdbx_ls_sigma_F                          0.000 
_refine.pdbx_data_cutoff_high_absF               351552.400 
_refine.pdbx_data_cutoff_low_absF                0.0000 
_refine.pdbx_data_cutoff_high_rms_absF           ? 
_refine.ls_d_res_low                             27.80 
_refine.ls_d_res_high                            2.00 
_refine.ls_percent_reflns_obs                    95.7 
_refine.ls_R_factor_obs                          0.221 
_refine.ls_R_factor_all                          ? 
_refine.ls_R_factor_R_work                       0.221 
_refine.ls_R_factor_R_free                       0.245 
_refine.ls_R_factor_R_free_error                 0.008 
_refine.ls_R_factor_R_free_error_details         ? 
_refine.ls_percent_reflns_R_free                 4.900 
_refine.ls_number_reflns_R_free                  1124 
_refine.ls_number_parameters                     ? 
_refine.ls_number_restraints                     ? 
_refine.occupancy_min                            ? 
_refine.occupancy_max                            ? 
_refine.correlation_coeff_Fo_to_Fc               ? 
_refine.correlation_coeff_Fo_to_Fc_free          ? 
_refine.B_iso_mean                               44.10 
_refine.aniso_B[1][1]                            9.60000 
_refine.aniso_B[2][2]                            9.60000 
_refine.aniso_B[3][3]                            -19.19000 
_refine.aniso_B[1][2]                            2.84000 
_refine.aniso_B[1][3]                            0.00000 
_refine.aniso_B[2][3]                            0.00000 
_refine.solvent_model_details                    'FLAT MODEL' 
_refine.solvent_model_param_ksol                 0.32 
_refine.solvent_model_param_bsol                 48.86 
_refine.pdbx_solvent_vdw_probe_radii             ? 
_refine.pdbx_solvent_ion_probe_radii             ? 
_refine.pdbx_solvent_shrinkage_radii             ? 
_refine.pdbx_ls_cross_valid_method               THROUGHOUT 
_refine.details                                  ? 
_refine.pdbx_starting_model                      'PDB ENTRY 2FBT' 
_refine.pdbx_method_to_determine_struct          'MOLECULAR REPLACEMENT' 
_refine.pdbx_isotropic_thermal_model             ISOTROPIC 
_refine.pdbx_stereochemistry_target_values       'ENGH & HUBER' 
_refine.pdbx_stereochem_target_val_spec_case     ? 
_refine.pdbx_R_Free_selection_details            RANDOM 
_refine.pdbx_overall_ESU_R                       ? 
_refine.pdbx_overall_ESU_R_Free                  ? 
_refine.overall_SU_ML                            ? 
_refine.overall_SU_B                             ? 
_refine.ls_redundancy_reflns_obs                 ? 
_refine.B_iso_min                                ? 
_refine.B_iso_max                                ? 
_refine.overall_SU_R_Cruickshank_DPI             ? 
_refine.overall_SU_R_free                        ? 
_refine.ls_wR_factor_R_free                      ? 
_refine.ls_wR_factor_R_work                      ? 
_refine.overall_FOM_free_R_set                   ? 
_refine.overall_FOM_work_R_set                   ? 
_refine.pdbx_refine_id                           'X-RAY DIFFRACTION' 
_refine.pdbx_diffrn_id                           1 
_refine.pdbx_TLS_residual_ADP_flag               ? 
_refine.pdbx_overall_phase_error                 ? 
_refine.pdbx_overall_SU_R_free_Cruickshank_DPI   ? 
_refine.pdbx_overall_SU_R_Blow_DPI               ? 
_refine.pdbx_overall_SU_R_free_Blow_DPI          ? 
# 
_refine_analyze.entry_id                        2FBY 
_refine_analyze.Luzzati_coordinate_error_obs    0.28 
_refine_analyze.Luzzati_sigma_a_obs             0.30 
_refine_analyze.Luzzati_d_res_low_obs           5.00 
_refine_analyze.Luzzati_coordinate_error_free   0.29 
_refine_analyze.Luzzati_sigma_a_free            0.31 
_refine_analyze.Luzzati_d_res_low_free          ? 
_refine_analyze.number_disordered_residues      ? 
_refine_analyze.occupancy_sum_hydrogen          ? 
_refine_analyze.occupancy_sum_non_hydrogen      ? 
_refine_analyze.pdbx_Luzzati_d_res_high_obs     ? 
_refine_analyze.pdbx_refine_id                  'X-RAY DIFFRACTION' 
# 
_refine_hist.pdbx_refine_id                   'X-RAY DIFFRACTION' 
_refine_hist.cycle_id                         LAST 
_refine_hist.pdbx_number_atoms_protein        1588 
_refine_hist.pdbx_number_atoms_nucleic_acid   0 
_refine_hist.pdbx_number_atoms_ligand         2 
_refine_hist.number_atoms_solvent             128 
_refine_hist.number_atoms_total               1718 
_refine_hist.d_res_high                       2.00 
_refine_hist.d_res_low                        27.80 
# 
loop_
_refine_ls_restr.type 
_refine_ls_restr.dev_ideal 
_refine_ls_restr.dev_ideal_target 
_refine_ls_restr.weight 
_refine_ls_restr.number 
_refine_ls_restr.pdbx_refine_id 
_refine_ls_restr.pdbx_restraint_function 
c_bond_d                0.005 ?     ? ? 'X-RAY DIFFRACTION' ? 
c_bond_d_na             ?     ?     ? ? 'X-RAY DIFFRACTION' ? 
c_bond_d_prot           ?     ?     ? ? 'X-RAY DIFFRACTION' ? 
c_angle_d               ?     ?     ? ? 'X-RAY DIFFRACTION' ? 
c_angle_d_na            ?     ?     ? ? 'X-RAY DIFFRACTION' ? 
c_angle_d_prot          ?     ?     ? ? 'X-RAY DIFFRACTION' ? 
c_angle_deg             1.20  ?     ? ? 'X-RAY DIFFRACTION' ? 
c_angle_deg_na          ?     ?     ? ? 'X-RAY DIFFRACTION' ? 
c_angle_deg_prot        ?     ?     ? ? 'X-RAY DIFFRACTION' ? 
c_dihedral_angle_d      22.40 ?     ? ? 'X-RAY DIFFRACTION' ? 
c_dihedral_angle_d_na   ?     ?     ? ? 'X-RAY DIFFRACTION' ? 
c_dihedral_angle_d_prot ?     ?     ? ? 'X-RAY DIFFRACTION' ? 
c_improper_angle_d      0.67  ?     ? ? 'X-RAY DIFFRACTION' ? 
c_improper_angle_d_na   ?     ?     ? ? 'X-RAY DIFFRACTION' ? 
c_improper_angle_d_prot ?     ?     ? ? 'X-RAY DIFFRACTION' ? 
c_mcbond_it             3.050 1.500 ? ? 'X-RAY DIFFRACTION' ? 
c_mcangle_it            4.730 2.000 ? ? 'X-RAY DIFFRACTION' ? 
c_scbond_it             2.250 2.000 ? ? 'X-RAY DIFFRACTION' ? 
c_scangle_it            3.220 2.500 ? ? 'X-RAY DIFFRACTION' ? 
# 
_refine_ls_shell.pdbx_total_number_of_bins_used   6 
_refine_ls_shell.d_res_high                       2.00 
_refine_ls_shell.d_res_low                        2.13 
_refine_ls_shell.number_reflns_R_work             3221 
_refine_ls_shell.R_factor_R_work                  0.333 
_refine_ls_shell.percent_reflns_obs               87.10 
_refine_ls_shell.R_factor_R_free                  0.362 
_refine_ls_shell.R_factor_R_free_error            0.028 
_refine_ls_shell.percent_reflns_R_free            4.80 
_refine_ls_shell.number_reflns_R_free             163 
_refine_ls_shell.number_reflns_all                ? 
_refine_ls_shell.R_factor_all                     ? 
_refine_ls_shell.redundancy_reflns_obs            ? 
_refine_ls_shell.number_reflns_obs                ? 
_refine_ls_shell.pdbx_refine_id                   'X-RAY DIFFRACTION' 
# 
loop_
_pdbx_xplor_file.serial_no 
_pdbx_xplor_file.param_file 
_pdbx_xplor_file.topol_file 
_pdbx_xplor_file.pdbx_refine_id 
1 PROTEIN_REP.PARAM PROTEIN.TOP 'X-RAY DIFFRACTION' 
2 WATER.PARAM       WATER.TOP   'X-RAY DIFFRACTION' 
3 ION.PARAM         ION.TOP     'X-RAY DIFFRACTION' 
# 
_struct.entry_id                  2FBY 
_struct.title                     'WRN exonuclease, Eu complex' 
_struct.pdbx_model_details        ? 
_struct.pdbx_CASP_flag            ? 
_struct.pdbx_model_type_details   ? 
# 
_struct_keywords.entry_id        2FBY 
_struct_keywords.pdbx_keywords   TRANSFERASE 
_struct_keywords.text            
;RecQ, WRN, Werner Syndrome, 3'-5' exonuclease, DnaQ family, TRANSFERASE
;
# 
loop_
_struct_asym.id 
_struct_asym.pdbx_blank_PDB_chainid_flag 
_struct_asym.pdbx_modified 
_struct_asym.entity_id 
_struct_asym.details 
A N N 1 ? 
B N N 2 ? 
C N N 2 ? 
D N N 3 ? 
# 
loop_
_struct_conf.conf_type_id 
_struct_conf.id 
_struct_conf.pdbx_PDB_helix_id 
_struct_conf.beg_label_comp_id 
_struct_conf.beg_label_asym_id 
_struct_conf.beg_label_seq_id 
_struct_conf.pdbx_beg_PDB_ins_code 
_struct_conf.end_label_comp_id 
_struct_conf.end_label_asym_id 
_struct_conf.end_label_seq_id 
_struct_conf.pdbx_end_PDB_ins_code 
_struct_conf.beg_auth_comp_id 
_struct_conf.beg_auth_asym_id 
_struct_conf.beg_auth_seq_id 
_struct_conf.end_auth_comp_id 
_struct_conf.end_auth_asym_id 
_struct_conf.end_auth_seq_id 
_struct_conf.pdbx_PDB_helix_class 
_struct_conf.details 
_struct_conf.pdbx_PDB_helix_length 
HELX_P HELX_P1  1  SER A 7   ? ASP A 11  ? SER A 38  ASP A 42  5 ? 5  
HELX_P HELX_P2  2  ASP A 27  ? LEU A 42  ? ASP A 58  LEU A 73  1 ? 16 
HELX_P HELX_P3  3  VAL A 83  ? MET A 86  ? VAL A 114 MET A 117 5 ? 4  
HELX_P HELX_P4  4  PRO A 90  ? GLU A 98  ? PRO A 121 GLU A 129 1 ? 9  
HELX_P HELX_P5  5  GLY A 108 ? GLN A 113 ? GLY A 139 GLN A 144 1 ? 6  
HELX_P HELX_P6  6  LYS A 115 ? ASP A 121 ? LYS A 146 ASP A 152 1 ? 7  
HELX_P HELX_P7  7  LEU A 130 ? LYS A 139 ? LEU A 161 LYS A 170 1 ? 10 
HELX_P HELX_P8  8  SER A 145 ? GLY A 155 ? SER A 176 GLY A 186 1 ? 11 
HELX_P HELX_P9  9  ASP A 161 ? CYS A 166 ? ASP A 192 CYS A 197 1 ? 6  
HELX_P HELX_P10 10 ASP A 177 ? ILE A 198 ? ASP A 208 ILE A 229 1 ? 22 
# 
_struct_conf_type.id          HELX_P 
_struct_conf_type.criteria    ? 
_struct_conf_type.reference   ? 
# 
_struct_mon_prot_cis.pdbx_id                1 
_struct_mon_prot_cis.label_comp_id          PHE 
_struct_mon_prot_cis.label_seq_id           172 
_struct_mon_prot_cis.label_asym_id          A 
_struct_mon_prot_cis.label_alt_id           . 
_struct_mon_prot_cis.pdbx_PDB_ins_code      ? 
_struct_mon_prot_cis.auth_comp_id           PHE 
_struct_mon_prot_cis.auth_seq_id            203 
_struct_mon_prot_cis.auth_asym_id           A 
_struct_mon_prot_cis.pdbx_label_comp_id_2   PRO 
_struct_mon_prot_cis.pdbx_label_seq_id_2    173 
_struct_mon_prot_cis.pdbx_label_asym_id_2   A 
_struct_mon_prot_cis.pdbx_PDB_ins_code_2    ? 
_struct_mon_prot_cis.pdbx_auth_comp_id_2    PRO 
_struct_mon_prot_cis.pdbx_auth_seq_id_2     204 
_struct_mon_prot_cis.pdbx_auth_asym_id_2    A 
_struct_mon_prot_cis.pdbx_PDB_model_num     1 
_struct_mon_prot_cis.pdbx_omega_angle       -0.10 
# 
_struct_sheet.id               A 
_struct_sheet.type             ? 
_struct_sheet.number_strands   6 
_struct_sheet.details          ? 
# 
loop_
_struct_sheet_order.sheet_id 
_struct_sheet_order.range_id_1 
_struct_sheet_order.range_id_2 
_struct_sheet_order.offset 
_struct_sheet_order.sense 
A 1 2 ? parallel      
A 2 3 ? anti-parallel 
A 3 4 ? anti-parallel 
A 4 5 ? parallel      
A 5 6 ? parallel      
# 
loop_
_struct_sheet_range.sheet_id 
_struct_sheet_range.id 
_struct_sheet_range.beg_label_comp_id 
_struct_sheet_range.beg_label_asym_id 
_struct_sheet_range.beg_label_seq_id 
_struct_sheet_range.pdbx_beg_PDB_ins_code 
_struct_sheet_range.end_label_comp_id 
_struct_sheet_range.end_label_asym_id 
_struct_sheet_range.end_label_seq_id 
_struct_sheet_range.pdbx_end_PDB_ins_code 
_struct_sheet_range.beg_auth_comp_id 
_struct_sheet_range.beg_auth_asym_id 
_struct_sheet_range.beg_auth_seq_id 
_struct_sheet_range.end_auth_comp_id 
_struct_sheet_range.end_auth_asym_id 
_struct_sheet_range.end_auth_seq_id 
A 1 SER A 21  ? SER A 25  ? SER A 52  SER A 56  
A 2 LYS A 77  ? PHE A 81  ? LYS A 108 PHE A 112 
A 3 LEU A 68  ? SER A 74  ? LEU A 99  SER A 105 
A 4 VAL A 47  ? GLU A 53  ? VAL A 78  GLU A 84  
A 5 LYS A 103 ? GLY A 106 ? LYS A 134 GLY A 137 
A 6 PHE A 127 ? GLU A 129 ? PHE A 158 GLU A 160 
# 
loop_
_pdbx_struct_sheet_hbond.sheet_id 
_pdbx_struct_sheet_hbond.range_id_1 
_pdbx_struct_sheet_hbond.range_id_2 
_pdbx_struct_sheet_hbond.range_1_label_atom_id 
_pdbx_struct_sheet_hbond.range_1_label_comp_id 
_pdbx_struct_sheet_hbond.range_1_label_asym_id 
_pdbx_struct_sheet_hbond.range_1_label_seq_id 
_pdbx_struct_sheet_hbond.range_1_PDB_ins_code 
_pdbx_struct_sheet_hbond.range_1_auth_atom_id 
_pdbx_struct_sheet_hbond.range_1_auth_comp_id 
_pdbx_struct_sheet_hbond.range_1_auth_asym_id 
_pdbx_struct_sheet_hbond.range_1_auth_seq_id 
_pdbx_struct_sheet_hbond.range_2_label_atom_id 
_pdbx_struct_sheet_hbond.range_2_label_comp_id 
_pdbx_struct_sheet_hbond.range_2_label_asym_id 
_pdbx_struct_sheet_hbond.range_2_label_seq_id 
_pdbx_struct_sheet_hbond.range_2_PDB_ins_code 
_pdbx_struct_sheet_hbond.range_2_auth_atom_id 
_pdbx_struct_sheet_hbond.range_2_auth_comp_id 
_pdbx_struct_sheet_hbond.range_2_auth_asym_id 
_pdbx_struct_sheet_hbond.range_2_auth_seq_id 
A 1 2 N VAL A 23  ? N VAL A 54  O LEU A 80  ? O LEU A 111 
A 2 3 O TYR A 79  ? O TYR A 110 N LEU A 71  ? N LEU A 102 
A 3 4 O GLN A 70  ? O GLN A 101 N ASP A 51  ? N ASP A 82  
A 4 5 N PHE A 50  ? N PHE A 81  O ALA A 105 ? O ALA A 136 
A 5 6 N LYS A 104 ? N LYS A 135 O VAL A 128 ? O VAL A 159 
# 
loop_
_struct_site.id 
_struct_site.pdbx_evidence_code 
_struct_site.pdbx_auth_asym_id 
_struct_site.pdbx_auth_comp_id 
_struct_site.pdbx_auth_seq_id 
_struct_site.pdbx_auth_ins_code 
_struct_site.pdbx_num_residues 
_struct_site.details 
AC1 Software A EU3 237 ? 6 'BINDING SITE FOR RESIDUE EU3 A 237' 
AC2 Software A EU3 238 ? 5 'BINDING SITE FOR RESIDUE EU3 A 238' 
# 
loop_
_struct_site_gen.id 
_struct_site_gen.site_id 
_struct_site_gen.pdbx_num_res 
_struct_site_gen.label_comp_id 
_struct_site_gen.label_asym_id 
_struct_site_gen.label_seq_id 
_struct_site_gen.pdbx_auth_ins_code 
_struct_site_gen.auth_comp_id 
_struct_site_gen.auth_asym_id 
_struct_site_gen.auth_seq_id 
_struct_site_gen.label_atom_id 
_struct_site_gen.label_alt_id 
_struct_site_gen.symmetry 
_struct_site_gen.details 
1  AC1 6 ASP A 51  ? ASP A 82  . ? 1_555 ? 
2  AC1 6 GLU A 53  ? GLU A 84  . ? 1_555 ? 
3  AC1 6 ASP A 185 ? ASP A 216 . ? 1_555 ? 
4  AC1 6 EU3 C .   ? EU3 A 238 . ? 1_555 ? 
5  AC1 6 HOH D .   ? HOH A 327 . ? 1_555 ? 
6  AC1 6 HOH D .   ? HOH A 346 . ? 1_555 ? 
7  AC2 5 ASP A 51  ? ASP A 82  . ? 1_555 ? 
8  AC2 5 EU3 B .   ? EU3 A 237 . ? 1_555 ? 
9  AC2 5 HOH D .   ? HOH A 327 . ? 1_555 ? 
10 AC2 5 HOH D .   ? HOH A 346 . ? 1_555 ? 
11 AC2 5 HOH D .   ? HOH A 349 . ? 1_555 ? 
# 
_atom_sites.entry_id                    2FBY 
_atom_sites.fract_transf_matrix[1][1]   0.01430270 
_atom_sites.fract_transf_matrix[1][2]   0.00065399 
_atom_sites.fract_transf_matrix[1][3]   -0.00169554 
_atom_sites.fract_transf_matrix[2][1]   0.00678800 
_atom_sites.fract_transf_matrix[2][2]   -0.00997744 
_atom_sites.fract_transf_matrix[2][3]   -0.00789003 
_atom_sites.fract_transf_matrix[3][1]   -0.00131906 
_atom_sites.fract_transf_matrix[3][2]   0.00605481 
_atom_sites.fract_transf_matrix[3][3]   -0.00879152 
_atom_sites.fract_transf_vector[1]      0.174713 
_atom_sites.fract_transf_vector[2]      0.580479 
_atom_sites.fract_transf_vector[3]      0.021313 
# 
loop_
_atom_type.symbol 
C  
EU 
N  
O  
S  
# 
loop_
_atom_site.group_PDB 
_atom_site.id 
_atom_site.type_symbol 
_atom_site.label_atom_id 
_atom_site.label_alt_id 
_atom_site.label_comp_id 
_atom_site.label_asym_id 
_atom_site.label_entity_id 
_atom_site.label_seq_id 
_atom_site.pdbx_PDB_ins_code 
_atom_site.Cartn_x 
_atom_site.Cartn_y 
_atom_site.Cartn_z 
_atom_site.occupancy 
_atom_site.B_iso_or_equiv 
_atom_site.pdbx_formal_charge 
_atom_site.auth_seq_id 
_atom_site.auth_comp_id 
_atom_site.auth_asym_id 
_atom_site.auth_atom_id 
_atom_site.pdbx_PDB_model_num 
ATOM   1    N  N   . HIS A 1 5   ? -21.034 25.142  12.543  1.00 72.37 ? 36  HIS A N   1 
ATOM   2    C  CA  . HIS A 1 5   ? -21.699 23.831  12.797  1.00 71.69 ? 36  HIS A CA  1 
ATOM   3    C  C   . HIS A 1 5   ? -21.392 22.877  11.642  1.00 69.13 ? 36  HIS A C   1 
ATOM   4    O  O   . HIS A 1 5   ? -20.806 23.281  10.635  1.00 69.02 ? 36  HIS A O   1 
ATOM   5    C  CB  . HIS A 1 5   ? -23.213 24.028  12.922  1.00 74.65 ? 36  HIS A CB  1 
ATOM   6    C  CG  . HIS A 1 5   ? -23.878 23.040  13.829  1.00 77.92 ? 36  HIS A CG  1 
ATOM   7    N  ND1 . HIS A 1 5   ? -23.796 21.678  13.638  1.00 79.20 ? 36  HIS A ND1 1 
ATOM   8    C  CD2 . HIS A 1 5   ? -24.631 23.219  14.942  1.00 79.27 ? 36  HIS A CD2 1 
ATOM   9    C  CE1 . HIS A 1 5   ? -24.470 21.060  14.593  1.00 79.99 ? 36  HIS A CE1 1 
ATOM   10   N  NE2 . HIS A 1 5   ? -24.985 21.972  15.396  1.00 80.32 ? 36  HIS A NE2 1 
ATOM   11   N  N   . HIS A 1 6   ? -21.788 21.615  11.788  1.00 64.92 ? 37  HIS A N   1 
ATOM   12   C  CA  . HIS A 1 6   ? -21.540 20.621  10.747  1.00 60.98 ? 37  HIS A CA  1 
ATOM   13   C  C   . HIS A 1 6   ? -22.428 19.387  10.907  1.00 58.44 ? 37  HIS A C   1 
ATOM   14   O  O   . HIS A 1 6   ? -22.864 19.059  12.013  1.00 56.87 ? 37  HIS A O   1 
ATOM   15   C  CB  . HIS A 1 6   ? -20.062 20.217  10.755  1.00 60.02 ? 37  HIS A CB  1 
ATOM   16   C  CG  . HIS A 1 6   ? -19.641 19.484  11.990  1.00 61.24 ? 37  HIS A CG  1 
ATOM   17   N  ND1 . HIS A 1 6   ? -19.837 18.129  12.157  1.00 60.45 ? 37  HIS A ND1 1 
ATOM   18   C  CD2 . HIS A 1 6   ? -19.050 19.922  13.127  1.00 60.21 ? 37  HIS A CD2 1 
ATOM   19   C  CE1 . HIS A 1 6   ? -19.384 17.766  13.343  1.00 60.60 ? 37  HIS A CE1 1 
ATOM   20   N  NE2 . HIS A 1 6   ? -18.903 18.834  13.952  1.00 61.28 ? 37  HIS A NE2 1 
ATOM   21   N  N   . SER A 1 7   ? -22.688 18.708  9.793   1.00 55.67 ? 38  SER A N   1 
ATOM   22   C  CA  . SER A 1 7   ? -23.533 17.519  9.784   1.00 53.64 ? 38  SER A CA  1 
ATOM   23   C  C   . SER A 1 7   ? -22.861 16.305  10.413  1.00 52.13 ? 38  SER A C   1 
ATOM   24   O  O   . SER A 1 7   ? -21.662 16.319  10.701  1.00 51.79 ? 38  SER A O   1 
ATOM   25   C  CB  . SER A 1 7   ? -23.939 17.174  8.346   1.00 53.35 ? 38  SER A CB  1 
ATOM   26   O  OG  . SER A 1 7   ? -22.807 16.806  7.571   1.00 52.32 ? 38  SER A OG  1 
ATOM   27   N  N   . VAL A 1 8   ? -23.650 15.257  10.634  1.00 50.12 ? 39  VAL A N   1 
ATOM   28   C  CA  . VAL A 1 8   ? -23.139 14.017  11.204  1.00 49.81 ? 39  VAL A CA  1 
ATOM   29   C  C   . VAL A 1 8   ? -22.133 13.424  10.214  1.00 49.79 ? 39  VAL A C   1 
ATOM   30   O  O   . VAL A 1 8   ? -21.130 12.833  10.606  1.00 49.54 ? 39  VAL A O   1 
ATOM   31   C  CB  . VAL A 1 8   ? -24.293 13.004  11.451  1.00 48.99 ? 39  VAL A CB  1 
ATOM   32   C  CG1 . VAL A 1 8   ? -23.735 11.619  11.729  1.00 47.03 ? 39  VAL A CG1 1 
ATOM   33   C  CG2 . VAL A 1 8   ? -25.140 13.467  12.630  1.00 47.67 ? 39  VAL A CG2 1 
ATOM   34   N  N   . PHE A 1 9   ? -22.412 13.612  8.928   1.00 49.08 ? 40  PHE A N   1 
ATOM   35   C  CA  . PHE A 1 9   ? -21.554 13.108  7.863   1.00 51.00 ? 40  PHE A CA  1 
ATOM   36   C  C   . PHE A 1 9   ? -20.167 13.749  7.926   1.00 51.35 ? 40  PHE A C   1 
ATOM   37   O  O   . PHE A 1 9   ? -19.183 13.181  7.448   1.00 49.55 ? 40  PHE A O   1 
ATOM   38   C  CB  . PHE A 1 9   ? -22.209 13.386  6.504   1.00 50.96 ? 40  PHE A CB  1 
ATOM   39   C  CG  . PHE A 1 9   ? -21.375 12.965  5.329   1.00 53.75 ? 40  PHE A CG  1 
ATOM   40   C  CD1 . PHE A 1 9   ? -20.462 13.845  4.755   1.00 54.67 ? 40  PHE A CD1 1 
ATOM   41   C  CD2 . PHE A 1 9   ? -21.481 11.677  4.812   1.00 54.96 ? 40  PHE A CD2 1 
ATOM   42   C  CE1 . PHE A 1 9   ? -19.664 13.446  3.682   1.00 57.18 ? 40  PHE A CE1 1 
ATOM   43   C  CE2 . PHE A 1 9   ? -20.688 11.266  3.741   1.00 55.21 ? 40  PHE A CE2 1 
ATOM   44   C  CZ  . PHE A 1 9   ? -19.778 12.151  3.175   1.00 56.45 ? 40  PHE A CZ  1 
ATOM   45   N  N   . GLU A 1 10  ? -20.096 14.930  8.533   1.00 51.68 ? 41  GLU A N   1 
ATOM   46   C  CA  . GLU A 1 10  ? -18.836 15.651  8.657   1.00 52.07 ? 41  GLU A CA  1 
ATOM   47   C  C   . GLU A 1 10  ? -18.116 15.402  9.982   1.00 51.49 ? 41  GLU A C   1 
ATOM   48   O  O   . GLU A 1 10  ? -17.061 15.984  10.241  1.00 52.22 ? 41  GLU A O   1 
ATOM   49   C  CB  . GLU A 1 10  ? -19.085 17.148  8.453   1.00 53.43 ? 41  GLU A CB  1 
ATOM   50   C  CG  . GLU A 1 10  ? -19.364 17.502  7.001   1.00 56.93 ? 41  GLU A CG  1 
ATOM   51   C  CD  . GLU A 1 10  ? -19.995 18.870  6.822   1.00 60.18 ? 41  GLU A CD  1 
ATOM   52   O  OE1 . GLU A 1 10  ? -20.049 19.340  5.666   1.00 62.43 ? 41  GLU A OE1 1 
ATOM   53   O  OE2 . GLU A 1 10  ? -20.450 19.470  7.822   1.00 61.16 ? 41  GLU A OE2 1 
ATOM   54   N  N   . ASP A 1 11  ? -18.684 14.536  10.817  1.00 50.48 ? 42  ASP A N   1 
ATOM   55   C  CA  . ASP A 1 11  ? -18.072 14.207  12.103  1.00 50.92 ? 42  ASP A CA  1 
ATOM   56   C  C   . ASP A 1 11  ? -16.719 13.527  11.897  1.00 52.35 ? 42  ASP A C   1 
ATOM   57   O  O   . ASP A 1 11  ? -16.476 12.905  10.863  1.00 51.46 ? 42  ASP A O   1 
ATOM   58   C  CB  . ASP A 1 11  ? -18.957 13.245  12.899  1.00 49.24 ? 42  ASP A CB  1 
ATOM   59   C  CG  . ASP A 1 11  ? -20.177 13.918  13.503  1.00 48.79 ? 42  ASP A CG  1 
ATOM   60   O  OD1 . ASP A 1 11  ? -20.940 13.212  14.191  1.00 46.61 ? 42  ASP A OD1 1 
ATOM   61   O  OD2 . ASP A 1 11  ? -20.377 15.134  13.297  1.00 47.04 ? 42  ASP A OD2 1 
ATOM   62   N  N   . ASP A 1 12  ? -15.845 13.651  12.891  1.00 53.36 ? 43  ASP A N   1 
ATOM   63   C  CA  . ASP A 1 12  ? -14.540 13.004  12.843  1.00 55.31 ? 43  ASP A CA  1 
ATOM   64   C  C   . ASP A 1 12  ? -14.760 11.556  13.248  1.00 53.26 ? 43  ASP A C   1 
ATOM   65   O  O   . ASP A 1 12  ? -15.288 11.278  14.323  1.00 52.87 ? 43  ASP A O   1 
ATOM   66   C  CB  . ASP A 1 12  ? -13.562 13.671  13.813  1.00 58.62 ? 43  ASP A CB  1 
ATOM   67   C  CG  . ASP A 1 12  ? -12.939 14.923  13.240  1.00 61.63 ? 43  ASP A CG  1 
ATOM   68   O  OD1 . ASP A 1 12  ? -12.241 14.814  12.212  1.00 64.84 ? 43  ASP A OD1 1 
ATOM   69   O  OD2 . ASP A 1 12  ? -13.148 16.011  13.814  1.00 64.59 ? 43  ASP A OD2 1 
ATOM   70   N  N   . LEU A 1 13  ? -14.360 10.636  12.380  1.00 51.48 ? 44  LEU A N   1 
ATOM   71   C  CA  . LEU A 1 13  ? -14.531 9.213   12.635  1.00 49.68 ? 44  LEU A CA  1 
ATOM   72   C  C   . LEU A 1 13  ? -13.305 8.608   13.314  1.00 49.15 ? 44  LEU A C   1 
ATOM   73   O  O   . LEU A 1 13  ? -12.249 9.242   13.396  1.00 48.23 ? 44  LEU A O   1 
ATOM   74   C  CB  . LEU A 1 13  ? -14.796 8.485   11.313  1.00 49.17 ? 44  LEU A CB  1 
ATOM   75   C  CG  . LEU A 1 13  ? -16.039 8.930   10.532  1.00 49.34 ? 44  LEU A CG  1 
ATOM   76   C  CD1 . LEU A 1 13  ? -16.020 8.365   9.116   1.00 47.89 ? 44  LEU A CD1 1 
ATOM   77   C  CD2 . LEU A 1 13  ? -17.274 8.466   11.275  1.00 50.74 ? 44  LEU A CD2 1 
ATOM   78   N  N   . PRO A 1 14  ? -13.440 7.379   13.831  1.00 47.53 ? 45  PRO A N   1 
ATOM   79   C  CA  . PRO A 1 14  ? -12.310 6.721   14.489  1.00 48.35 ? 45  PRO A CA  1 
ATOM   80   C  C   . PRO A 1 14  ? -11.237 6.435   13.436  1.00 47.67 ? 45  PRO A C   1 
ATOM   81   O  O   . PRO A 1 14  ? -11.548 6.232   12.259  1.00 45.87 ? 45  PRO A O   1 
ATOM   82   C  CB  . PRO A 1 14  ? -12.928 5.435   15.036  1.00 48.66 ? 45  PRO A CB  1 
ATOM   83   C  CG  . PRO A 1 14  ? -14.363 5.804   15.242  1.00 48.80 ? 45  PRO A CG  1 
ATOM   84   C  CD  . PRO A 1 14  ? -14.673 6.594   14.004  1.00 47.10 ? 45  PRO A CD  1 
ATOM   85   N  N   . PHE A 1 15  ? -9.978  6.428   13.854  1.00 46.74 ? 46  PHE A N   1 
ATOM   86   C  CA  . PHE A 1 15  ? -8.898  6.165   12.922  1.00 46.87 ? 46  PHE A CA  1 
ATOM   87   C  C   . PHE A 1 15  ? -8.734  4.686   12.622  1.00 45.76 ? 46  PHE A C   1 
ATOM   88   O  O   . PHE A 1 15  ? -8.893  3.833   13.497  1.00 46.72 ? 46  PHE A O   1 
ATOM   89   C  CB  . PHE A 1 15  ? -7.578  6.729   13.457  1.00 45.80 ? 46  PHE A CB  1 
ATOM   90   C  CG  . PHE A 1 15  ? -7.528  8.225   13.463  1.00 47.68 ? 46  PHE A CG  1 
ATOM   91   C  CD1 . PHE A 1 15  ? -7.704  8.938   14.644  1.00 48.38 ? 46  PHE A CD1 1 
ATOM   92   C  CD2 . PHE A 1 15  ? -7.331  8.927   12.279  1.00 46.97 ? 46  PHE A CD2 1 
ATOM   93   C  CE1 . PHE A 1 15  ? -7.686  10.333  14.646  1.00 49.24 ? 46  PHE A CE1 1 
ATOM   94   C  CE2 . PHE A 1 15  ? -7.312  10.321  12.268  1.00 49.86 ? 46  PHE A CE2 1 
ATOM   95   C  CZ  . PHE A 1 15  ? -7.489  11.027  13.457  1.00 49.26 ? 46  PHE A CZ  1 
ATOM   96   N  N   . LEU A 1 16  ? -8.443  4.388   11.361  1.00 45.28 ? 47  LEU A N   1 
ATOM   97   C  CA  . LEU A 1 16  ? -8.218  3.014   10.944  1.00 43.16 ? 47  LEU A CA  1 
ATOM   98   C  C   . LEU A 1 16  ? -6.801  2.701   11.399  1.00 41.34 ? 47  LEU A C   1 
ATOM   99   O  O   . LEU A 1 16  ? -5.874  3.451   11.095  1.00 41.34 ? 47  LEU A O   1 
ATOM   100  C  CB  . LEU A 1 16  ? -8.311  2.898   9.421   1.00 43.47 ? 47  LEU A CB  1 
ATOM   101  C  CG  . LEU A 1 16  ? -8.043  1.506   8.852   1.00 42.97 ? 47  LEU A CG  1 
ATOM   102  C  CD1 . LEU A 1 16  ? -9.134  0.550   9.322   1.00 42.07 ? 47  LEU A CD1 1 
ATOM   103  C  CD2 . LEU A 1 16  ? -7.997  1.570   7.332   1.00 41.95 ? 47  LEU A CD2 1 
ATOM   104  N  N   . GLU A 1 17  ? -6.636  1.616   12.144  1.00 42.80 ? 48  GLU A N   1 
ATOM   105  C  CA  . GLU A 1 17  ? -5.318  1.224   12.634  1.00 42.65 ? 48  GLU A CA  1 
ATOM   106  C  C   . GLU A 1 17  ? -5.111  -0.281  12.549  1.00 41.64 ? 48  GLU A C   1 
ATOM   107  O  O   . GLU A 1 17  ? -5.787  -1.049  13.231  1.00 42.67 ? 48  GLU A O   1 
ATOM   108  C  CB  . GLU A 1 17  ? -5.120  1.695   14.084  1.00 44.75 ? 48  GLU A CB  1 
ATOM   109  C  CG  . GLU A 1 17  ? -4.842  3.190   14.212  1.00 47.85 ? 48  GLU A CG  1 
ATOM   110  C  CD  . GLU A 1 17  ? -4.704  3.657   15.654  1.00 50.43 ? 48  GLU A CD  1 
ATOM   111  O  OE1 . GLU A 1 17  ? -4.021  2.976   16.449  1.00 52.47 ? 48  GLU A OE1 1 
ATOM   112  O  OE2 . GLU A 1 17  ? -5.270  4.717   15.991  1.00 53.00 ? 48  GLU A OE2 1 
ATOM   113  N  N   . PHE A 1 18  ? -4.175  -0.698  11.701  1.00 39.03 ? 49  PHE A N   1 
ATOM   114  C  CA  . PHE A 1 18  ? -3.874  -2.114  11.538  1.00 38.47 ? 49  PHE A CA  1 
ATOM   115  C  C   . PHE A 1 18  ? -3.280  -2.640  12.833  1.00 38.07 ? 49  PHE A C   1 
ATOM   116  O  O   . PHE A 1 18  ? -2.338  -2.057  13.368  1.00 38.48 ? 49  PHE A O   1 
ATOM   117  C  CB  . PHE A 1 18  ? -2.883  -2.318  10.388  1.00 36.96 ? 49  PHE A CB  1 
ATOM   118  C  CG  . PHE A 1 18  ? -2.506  -3.752  10.159  1.00 38.02 ? 49  PHE A CG  1 
ATOM   119  C  CD1 . PHE A 1 18  ? -1.196  -4.183  10.368  1.00 37.19 ? 49  PHE A CD1 1 
ATOM   120  C  CD2 . PHE A 1 18  ? -3.450  -4.670  9.705   1.00 36.89 ? 49  PHE A CD2 1 
ATOM   121  C  CE1 . PHE A 1 18  ? -0.834  -5.504  10.122  1.00 35.78 ? 49  PHE A CE1 1 
ATOM   122  C  CE2 . PHE A 1 18  ? -3.098  -5.997  9.455   1.00 36.31 ? 49  PHE A CE2 1 
ATOM   123  C  CZ  . PHE A 1 18  ? -1.786  -6.416  9.663   1.00 37.38 ? 49  PHE A CZ  1 
ATOM   124  N  N   . THR A 1 19  ? -3.828  -3.743  13.332  1.00 36.68 ? 50  THR A N   1 
ATOM   125  C  CA  . THR A 1 19  ? -3.360  -4.330  14.581  1.00 37.59 ? 50  THR A CA  1 
ATOM   126  C  C   . THR A 1 19  ? -2.807  -5.732  14.393  1.00 36.13 ? 50  THR A C   1 
ATOM   127  O  O   . THR A 1 19  ? -2.570  -6.445  15.365  1.00 39.07 ? 50  THR A O   1 
ATOM   128  C  CB  . THR A 1 19  ? -4.497  -4.415  15.628  1.00 39.63 ? 50  THR A CB  1 
ATOM   129  O  OG1 . THR A 1 19  ? -5.554  -5.240  15.119  1.00 41.28 ? 50  THR A OG1 1 
ATOM   130  C  CG2 . THR A 1 19  ? -5.040  -3.033  15.943  1.00 39.17 ? 50  THR A CG2 1 
ATOM   131  N  N   . GLY A 1 20  ? -2.616  -6.138  13.145  1.00 36.63 ? 51  GLY A N   1 
ATOM   132  C  CA  . GLY A 1 20  ? -2.070  -7.459  12.895  1.00 34.56 ? 51  GLY A CA  1 
ATOM   133  C  C   . GLY A 1 20  ? -0.551  -7.431  12.926  1.00 36.05 ? 51  GLY A C   1 
ATOM   134  O  O   . GLY A 1 20  ? 0.061   -6.497  13.452  1.00 35.44 ? 51  GLY A O   1 
ATOM   135  N  N   . SER A 1 21  ? 0.063   -8.456  12.351  1.00 35.77 ? 52  SER A N   1 
ATOM   136  C  CA  . SER A 1 21  ? 1.518   -8.561  12.307  1.00 35.34 ? 52  SER A CA  1 
ATOM   137  C  C   . SER A 1 21  ? 2.140   -7.682  11.221  1.00 33.74 ? 52  SER A C   1 
ATOM   138  O  O   . SER A 1 21  ? 1.803   -7.805  10.048  1.00 32.95 ? 52  SER A O   1 
ATOM   139  C  CB  . SER A 1 21  ? 1.918   -10.020 12.067  1.00 37.49 ? 52  SER A CB  1 
ATOM   140  O  OG  . SER A 1 21  ? 3.312   -10.141 11.833  1.00 41.64 ? 52  SER A OG  1 
ATOM   141  N  N   . ILE A 1 22  ? 3.041   -6.791  11.624  1.00 33.21 ? 53  ILE A N   1 
ATOM   142  C  CA  . ILE A 1 22  ? 3.732   -5.916  10.684  1.00 33.21 ? 53  ILE A CA  1 
ATOM   143  C  C   . ILE A 1 22  ? 5.171   -6.424  10.568  1.00 34.50 ? 53  ILE A C   1 
ATOM   144  O  O   . ILE A 1 22  ? 5.956   -6.287  11.504  1.00 33.06 ? 53  ILE A O   1 
ATOM   145  C  CB  . ILE A 1 22  ? 3.768   -4.458  11.179  1.00 34.16 ? 53  ILE A CB  1 
ATOM   146  C  CG1 . ILE A 1 22  ? 2.349   -3.886  11.245  1.00 30.52 ? 53  ILE A CG1 1 
ATOM   147  C  CG2 . ILE A 1 22  ? 4.625   -3.605  10.242  1.00 32.31 ? 53  ILE A CG2 1 
ATOM   148  C  CD1 . ILE A 1 22  ? 2.283   -2.504  11.869  1.00 29.84 ? 53  ILE A CD1 1 
ATOM   149  N  N   . VAL A 1 23  ? 5.493   -7.023  9.426   1.00 34.81 ? 54  VAL A N   1 
ATOM   150  C  CA  . VAL A 1 23  ? 6.823   -7.571  9.164   1.00 32.46 ? 54  VAL A CA  1 
ATOM   151  C  C   . VAL A 1 23  ? 7.706   -6.502  8.525   1.00 33.59 ? 54  VAL A C   1 
ATOM   152  O  O   . VAL A 1 23  ? 7.466   -6.074  7.395   1.00 31.82 ? 54  VAL A O   1 
ATOM   153  C  CB  . VAL A 1 23  ? 6.732   -8.783  8.214   1.00 33.99 ? 54  VAL A CB  1 
ATOM   154  C  CG1 . VAL A 1 23  ? 8.117   -9.402  8.010   1.00 30.21 ? 54  VAL A CG1 1 
ATOM   155  C  CG2 . VAL A 1 23  ? 5.755   -9.816  8.790   1.00 31.37 ? 54  VAL A CG2 1 
ATOM   156  N  N   . TYR A 1 24  ? 8.726   -6.065  9.257   1.00 31.83 ? 55  TYR A N   1 
ATOM   157  C  CA  . TYR A 1 24  ? 9.637   -5.033  8.764   1.00 32.29 ? 55  TYR A CA  1 
ATOM   158  C  C   . TYR A 1 24  ? 10.917  -5.684  8.238   1.00 32.46 ? 55  TYR A C   1 
ATOM   159  O  O   . TYR A 1 24  ? 11.590  -6.415  8.961   1.00 33.36 ? 55  TYR A O   1 
ATOM   160  C  CB  . TYR A 1 24  ? 9.958   -4.065  9.899   1.00 30.90 ? 55  TYR A CB  1 
ATOM   161  C  CG  . TYR A 1 24  ? 10.897  -2.932  9.539   1.00 31.45 ? 55  TYR A CG  1 
ATOM   162  C  CD1 . TYR A 1 24  ? 10.677  -2.141  8.411   1.00 32.73 ? 55  TYR A CD1 1 
ATOM   163  C  CD2 . TYR A 1 24  ? 11.956  -2.595  10.382  1.00 32.39 ? 55  TYR A CD2 1 
ATOM   164  C  CE1 . TYR A 1 24  ? 11.487  -1.031  8.136   1.00 31.70 ? 55  TYR A CE1 1 
ATOM   165  C  CE2 . TYR A 1 24  ? 12.767  -1.494  10.117  1.00 33.39 ? 55  TYR A CE2 1 
ATOM   166  C  CZ  . TYR A 1 24  ? 12.525  -0.716  8.999   1.00 32.29 ? 55  TYR A CZ  1 
ATOM   167  O  OH  . TYR A 1 24  ? 13.298  0.404   8.776   1.00 37.15 ? 55  TYR A OH  1 
ATOM   168  N  N   . SER A 1 25  ? 11.236  -5.418  6.975   1.00 32.88 ? 56  SER A N   1 
ATOM   169  C  CA  . SER A 1 25  ? 12.417  -5.983  6.332   1.00 33.25 ? 56  SER A CA  1 
ATOM   170  C  C   . SER A 1 25  ? 13.241  -4.879  5.675   1.00 35.28 ? 56  SER A C   1 
ATOM   171  O  O   . SER A 1 25  ? 12.705  -4.033  4.954   1.00 33.88 ? 56  SER A O   1 
ATOM   172  C  CB  . SER A 1 25  ? 11.996  -7.024  5.286   1.00 33.15 ? 56  SER A CB  1 
ATOM   173  O  OG  . SER A 1 25  ? 13.103  -7.473  4.518   1.00 34.50 ? 56  SER A OG  1 
ATOM   174  N  N   . TYR A 1 26  ? 14.545  -4.888  5.930   1.00 36.26 ? 57  TYR A N   1 
ATOM   175  C  CA  . TYR A 1 26  ? 15.422  -3.867  5.370   1.00 36.43 ? 57  TYR A CA  1 
ATOM   176  C  C   . TYR A 1 26  ? 16.679  -4.447  4.723   1.00 37.80 ? 57  TYR A C   1 
ATOM   177  O  O   . TYR A 1 26  ? 17.656  -3.735  4.507   1.00 36.02 ? 57  TYR A O   1 
ATOM   178  C  CB  . TYR A 1 26  ? 15.794  -2.858  6.462   1.00 35.85 ? 57  TYR A CB  1 
ATOM   179  C  CG  . TYR A 1 26  ? 16.374  -3.484  7.709   1.00 38.11 ? 57  TYR A CG  1 
ATOM   180  C  CD1 . TYR A 1 26  ? 17.707  -3.891  7.755   1.00 40.51 ? 57  TYR A CD1 1 
ATOM   181  C  CD2 . TYR A 1 26  ? 15.587  -3.675  8.848   1.00 39.90 ? 57  TYR A CD2 1 
ATOM   182  C  CE1 . TYR A 1 26  ? 18.246  -4.471  8.903   1.00 41.99 ? 57  TYR A CE1 1 
ATOM   183  C  CE2 . TYR A 1 26  ? 16.115  -4.254  10.005  1.00 40.12 ? 57  TYR A CE2 1 
ATOM   184  C  CZ  . TYR A 1 26  ? 17.443  -4.648  10.022  1.00 42.76 ? 57  TYR A CZ  1 
ATOM   185  O  OH  . TYR A 1 26  ? 17.972  -5.218  11.154  1.00 46.58 ? 57  TYR A OH  1 
ATOM   186  N  N   . ASP A 1 27  ? 16.642  -5.739  4.415   1.00 39.66 ? 58  ASP A N   1 
ATOM   187  C  CA  . ASP A 1 27  ? 17.764  -6.416  3.768   1.00 40.94 ? 58  ASP A CA  1 
ATOM   188  C  C   . ASP A 1 27  ? 17.216  -7.124  2.541   1.00 40.59 ? 58  ASP A C   1 
ATOM   189  O  O   . ASP A 1 27  ? 16.161  -7.768  2.604   1.00 36.65 ? 58  ASP A O   1 
ATOM   190  C  CB  . ASP A 1 27  ? 18.412  -7.428  4.715   1.00 45.68 ? 58  ASP A CB  1 
ATOM   191  C  CG  . ASP A 1 27  ? 19.065  -6.768  5.916   1.00 52.97 ? 58  ASP A CG  1 
ATOM   192  O  OD1 . ASP A 1 27  ? 19.938  -5.896  5.715   1.00 55.72 ? 58  ASP A OD1 1 
ATOM   193  O  OD2 . ASP A 1 27  ? 18.707  -7.124  7.061   1.00 56.55 ? 58  ASP A OD2 1 
ATOM   194  N  N   . ALA A 1 28  ? 17.941  -7.010  1.431   1.00 39.49 ? 59  ALA A N   1 
ATOM   195  C  CA  . ALA A 1 28  ? 17.525  -7.596  0.161   1.00 39.67 ? 59  ALA A CA  1 
ATOM   196  C  C   . ALA A 1 28  ? 17.168  -9.080  0.149   1.00 38.78 ? 59  ALA A C   1 
ATOM   197  O  O   . ALA A 1 28  ? 16.071  -9.441  -0.280  1.00 37.67 ? 59  ALA A O   1 
ATOM   198  C  CB  . ALA A 1 28  ? 18.583  -7.317  -0.905  1.00 40.22 ? 59  ALA A CB  1 
ATOM   199  N  N   . SER A 1 29  ? 18.076  -9.944  0.600   1.00 38.29 ? 60  SER A N   1 
ATOM   200  C  CA  . SER A 1 29  ? 17.792  -11.380 0.572   1.00 37.78 ? 60  SER A CA  1 
ATOM   201  C  C   . SER A 1 29  ? 16.636  -11.765 1.483   1.00 35.75 ? 60  SER A C   1 
ATOM   202  O  O   . SER A 1 29  ? 15.819  -12.611 1.126   1.00 34.59 ? 60  SER A O   1 
ATOM   203  C  CB  . SER A 1 29  ? 19.026  -12.201 0.938   1.00 38.40 ? 60  SER A CB  1 
ATOM   204  O  OG  . SER A 1 29  ? 18.768  -13.581 0.704   1.00 37.34 ? 60  SER A OG  1 
ATOM   205  N  N   . ASP A 1 30  ? 16.584  -11.154 2.663   1.00 35.77 ? 61  ASP A N   1 
ATOM   206  C  CA  . ASP A 1 30  ? 15.493  -11.396 3.604   1.00 34.00 ? 61  ASP A CA  1 
ATOM   207  C  C   . ASP A 1 30  ? 14.220  -11.091 2.819   1.00 33.09 ? 61  ASP A C   1 
ATOM   208  O  O   . ASP A 1 30  ? 13.318  -11.920 2.731   1.00 33.59 ? 61  ASP A O   1 
ATOM   209  C  CB  . ASP A 1 30  ? 15.622  -10.442 4.799   1.00 35.50 ? 61  ASP A CB  1 
ATOM   210  C  CG  . ASP A 1 30  ? 14.413  -10.484 5.741   1.00 35.42 ? 61  ASP A CG  1 
ATOM   211  O  OD1 . ASP A 1 30  ? 14.063  -9.411  6.284   1.00 34.70 ? 61  ASP A OD1 1 
ATOM   212  O  OD2 . ASP A 1 30  ? 13.830  -11.570 5.959   1.00 30.56 ? 61  ASP A OD2 1 
ATOM   213  N  N   . CYS A 1 31  ? 14.171  -9.900  2.224   1.00 34.08 ? 62  CYS A N   1 
ATOM   214  C  CA  . CYS A 1 31  ? 13.013  -9.471  1.441   1.00 34.55 ? 62  CYS A CA  1 
ATOM   215  C  C   . CYS A 1 31  ? 12.625  -10.480 0.367   1.00 34.39 ? 62  CYS A C   1 
ATOM   216  O  O   . CYS A 1 31  ? 11.459  -10.844 0.241   1.00 34.16 ? 62  CYS A O   1 
ATOM   217  C  CB  . CYS A 1 31  ? 13.284  -8.122  0.776   1.00 34.48 ? 62  CYS A CB  1 
ATOM   218  S  SG  . CYS A 1 31  ? 11.874  -7.479  -0.178  1.00 38.17 ? 62  CYS A SG  1 
ATOM   219  N  N   . SER A 1 32  ? 13.602  -10.933 -0.410  1.00 32.81 ? 63  SER A N   1 
ATOM   220  C  CA  . SER A 1 32  ? 13.320  -11.897 -1.467  1.00 33.42 ? 63  SER A CA  1 
ATOM   221  C  C   . SER A 1 32  ? 12.718  -13.185 -0.939  1.00 33.38 ? 63  SER A C   1 
ATOM   222  O  O   . SER A 1 32  ? 11.801  -13.735 -1.548  1.00 35.26 ? 63  SER A O   1 
ATOM   223  C  CB  . SER A 1 32  ? 14.592  -12.208 -2.266  1.00 34.17 ? 63  SER A CB  1 
ATOM   224  O  OG  . SER A 1 32  ? 14.919  -11.122 -3.115  1.00 35.20 ? 63  SER A OG  1 
ATOM   225  N  N   . PHE A 1 33  ? 13.236  -13.674 0.184   1.00 33.77 ? 64  PHE A N   1 
ATOM   226  C  CA  . PHE A 1 33  ? 12.713  -14.901 0.772   1.00 33.53 ? 64  PHE A CA  1 
ATOM   227  C  C   . PHE A 1 33  ? 11.308  -14.663 1.329   1.00 33.12 ? 64  PHE A C   1 
ATOM   228  O  O   . PHE A 1 33  ? 10.429  -15.519 1.223   1.00 31.96 ? 64  PHE A O   1 
ATOM   229  C  CB  . PHE A 1 33  ? 13.669  -15.411 1.857   1.00 32.29 ? 64  PHE A CB  1 
ATOM   230  C  CG  . PHE A 1 33  ? 14.794  -16.263 1.311   1.00 33.94 ? 64  PHE A CG  1 
ATOM   231  C  CD1 . PHE A 1 33  ? 14.523  -17.515 0.757   1.00 33.60 ? 64  PHE A CD1 1 
ATOM   232  C  CD2 . PHE A 1 33  ? 16.106  -15.795 1.305   1.00 31.26 ? 64  PHE A CD2 1 
ATOM   233  C  CE1 . PHE A 1 33  ? 15.545  -18.290 0.200   1.00 34.77 ? 64  PHE A CE1 1 
ATOM   234  C  CE2 . PHE A 1 33  ? 17.137  -16.558 0.753   1.00 33.54 ? 64  PHE A CE2 1 
ATOM   235  C  CZ  . PHE A 1 33  ? 16.857  -17.808 0.196   1.00 34.25 ? 64  PHE A CZ  1 
ATOM   236  N  N   . LEU A 1 34  ? 11.106  -13.489 1.911   1.00 30.91 ? 65  LEU A N   1 
ATOM   237  C  CA  . LEU A 1 34  ? 9.803   -13.109 2.450   1.00 33.03 ? 65  LEU A CA  1 
ATOM   238  C  C   . LEU A 1 34  ? 8.799   -13.085 1.295   1.00 34.72 ? 65  LEU A C   1 
ATOM   239  O  O   . LEU A 1 34  ? 7.654   -13.515 1.442   1.00 33.86 ? 65  LEU A O   1 
ATOM   240  C  CB  . LEU A 1 34  ? 9.896   -11.718 3.090   1.00 32.30 ? 65  LEU A CB  1 
ATOM   241  C  CG  . LEU A 1 34  ? 9.825   -11.542 4.610   1.00 37.33 ? 65  LEU A CG  1 
ATOM   242  C  CD1 . LEU A 1 34  ? 10.276  -12.786 5.341   1.00 37.35 ? 65  LEU A CD1 1 
ATOM   243  C  CD2 . LEU A 1 34  ? 10.660  -10.317 5.007   1.00 33.83 ? 65  LEU A CD2 1 
ATOM   244  N  N   . SER A 1 35  ? 9.232   -12.580 0.139   1.00 34.93 ? 66  SER A N   1 
ATOM   245  C  CA  . SER A 1 35  ? 8.353   -12.521 -1.021  1.00 36.22 ? 66  SER A CA  1 
ATOM   246  C  C   . SER A 1 35  ? 7.955   -13.927 -1.439  1.00 37.01 ? 66  SER A C   1 
ATOM   247  O  O   . SER A 1 35  ? 6.863   -14.136 -1.973  1.00 34.88 ? 66  SER A O   1 
ATOM   248  C  CB  . SER A 1 35  ? 9.030   -11.796 -2.185  1.00 36.22 ? 66  SER A CB  1 
ATOM   249  O  OG  . SER A 1 35  ? 9.226   -10.427 -1.870  1.00 37.33 ? 66  SER A OG  1 
ATOM   250  N  N   . GLU A 1 36  ? 8.834   -14.895 -1.201  1.00 37.81 ? 67  GLU A N   1 
ATOM   251  C  CA  . GLU A 1 36  ? 8.507   -16.274 -1.539  1.00 39.45 ? 67  GLU A CA  1 
ATOM   252  C  C   . GLU A 1 36  ? 7.524   -16.837 -0.514  1.00 40.27 ? 67  GLU A C   1 
ATOM   253  O  O   . GLU A 1 36  ? 6.674   -17.661 -0.860  1.00 40.32 ? 67  GLU A O   1 
ATOM   254  C  CB  . GLU A 1 36  ? 9.772   -17.141 -1.620  1.00 42.48 ? 67  GLU A CB  1 
ATOM   255  C  CG  . GLU A 1 36  ? 10.587  -16.862 -2.874  1.00 44.38 ? 67  GLU A CG  1 
ATOM   256  C  CD  . GLU A 1 36  ? 11.636  -17.923 -3.176  1.00 47.98 ? 67  GLU A CD  1 
ATOM   257  O  OE1 . GLU A 1 36  ? 12.285  -17.811 -4.237  1.00 49.74 ? 67  GLU A OE1 1 
ATOM   258  O  OE2 . GLU A 1 36  ? 11.814  -18.864 -2.369  1.00 46.75 ? 67  GLU A OE2 1 
ATOM   259  N  N   . ASP A 1 37  ? 7.625   -16.403 0.743   1.00 40.26 ? 68  ASP A N   1 
ATOM   260  C  CA  . ASP A 1 37  ? 6.674   -16.874 1.751   1.00 41.54 ? 68  ASP A CA  1 
ATOM   261  C  C   . ASP A 1 37  ? 5.299   -16.392 1.298   1.00 40.61 ? 68  ASP A C   1 
ATOM   262  O  O   . ASP A 1 37  ? 4.322   -17.139 1.314   1.00 42.71 ? 68  ASP A O   1 
ATOM   263  C  CB  . ASP A 1 37  ? 6.954   -16.284 3.137   1.00 41.02 ? 68  ASP A CB  1 
ATOM   264  C  CG  . ASP A 1 37  ? 8.288   -16.721 3.709   1.00 43.16 ? 68  ASP A CG  1 
ATOM   265  O  OD1 . ASP A 1 37  ? 8.860   -17.722 3.219   1.00 41.88 ? 68  ASP A OD1 1 
ATOM   266  O  OD2 . ASP A 1 37  ? 8.751   -16.059 4.664   1.00 38.65 ? 68  ASP A OD2 1 
ATOM   267  N  N   . ILE A 1 38  ? 5.237   -15.129 0.891   1.00 39.53 ? 69  ILE A N   1 
ATOM   268  C  CA  . ILE A 1 38  ? 3.988   -14.541 0.426   1.00 38.38 ? 69  ILE A CA  1 
ATOM   269  C  C   . ILE A 1 38  ? 3.419   -15.398 -0.703  1.00 39.96 ? 69  ILE A C   1 
ATOM   270  O  O   . ILE A 1 38  ? 2.251   -15.781 -0.673  1.00 38.89 ? 69  ILE A O   1 
ATOM   271  C  CB  . ILE A 1 38  ? 4.214   -13.096 -0.078  1.00 38.12 ? 69  ILE A CB  1 
ATOM   272  C  CG1 . ILE A 1 38  ? 4.599   -12.199 1.103   1.00 35.73 ? 69  ILE A CG1 1 
ATOM   273  C  CG2 . ILE A 1 38  ? 2.964   -12.567 -0.779  1.00 36.60 ? 69  ILE A CG2 1 
ATOM   274  C  CD1 . ILE A 1 38  ? 4.858   -10.764 0.716   1.00 34.82 ? 69  ILE A CD1 1 
ATOM   275  N  N   . SER A 1 39  ? 4.254   -15.716 -1.686  1.00 41.34 ? 70  SER A N   1 
ATOM   276  C  CA  . SER A 1 39  ? 3.824   -16.531 -2.822  1.00 45.07 ? 70  SER A CA  1 
ATOM   277  C  C   . SER A 1 39  ? 3.322   -17.923 -2.437  1.00 45.30 ? 70  SER A C   1 
ATOM   278  O  O   . SER A 1 39  ? 2.467   -18.486 -3.123  1.00 45.83 ? 70  SER A O   1 
ATOM   279  C  CB  . SER A 1 39  ? 4.960   -16.672 -3.835  1.00 44.85 ? 70  SER A CB  1 
ATOM   280  O  OG  . SER A 1 39  ? 5.181   -15.448 -4.515  1.00 51.08 ? 70  SER A OG  1 
ATOM   281  N  N   . MET A 1 40  ? 3.853   -18.478 -1.354  1.00 46.68 ? 71  MET A N   1 
ATOM   282  C  CA  . MET A 1 40  ? 3.434   -19.806 -0.910  1.00 48.91 ? 71  MET A CA  1 
ATOM   283  C  C   . MET A 1 40  ? 2.083   -19.759 -0.212  1.00 48.85 ? 71  MET A C   1 
ATOM   284  O  O   . MET A 1 40  ? 1.369   -20.758 -0.155  1.00 47.72 ? 71  MET A O   1 
ATOM   285  C  CB  . MET A 1 40  ? 4.466   -20.412 0.047   1.00 50.79 ? 71  MET A CB  1 
ATOM   286  C  CG  . MET A 1 40  ? 5.830   -20.691 -0.570  1.00 52.56 ? 71  MET A CG  1 
ATOM   287  S  SD  . MET A 1 40  ? 6.902   -21.590 0.577   1.00 56.13 ? 71  MET A SD  1 
ATOM   288  C  CE  . MET A 1 40  ? 7.634   -20.235 1.514   1.00 56.96 ? 71  MET A CE  1 
ATOM   289  N  N   . SER A 1 41  ? 1.733   -18.595 0.319   1.00 48.81 ? 72  SER A N   1 
ATOM   290  C  CA  . SER A 1 41  ? 0.469   -18.441 1.024   1.00 50.11 ? 72  SER A CA  1 
ATOM   291  C  C   . SER A 1 41  ? -0.681  -18.041 0.108   1.00 49.65 ? 72  SER A C   1 
ATOM   292  O  O   . SER A 1 41  ? -1.838  -18.100 0.510   1.00 51.49 ? 72  SER A O   1 
ATOM   293  C  CB  . SER A 1 41  ? 0.616   -17.397 2.134   1.00 51.11 ? 72  SER A CB  1 
ATOM   294  O  OG  . SER A 1 41  ? 0.871   -16.115 1.591   1.00 53.91 ? 72  SER A OG  1 
ATOM   295  N  N   . LEU A 1 42  ? -0.366  -17.643 -1.121  1.00 49.01 ? 73  LEU A N   1 
ATOM   296  C  CA  . LEU A 1 42  ? -1.394  -17.217 -2.064  1.00 48.48 ? 73  LEU A CA  1 
ATOM   297  C  C   . LEU A 1 42  ? -1.643  -18.188 -3.211  1.00 48.78 ? 73  LEU A C   1 
ATOM   298  O  O   . LEU A 1 42  ? -0.869  -19.110 -3.451  1.00 50.47 ? 73  LEU A O   1 
ATOM   299  C  CB  . LEU A 1 42  ? -1.023  -15.858 -2.664  1.00 46.84 ? 73  LEU A CB  1 
ATOM   300  C  CG  . LEU A 1 42  ? -0.743  -14.697 -1.710  1.00 48.78 ? 73  LEU A CG  1 
ATOM   301  C  CD1 . LEU A 1 42  ? -0.334  -13.476 -2.527  1.00 47.98 ? 73  LEU A CD1 1 
ATOM   302  C  CD2 . LEU A 1 42  ? -1.975  -14.392 -0.871  1.00 47.33 ? 73  LEU A CD2 1 
ATOM   303  N  N   . SER A 1 43  ? -2.743  -17.956 -3.916  1.00 48.81 ? 74  SER A N   1 
ATOM   304  C  CA  . SER A 1 43  ? -3.120  -18.750 -5.076  1.00 48.74 ? 74  SER A CA  1 
ATOM   305  C  C   . SER A 1 43  ? -3.368  -17.753 -6.199  1.00 47.64 ? 74  SER A C   1 
ATOM   306  O  O   . SER A 1 43  ? -3.634  -16.577 -5.940  1.00 45.31 ? 74  SER A O   1 
ATOM   307  C  CB  . SER A 1 43  ? -4.391  -19.555 -4.796  1.00 49.65 ? 74  SER A CB  1 
ATOM   308  O  OG  . SER A 1 43  ? -4.149  -20.541 -3.810  1.00 52.67 ? 74  SER A OG  1 
ATOM   309  N  N   . ASP A 1 44  ? -3.275  -18.213 -7.442  1.00 46.49 ? 75  ASP A N   1 
ATOM   310  C  CA  . ASP A 1 44  ? -3.485  -17.331 -8.575  1.00 46.57 ? 75  ASP A CA  1 
ATOM   311  C  C   . ASP A 1 44  ? -4.775  -16.540 -8.415  1.00 47.02 ? 75  ASP A C   1 
ATOM   312  O  O   . ASP A 1 44  ? -5.798  -17.084 -8.005  1.00 47.56 ? 75  ASP A O   1 
ATOM   313  C  CB  . ASP A 1 44  ? -3.515  -18.138 -9.876  1.00 47.04 ? 75  ASP A CB  1 
ATOM   314  C  CG  . ASP A 1 44  ? -2.132  -18.610 -10.297 1.00 49.46 ? 75  ASP A CG  1 
ATOM   315  O  OD1 . ASP A 1 44  ? -2.012  -19.284 -11.344 1.00 48.30 ? 75  ASP A OD1 1 
ATOM   316  O  OD2 . ASP A 1 44  ? -1.161  -18.298 -9.573  1.00 49.12 ? 75  ASP A OD2 1 
ATOM   317  N  N   . GLY A 1 45  ? -4.716  -15.248 -8.718  1.00 46.05 ? 76  GLY A N   1 
ATOM   318  C  CA  . GLY A 1 45  ? -5.903  -14.423 -8.606  1.00 45.40 ? 76  GLY A CA  1 
ATOM   319  C  C   . GLY A 1 45  ? -6.060  -13.693 -7.286  1.00 44.19 ? 76  GLY A C   1 
ATOM   320  O  O   . GLY A 1 45  ? -6.766  -12.685 -7.224  1.00 44.88 ? 76  GLY A O   1 
ATOM   321  N  N   . ASP A 1 46  ? -5.422  -14.187 -6.230  1.00 42.50 ? 77  ASP A N   1 
ATOM   322  C  CA  . ASP A 1 46  ? -5.522  -13.529 -4.932  1.00 43.21 ? 77  ASP A CA  1 
ATOM   323  C  C   . ASP A 1 46  ? -5.059  -12.079 -5.022  1.00 42.88 ? 77  ASP A C   1 
ATOM   324  O  O   . ASP A 1 46  ? -4.223  -11.729 -5.860  1.00 42.42 ? 77  ASP A O   1 
ATOM   325  C  CB  . ASP A 1 46  ? -4.712  -14.283 -3.880  1.00 43.49 ? 77  ASP A CB  1 
ATOM   326  C  CG  . ASP A 1 46  ? -5.351  -15.602 -3.497  1.00 44.59 ? 77  ASP A CG  1 
ATOM   327  O  OD1 . ASP A 1 46  ? -6.423  -15.922 -4.054  1.00 47.55 ? 77  ASP A OD1 1 
ATOM   328  O  OD2 . ASP A 1 46  ? -4.791  -16.319 -2.643  1.00 45.17 ? 77  ASP A OD2 1 
ATOM   329  N  N   . VAL A 1 47  ? -5.609  -11.237 -4.153  1.00 43.88 ? 78  VAL A N   1 
ATOM   330  C  CA  . VAL A 1 47  ? -5.282  -9.817  -4.151  1.00 42.83 ? 78  VAL A CA  1 
ATOM   331  C  C   . VAL A 1 47  ? -4.645  -9.348  -2.845  1.00 42.63 ? 78  VAL A C   1 
ATOM   332  O  O   . VAL A 1 47  ? -5.091  -9.708  -1.757  1.00 43.19 ? 78  VAL A O   1 
ATOM   333  C  CB  . VAL A 1 47  ? -6.552  -8.975  -4.405  1.00 43.78 ? 78  VAL A CB  1 
ATOM   334  C  CG1 . VAL A 1 47  ? -6.183  -7.515  -4.602  1.00 44.07 ? 78  VAL A CG1 1 
ATOM   335  C  CG2 . VAL A 1 47  ? -7.297  -9.513  -5.622  1.00 44.57 ? 78  VAL A CG2 1 
ATOM   336  N  N   . VAL A 1 48  ? -3.596  -8.542  -2.964  1.00 39.79 ? 79  VAL A N   1 
ATOM   337  C  CA  . VAL A 1 48  ? -2.915  -8.005  -1.796  1.00 36.27 ? 79  VAL A CA  1 
ATOM   338  C  C   . VAL A 1 48  ? -3.093  -6.499  -1.848  1.00 34.27 ? 79  VAL A C   1 
ATOM   339  O  O   . VAL A 1 48  ? -3.253  -5.928  -2.928  1.00 34.75 ? 79  VAL A O   1 
ATOM   340  C  CB  . VAL A 1 48  ? -1.388  -8.337  -1.803  1.00 35.04 ? 79  VAL A CB  1 
ATOM   341  C  CG1 . VAL A 1 48  ? -1.182  -9.839  -1.893  1.00 35.50 ? 79  VAL A CG1 1 
ATOM   342  C  CG2 . VAL A 1 48  ? -0.694  -7.621  -2.960  1.00 35.61 ? 79  VAL A CG2 1 
ATOM   343  N  N   . GLY A 1 49  ? -3.095  -5.857  -0.685  1.00 35.76 ? 80  GLY A N   1 
ATOM   344  C  CA  . GLY A 1 49  ? -3.219  -4.414  -0.657  1.00 33.30 ? 80  GLY A CA  1 
ATOM   345  C  C   . GLY A 1 49  ? -1.829  -3.879  -0.933  1.00 35.76 ? 80  GLY A C   1 
ATOM   346  O  O   . GLY A 1 49  ? -0.846  -4.426  -0.422  1.00 33.85 ? 80  GLY A O   1 
ATOM   347  N  N   . PHE A 1 50  ? -1.741  -2.819  -1.727  1.00 35.05 ? 81  PHE A N   1 
ATOM   348  C  CA  . PHE A 1 50  ? -0.452  -2.242  -2.094  1.00 35.99 ? 81  PHE A CA  1 
ATOM   349  C  C   . PHE A 1 50  ? -0.331  -0.746  -1.812  1.00 35.54 ? 81  PHE A C   1 
ATOM   350  O  O   . PHE A 1 50  ? -1.307  -0.004  -1.879  1.00 36.33 ? 81  PHE A O   1 
ATOM   351  C  CB  . PHE A 1 50  ? -0.211  -2.467  -3.595  1.00 35.01 ? 81  PHE A CB  1 
ATOM   352  C  CG  . PHE A 1 50  ? 1.066   -1.859  -4.117  1.00 36.00 ? 81  PHE A CG  1 
ATOM   353  C  CD1 . PHE A 1 50  ? 2.235   -2.610  -4.178  1.00 38.37 ? 81  PHE A CD1 1 
ATOM   354  C  CD2 . PHE A 1 50  ? 1.102   -0.536  -4.547  1.00 35.50 ? 81  PHE A CD2 1 
ATOM   355  C  CE1 . PHE A 1 50  ? 3.422   -2.055  -4.659  1.00 36.55 ? 81  PHE A CE1 1 
ATOM   356  C  CE2 . PHE A 1 50  ? 2.282   0.031   -5.028  1.00 37.85 ? 81  PHE A CE2 1 
ATOM   357  C  CZ  . PHE A 1 50  ? 3.446   -0.733  -5.084  1.00 36.69 ? 81  PHE A CZ  1 
ATOM   358  N  N   . ASP A 1 51  ? 0.889   -0.321  -1.498  1.00 33.66 ? 82  ASP A N   1 
ATOM   359  C  CA  . ASP A 1 51  ? 1.193   1.085   -1.291  1.00 33.58 ? 82  ASP A CA  1 
ATOM   360  C  C   . ASP A 1 51  ? 2.702   1.214   -1.179  1.00 34.25 ? 82  ASP A C   1 
ATOM   361  O  O   . ASP A 1 51  ? 3.406   0.212   -1.026  1.00 33.74 ? 82  ASP A O   1 
ATOM   362  C  CB  . ASP A 1 51  ? 0.504   1.644   -0.041  1.00 37.46 ? 82  ASP A CB  1 
ATOM   363  C  CG  . ASP A 1 51  ? 0.308   3.150   -0.121  1.00 40.83 ? 82  ASP A CG  1 
ATOM   364  O  OD1 . ASP A 1 51  ? -0.288  3.743   0.801   1.00 46.45 ? 82  ASP A OD1 1 
ATOM   365  O  OD2 . ASP A 1 51  ? 0.756   3.745   -1.124  1.00 40.74 ? 82  ASP A OD2 1 
ATOM   366  N  N   . MET A 1 52  ? 3.201   2.439   -1.297  1.00 33.67 ? 83  MET A N   1 
ATOM   367  C  CA  . MET A 1 52  ? 4.631   2.690   -1.199  1.00 34.89 ? 83  MET A CA  1 
ATOM   368  C  C   . MET A 1 52  ? 4.830   4.103   -0.693  1.00 34.40 ? 83  MET A C   1 
ATOM   369  O  O   . MET A 1 52  ? 3.910   4.908   -0.745  1.00 35.85 ? 83  MET A O   1 
ATOM   370  C  CB  . MET A 1 52  ? 5.316   2.497   -2.563  1.00 36.62 ? 83  MET A CB  1 
ATOM   371  C  CG  . MET A 1 52  ? 4.623   3.163   -3.736  1.00 37.48 ? 83  MET A CG  1 
ATOM   372  S  SD  . MET A 1 52  ? 5.415   2.739   -5.323  1.00 40.06 ? 83  MET A SD  1 
ATOM   373  C  CE  . MET A 1 52  ? 5.467   4.347   -6.103  1.00 36.07 ? 83  MET A CE  1 
ATOM   374  N  N   . GLU A 1 53  ? 6.029   4.398   -0.200  1.00 34.11 ? 84  GLU A N   1 
ATOM   375  C  CA  . GLU A 1 53  ? 6.326   5.718   0.342   1.00 35.76 ? 84  GLU A CA  1 
ATOM   376  C  C   . GLU A 1 53  ? 7.662   6.226   -0.171  1.00 37.59 ? 84  GLU A C   1 
ATOM   377  O  O   . GLU A 1 53  ? 8.532   5.444   -0.561  1.00 37.27 ? 84  GLU A O   1 
ATOM   378  C  CB  . GLU A 1 53  ? 6.400   5.675   1.874   1.00 38.31 ? 84  GLU A CB  1 
ATOM   379  C  CG  . GLU A 1 53  ? 5.283   4.934   2.596   1.00 37.34 ? 84  GLU A CG  1 
ATOM   380  C  CD  . GLU A 1 53  ? 3.903   5.527   2.373   1.00 40.39 ? 84  GLU A CD  1 
ATOM   381  O  OE1 . GLU A 1 53  ? 3.797   6.730   2.046   1.00 41.62 ? 84  GLU A OE1 1 
ATOM   382  O  OE2 . GLU A 1 53  ? 2.916   4.782   2.545   1.00 43.20 ? 84  GLU A OE2 1 
ATOM   383  N  N   . TRP A 1 54  ? 7.833   7.543   -0.142  1.00 37.46 ? 85  TRP A N   1 
ATOM   384  C  CA  . TRP A 1 54  ? 9.070   8.153   -0.596  1.00 39.78 ? 85  TRP A CA  1 
ATOM   385  C  C   . TRP A 1 54  ? 9.356   9.389   0.238   1.00 41.67 ? 85  TRP A C   1 
ATOM   386  O  O   . TRP A 1 54  ? 8.440   9.996   0.784   1.00 41.33 ? 85  TRP A O   1 
ATOM   387  C  CB  . TRP A 1 54  ? 8.959   8.517   -2.081  1.00 37.93 ? 85  TRP A CB  1 
ATOM   388  C  CG  . TRP A 1 54  ? 7.769   9.356   -2.417  1.00 37.71 ? 85  TRP A CG  1 
ATOM   389  C  CD1 . TRP A 1 54  ? 7.650   10.708  -2.269  1.00 38.47 ? 85  TRP A CD1 1 
ATOM   390  C  CD2 . TRP A 1 54  ? 6.514   8.896   -2.940  1.00 38.42 ? 85  TRP A CD2 1 
ATOM   391  N  NE1 . TRP A 1 54  ? 6.401   11.117  -2.669  1.00 37.75 ? 85  TRP A NE1 1 
ATOM   392  C  CE2 . TRP A 1 54  ? 5.683   10.026  -3.083  1.00 37.54 ? 85  TRP A CE2 1 
ATOM   393  C  CE3 . TRP A 1 54  ? 6.012   7.637   -3.298  1.00 38.77 ? 85  TRP A CE3 1 
ATOM   394  C  CZ2 . TRP A 1 54  ? 4.372   9.939   -3.574  1.00 40.54 ? 85  TRP A CZ2 1 
ATOM   395  C  CZ3 . TRP A 1 54  ? 4.709   7.546   -3.785  1.00 40.46 ? 85  TRP A CZ3 1 
ATOM   396  C  CH2 . TRP A 1 54  ? 3.903   8.695   -3.919  1.00 40.29 ? 85  TRP A CH2 1 
ATOM   397  N  N   . PRO A 1 55  ? 10.639  9.764   0.366   1.00 44.02 ? 86  PRO A N   1 
ATOM   398  C  CA  . PRO A 1 55  ? 11.024  10.945  1.146   1.00 44.94 ? 86  PRO A CA  1 
ATOM   399  C  C   . PRO A 1 55  ? 10.448  12.223  0.530   1.00 46.81 ? 86  PRO A C   1 
ATOM   400  O  O   . PRO A 1 55  ? 10.105  12.254  -0.653  1.00 46.38 ? 86  PRO A O   1 
ATOM   401  C  CB  . PRO A 1 55  ? 12.552  10.891  1.118   1.00 45.15 ? 86  PRO A CB  1 
ATOM   402  C  CG  . PRO A 1 55  ? 12.842  10.213  -0.195  1.00 45.91 ? 86  PRO A CG  1 
ATOM   403  C  CD  . PRO A 1 55  ? 11.822  9.106   -0.218  1.00 44.85 ? 86  PRO A CD  1 
ATOM   404  N  N   . PRO A 1 56  ? 10.334  13.296  1.330   1.00 49.56 ? 87  PRO A N   1 
ATOM   405  C  CA  . PRO A 1 56  ? 9.788   14.581  0.873   1.00 49.23 ? 87  PRO A CA  1 
ATOM   406  C  C   . PRO A 1 56  ? 10.654  15.421  -0.070  1.00 49.49 ? 87  PRO A C   1 
ATOM   407  O  O   . PRO A 1 56  ? 10.131  16.084  -0.964  1.00 51.16 ? 87  PRO A O   1 
ATOM   408  C  CB  . PRO A 1 56  ? 9.492   15.303  2.186   1.00 50.32 ? 87  PRO A CB  1 
ATOM   409  C  CG  . PRO A 1 56  ? 10.624  14.849  3.059   1.00 51.48 ? 87  PRO A CG  1 
ATOM   410  C  CD  . PRO A 1 56  ? 10.700  13.359  2.760   1.00 50.22 ? 87  PRO A CD  1 
ATOM   411  N  N   . LEU A 1 57  ? 11.967  15.403  0.122   1.00 48.31 ? 88  LEU A N   1 
ATOM   412  C  CA  . LEU A 1 57  ? 12.846  16.195  -0.728  1.00 48.64 ? 88  LEU A CA  1 
ATOM   413  C  C   . LEU A 1 57  ? 12.828  15.746  -2.186  1.00 48.35 ? 88  LEU A C   1 
ATOM   414  O  O   . LEU A 1 57  ? 12.822  14.547  -2.486  1.00 47.40 ? 88  LEU A O   1 
ATOM   415  C  CB  . LEU A 1 57  ? 14.281  16.168  -0.188  1.00 50.94 ? 88  LEU A CB  1 
ATOM   416  C  CG  . LEU A 1 57  ? 14.537  17.004  1.072   1.00 52.10 ? 88  LEU A CG  1 
ATOM   417  C  CD1 . LEU A 1 57  ? 15.977  16.839  1.524   1.00 53.12 ? 88  LEU A CD1 1 
ATOM   418  C  CD2 . LEU A 1 57  ? 14.241  18.467  0.781   1.00 52.18 ? 88  LEU A CD2 1 
ATOM   419  N  N   . TYR A 1 58  ? 12.809  16.718  -3.092  1.00 45.91 ? 89  TYR A N   1 
ATOM   420  C  CA  . TYR A 1 58  ? 12.801  16.424  -4.516  1.00 45.20 ? 89  TYR A CA  1 
ATOM   421  C  C   . TYR A 1 58  ? 14.198  16.107  -5.034  1.00 42.88 ? 89  TYR A C   1 
ATOM   422  O  O   . TYR A 1 58  ? 15.209  16.553  -4.480  1.00 40.59 ? 89  TYR A O   1 
ATOM   423  C  CB  . TYR A 1 58  ? 12.215  17.593  -5.306  1.00 48.56 ? 89  TYR A CB  1 
ATOM   424  C  CG  . TYR A 1 58  ? 10.711  17.712  -5.201  1.00 54.13 ? 89  TYR A CG  1 
ATOM   425  C  CD1 . TYR A 1 58  ? 10.112  18.339  -4.108  1.00 57.52 ? 89  TYR A CD1 1 
ATOM   426  C  CD2 . TYR A 1 58  ? 9.886   17.194  -6.198  1.00 55.96 ? 89  TYR A CD2 1 
ATOM   427  C  CE1 . TYR A 1 58  ? 8.724   18.451  -4.018  1.00 58.57 ? 89  TYR A CE1 1 
ATOM   428  C  CE2 . TYR A 1 58  ? 8.504   17.300  -6.116  1.00 58.43 ? 89  TYR A CE2 1 
ATOM   429  C  CZ  . TYR A 1 58  ? 7.928   17.930  -5.026  1.00 59.59 ? 89  TYR A CZ  1 
ATOM   430  O  OH  . TYR A 1 58  ? 6.559   18.048  -4.961  1.00 61.65 ? 89  TYR A OH  1 
ATOM   431  N  N   . ASN A 1 59  ? 14.249  15.327  -6.105  1.00 42.59 ? 90  ASN A N   1 
ATOM   432  C  CA  . ASN A 1 59  ? 15.521  14.947  -6.692  1.00 43.68 ? 90  ASN A CA  1 
ATOM   433  C  C   . ASN A 1 59  ? 15.491  15.146  -8.201  1.00 41.12 ? 90  ASN A C   1 
ATOM   434  O  O   . ASN A 1 59  ? 14.670  14.551  -8.900  1.00 38.45 ? 90  ASN A O   1 
ATOM   435  C  CB  . ASN A 1 59  ? 15.834  13.484  -6.374  1.00 48.88 ? 90  ASN A CB  1 
ATOM   436  C  CG  . ASN A 1 59  ? 17.129  13.022  -7.007  1.00 52.92 ? 90  ASN A CG  1 
ATOM   437  O  OD1 . ASN A 1 59  ? 18.196  13.569  -6.732  1.00 58.39 ? 90  ASN A OD1 1 
ATOM   438  N  ND2 . ASN A 1 59  ? 17.041  12.014  -7.866  1.00 55.47 ? 90  ASN A ND2 1 
ATOM   439  N  N   . ARG A 1 60  ? 16.388  15.996  -8.686  1.00 38.70 ? 91  ARG A N   1 
ATOM   440  C  CA  . ARG A 1 60  ? 16.501  16.296  -10.108 1.00 40.23 ? 91  ARG A CA  1 
ATOM   441  C  C   . ARG A 1 60  ? 15.159  16.479  -10.824 1.00 39.03 ? 91  ARG A C   1 
ATOM   442  O  O   . ARG A 1 60  ? 14.924  15.901  -11.885 1.00 37.21 ? 91  ARG A O   1 
ATOM   443  C  CB  . ARG A 1 60  ? 17.324  15.204  -10.804 1.00 38.39 ? 91  ARG A CB  1 
ATOM   444  C  CG  . ARG A 1 60  ? 18.728  15.055  -10.238 1.00 41.02 ? 91  ARG A CG  1 
ATOM   445  C  CD  . ARG A 1 60  ? 19.501  13.930  -10.925 1.00 41.01 ? 91  ARG A CD  1 
ATOM   446  N  NE  . ARG A 1 60  ? 19.786  14.214  -12.330 1.00 38.06 ? 91  ARG A NE  1 
ATOM   447  C  CZ  . ARG A 1 60  ? 20.697  15.083  -12.752 1.00 38.85 ? 91  ARG A CZ  1 
ATOM   448  N  NH1 . ARG A 1 60  ? 21.423  15.763  -11.877 1.00 40.26 ? 91  ARG A NH1 1 
ATOM   449  N  NH2 . ARG A 1 60  ? 20.889  15.269  -14.051 1.00 38.75 ? 91  ARG A NH2 1 
ATOM   450  N  N   . GLY A 1 61  ? 14.285  17.290  -10.232 1.00 37.91 ? 92  GLY A N   1 
ATOM   451  C  CA  . GLY A 1 61  ? 12.997  17.571  -10.839 1.00 35.90 ? 92  GLY A CA  1 
ATOM   452  C  C   . GLY A 1 61  ? 11.857  16.605  -10.566 1.00 38.02 ? 92  GLY A C   1 
ATOM   453  O  O   . GLY A 1 61  ? 10.752  16.800  -11.070 1.00 37.80 ? 92  GLY A O   1 
ATOM   454  N  N   . LYS A 1 62  ? 12.096  15.577  -9.765  1.00 39.17 ? 93  LYS A N   1 
ATOM   455  C  CA  . LYS A 1 62  ? 11.044  14.609  -9.482  1.00 43.25 ? 93  LYS A CA  1 
ATOM   456  C  C   . LYS A 1 62  ? 10.917  14.290  -7.995  1.00 43.05 ? 93  LYS A C   1 
ATOM   457  O  O   . LYS A 1 62  ? 11.746  14.705  -7.179  1.00 41.41 ? 93  LYS A O   1 
ATOM   458  C  CB  . LYS A 1 62  ? 11.310  13.323  -10.270 1.00 46.91 ? 93  LYS A CB  1 
ATOM   459  C  CG  . LYS A 1 62  ? 12.631  12.668  -9.914  1.00 51.03 ? 93  LYS A CG  1 
ATOM   460  C  CD  . LYS A 1 62  ? 13.367  12.143  -11.135 1.00 51.58 ? 93  LYS A CD  1 
ATOM   461  C  CE  . LYS A 1 62  ? 14.774  11.698  -10.751 1.00 53.84 ? 93  LYS A CE  1 
ATOM   462  N  NZ  . LYS A 1 62  ? 15.638  11.382  -11.924 1.00 55.50 ? 93  LYS A NZ  1 
ATOM   463  N  N   . LEU A 1 63  ? 9.862   13.559  -7.652  1.00 43.16 ? 94  LEU A N   1 
ATOM   464  C  CA  . LEU A 1 63  ? 9.628   13.159  -6.272  1.00 42.82 ? 94  LEU A CA  1 
ATOM   465  C  C   . LEU A 1 63  ? 10.784  12.308  -5.782  1.00 43.02 ? 94  LEU A C   1 
ATOM   466  O  O   . LEU A 1 63  ? 11.482  11.670  -6.577  1.00 41.83 ? 94  LEU A O   1 
ATOM   467  C  CB  . LEU A 1 63  ? 8.334   12.350  -6.166  1.00 43.42 ? 94  LEU A CB  1 
ATOM   468  C  CG  . LEU A 1 63  ? 7.025   13.128  -6.307  1.00 45.19 ? 94  LEU A CG  1 
ATOM   469  C  CD1 . LEU A 1 63  ? 5.855   12.157  -6.479  1.00 45.27 ? 94  LEU A CD1 1 
ATOM   470  C  CD2 . LEU A 1 63  ? 6.836   14.013  -5.073  1.00 42.92 ? 94  LEU A CD2 1 
ATOM   471  N  N   . GLY A 1 64  ? 10.990  12.306  -4.469  1.00 43.06 ? 95  GLY A N   1 
ATOM   472  C  CA  . GLY A 1 64  ? 12.052  11.502  -3.899  1.00 41.67 ? 95  GLY A CA  1 
ATOM   473  C  C   . GLY A 1 64  ? 11.844  10.070  -4.351  1.00 42.35 ? 95  GLY A C   1 
ATOM   474  O  O   . GLY A 1 64  ? 10.708  9.637   -4.564  1.00 38.59 ? 95  GLY A O   1 
ATOM   475  N  N   . LYS A 1 65  ? 12.939  9.336   -4.502  1.00 41.11 ? 96  LYS A N   1 
ATOM   476  C  CA  . LYS A 1 65  ? 12.885  7.952   -4.947  1.00 41.20 ? 96  LYS A CA  1 
ATOM   477  C  C   . LYS A 1 65  ? 12.126  7.070   -3.952  1.00 40.02 ? 96  LYS A C   1 
ATOM   478  O  O   . LYS A 1 65  ? 12.248  7.245   -2.739  1.00 40.95 ? 96  LYS A O   1 
ATOM   479  C  CB  . LYS A 1 65  ? 14.314  7.431   -5.132  1.00 42.40 ? 96  LYS A CB  1 
ATOM   480  C  CG  . LYS A 1 65  ? 14.419  6.033   -5.721  1.00 44.81 ? 96  LYS A CG  1 
ATOM   481  C  CD  . LYS A 1 65  ? 15.884  5.653   -5.904  1.00 48.91 ? 96  LYS A CD  1 
ATOM   482  C  CE  . LYS A 1 65  ? 16.049  4.236   -6.430  1.00 51.42 ? 96  LYS A CE  1 
ATOM   483  N  NZ  . LYS A 1 65  ? 17.489  3.851   -6.548  1.00 53.22 ? 96  LYS A NZ  1 
ATOM   484  N  N   . VAL A 1 66  ? 11.344  6.124   -4.467  1.00 37.92 ? 97  VAL A N   1 
ATOM   485  C  CA  . VAL A 1 66  ? 10.587  5.217   -3.613  1.00 36.88 ? 97  VAL A CA  1 
ATOM   486  C  C   . VAL A 1 66  ? 11.527  4.600   -2.582  1.00 37.22 ? 97  VAL A C   1 
ATOM   487  O  O   . VAL A 1 66  ? 12.595  4.097   -2.927  1.00 38.52 ? 97  VAL A O   1 
ATOM   488  C  CB  . VAL A 1 66  ? 9.919   4.097   -4.440  1.00 35.27 ? 97  VAL A CB  1 
ATOM   489  C  CG1 . VAL A 1 66  ? 9.402   3.001   -3.525  1.00 33.46 ? 97  VAL A CG1 1 
ATOM   490  C  CG2 . VAL A 1 66  ? 8.774   4.676   -5.251  1.00 34.26 ? 97  VAL A CG2 1 
ATOM   491  N  N   . ALA A 1 67  ? 11.121  4.642   -1.318  1.00 35.12 ? 98  ALA A N   1 
ATOM   492  C  CA  . ALA A 1 67  ? 11.947  4.110   -0.235  1.00 34.40 ? 98  ALA A CA  1 
ATOM   493  C  C   . ALA A 1 67  ? 11.307  2.937   0.486   1.00 33.24 ? 98  ALA A C   1 
ATOM   494  O  O   . ALA A 1 67  ? 11.992  2.143   1.132   1.00 32.55 ? 98  ALA A O   1 
ATOM   495  C  CB  . ALA A 1 67  ? 12.256  5.222   0.773   1.00 34.58 ? 98  ALA A CB  1 
ATOM   496  N  N   . LEU A 1 68  ? 9.989   2.831   0.382   1.00 34.43 ? 99  LEU A N   1 
ATOM   497  C  CA  . LEU A 1 68  ? 9.275   1.772   1.063   1.00 34.70 ? 99  LEU A CA  1 
ATOM   498  C  C   . LEU A 1 68  ? 8.162   1.196   0.207   1.00 33.97 ? 99  LEU A C   1 
ATOM   499  O  O   . LEU A 1 68  ? 7.481   1.918   -0.519  1.00 37.53 ? 99  LEU A O   1 
ATOM   500  C  CB  . LEU A 1 68  ? 8.686   2.316   2.372   1.00 33.85 ? 99  LEU A CB  1 
ATOM   501  C  CG  . LEU A 1 68  ? 7.939   1.345   3.292   1.00 34.84 ? 99  LEU A CG  1 
ATOM   502  C  CD1 . LEU A 1 68  ? 8.927   0.393   3.958   1.00 34.93 ? 99  LEU A CD1 1 
ATOM   503  C  CD2 . LEU A 1 68  ? 7.171   2.138   4.357   1.00 35.35 ? 99  LEU A CD2 1 
ATOM   504  N  N   . ILE A 1 69  ? 7.985   -0.113  0.295   1.00 32.82 ? 100 ILE A N   1 
ATOM   505  C  CA  . ILE A 1 69  ? 6.926   -0.792  -0.439  1.00 33.78 ? 100 ILE A CA  1 
ATOM   506  C  C   . ILE A 1 69  ? 6.170   -1.644  0.565   1.00 33.30 ? 100 ILE A C   1 
ATOM   507  O  O   . ILE A 1 69  ? 6.766   -2.419  1.313   1.00 31.75 ? 100 ILE A O   1 
ATOM   508  C  CB  . ILE A 1 69  ? 7.495   -1.663  -1.580  1.00 35.08 ? 100 ILE A CB  1 
ATOM   509  C  CG1 . ILE A 1 69  ? 8.049   -0.745  -2.673  1.00 34.17 ? 100 ILE A CG1 1 
ATOM   510  C  CG2 . ILE A 1 69  ? 6.410   -2.587  -2.147  1.00 31.23 ? 100 ILE A CG2 1 
ATOM   511  C  CD1 . ILE A 1 69  ? 8.752   -1.471  -3.794  1.00 38.58 ? 100 ILE A CD1 1 
ATOM   512  N  N   . GLN A 1 70  ? 4.853   -1.479  0.590   1.00 34.03 ? 101 GLN A N   1 
ATOM   513  C  CA  . GLN A 1 70  ? 4.014   -2.209  1.528   1.00 32.77 ? 101 GLN A CA  1 
ATOM   514  C  C   . GLN A 1 70  ? 3.061   -3.173  0.839   1.00 32.52 ? 101 GLN A C   1 
ATOM   515  O  O   . GLN A 1 70  ? 2.432   -2.837  -0.165  1.00 31.92 ? 101 GLN A O   1 
ATOM   516  C  CB  . GLN A 1 70  ? 3.200   -1.230  2.382   1.00 33.94 ? 101 GLN A CB  1 
ATOM   517  C  CG  . GLN A 1 70  ? 4.023   -0.165  3.101   1.00 35.29 ? 101 GLN A CG  1 
ATOM   518  C  CD  . GLN A 1 70  ? 4.040   1.167   2.363   1.00 37.56 ? 101 GLN A CD  1 
ATOM   519  O  OE1 . GLN A 1 70  ? 5.004   1.503   1.663   1.00 33.49 ? 101 GLN A OE1 1 
ATOM   520  N  NE2 . GLN A 1 70  ? 2.962   1.934   2.516   1.00 35.51 ? 101 GLN A NE2 1 
ATOM   521  N  N   . LEU A 1 71  ? 2.958   -4.374  1.393   1.00 31.70 ? 102 LEU A N   1 
ATOM   522  C  CA  . LEU A 1 71  ? 2.070   -5.395  0.858   1.00 33.28 ? 102 LEU A CA  1 
ATOM   523  C  C   . LEU A 1 71  ? 1.287   -6.033  1.992   1.00 32.94 ? 102 LEU A C   1 
ATOM   524  O  O   . LEU A 1 71  ? 1.867   -6.659  2.887   1.00 33.35 ? 102 LEU A O   1 
ATOM   525  C  CB  . LEU A 1 71  ? 2.861   -6.489  0.134   1.00 33.59 ? 102 LEU A CB  1 
ATOM   526  C  CG  . LEU A 1 71  ? 3.698   -6.140  -1.101  1.00 35.44 ? 102 LEU A CG  1 
ATOM   527  C  CD1 . LEU A 1 71  ? 4.380   -7.403  -1.601  1.00 35.00 ? 102 LEU A CD1 1 
ATOM   528  C  CD2 . LEU A 1 71  ? 2.812   -5.551  -2.198  1.00 34.53 ? 102 LEU A CD2 1 
ATOM   529  N  N   . CYS A 1 72  ? -0.031  -5.864  1.969   1.00 34.06 ? 103 CYS A N   1 
ATOM   530  C  CA  . CYS A 1 72  ? -0.884  -6.469  2.987   1.00 33.04 ? 103 CYS A CA  1 
ATOM   531  C  C   . CYS A 1 72  ? -1.450  -7.700  2.307   1.00 33.45 ? 103 CYS A C   1 
ATOM   532  O  O   . CYS A 1 72  ? -2.211  -7.590  1.347   1.00 35.20 ? 103 CYS A O   1 
ATOM   533  C  CB  . CYS A 1 72  ? -2.017  -5.527  3.402   1.00 31.56 ? 103 CYS A CB  1 
ATOM   534  S  SG  . CYS A 1 72  ? -3.120  -6.296  4.620   1.00 36.67 ? 103 CYS A SG  1 
ATOM   535  N  N   . VAL A 1 73  ? -1.087  -8.873  2.807   1.00 35.37 ? 104 VAL A N   1 
ATOM   536  C  CA  . VAL A 1 73  ? -1.508  -10.114 2.179   1.00 36.61 ? 104 VAL A CA  1 
ATOM   537  C  C   . VAL A 1 73  ? -2.676  -10.827 2.840   1.00 38.31 ? 104 VAL A C   1 
ATOM   538  O  O   . VAL A 1 73  ? -3.170  -11.827 2.326   1.00 38.85 ? 104 VAL A O   1 
ATOM   539  C  CB  . VAL A 1 73  ? -0.307  -11.091 2.076   1.00 35.11 ? 104 VAL A CB  1 
ATOM   540  C  CG1 . VAL A 1 73  ? 0.874   -10.379 1.423   1.00 34.10 ? 104 VAL A CG1 1 
ATOM   541  C  CG2 . VAL A 1 73  ? 0.077   -11.600 3.447   1.00 35.56 ? 104 VAL A CG2 1 
ATOM   542  N  N   . SER A 1 74  ? -3.111  -10.317 3.981   1.00 39.76 ? 105 SER A N   1 
ATOM   543  C  CA  . SER A 1 74  ? -4.229  -10.912 4.695   1.00 40.85 ? 105 SER A CA  1 
ATOM   544  C  C   . SER A 1 74  ? -4.663  -9.923  5.757   1.00 43.08 ? 105 SER A C   1 
ATOM   545  O  O   . SER A 1 74  ? -3.977  -8.933  6.012   1.00 42.99 ? 105 SER A O   1 
ATOM   546  C  CB  . SER A 1 74  ? -3.816  -12.232 5.354   1.00 39.60 ? 105 SER A CB  1 
ATOM   547  O  OG  . SER A 1 74  ? -3.019  -12.009 6.505   1.00 40.20 ? 105 SER A OG  1 
ATOM   548  N  N   . GLU A 1 75  ? -5.796  -10.195 6.387   1.00 45.28 ? 106 GLU A N   1 
ATOM   549  C  CA  . GLU A 1 75  ? -6.298  -9.299  7.410   1.00 46.87 ? 106 GLU A CA  1 
ATOM   550  C  C   . GLU A 1 75  ? -5.388  -9.267  8.631   1.00 45.77 ? 106 GLU A C   1 
ATOM   551  O  O   . GLU A 1 75  ? -5.482  -8.349  9.444   1.00 46.18 ? 106 GLU A O   1 
ATOM   552  C  CB  . GLU A 1 75  ? -7.713  -9.711  7.823   1.00 50.99 ? 106 GLU A CB  1 
ATOM   553  C  CG  . GLU A 1 75  ? -7.804  -11.102 8.412   1.00 56.92 ? 106 GLU A CG  1 
ATOM   554  C  CD  . GLU A 1 75  ? -9.231  -11.507 8.734   1.00 62.06 ? 106 GLU A CD  1 
ATOM   555  O  OE1 . GLU A 1 75  ? -9.427  -12.619 9.272   1.00 63.44 ? 106 GLU A OE1 1 
ATOM   556  O  OE2 . GLU A 1 75  ? -10.155 -10.715 8.448   1.00 64.10 ? 106 GLU A OE2 1 
ATOM   557  N  N   . SER A 1 76  ? -4.498  -10.250 8.759   1.00 43.16 ? 107 SER A N   1 
ATOM   558  C  CA  . SER A 1 76  ? -3.614  -10.294 9.919   1.00 42.12 ? 107 SER A CA  1 
ATOM   559  C  C   . SER A 1 76  ? -2.111  -10.132 9.652   1.00 41.51 ? 107 SER A C   1 
ATOM   560  O  O   . SER A 1 76  ? -1.304  -10.292 10.566  1.00 41.54 ? 107 SER A O   1 
ATOM   561  C  CB  . SER A 1 76  ? -3.841  -11.592 10.696  1.00 41.12 ? 107 SER A CB  1 
ATOM   562  O  OG  . SER A 1 76  ? -3.393  -12.718 9.964   1.00 42.95 ? 107 SER A OG  1 
ATOM   563  N  N   . LYS A 1 77  ? -1.726  -9.807  8.423   1.00 42.04 ? 108 LYS A N   1 
ATOM   564  C  CA  . LYS A 1 77  ? -0.303  -9.647  8.128   1.00 40.04 ? 108 LYS A CA  1 
ATOM   565  C  C   . LYS A 1 77  ? 0.020   -8.668  7.004   1.00 38.18 ? 108 LYS A C   1 
ATOM   566  O  O   . LYS A 1 77  ? -0.530  -8.756  5.905   1.00 35.83 ? 108 LYS A O   1 
ATOM   567  C  CB  . LYS A 1 77  ? 0.321   -11.006 7.812   1.00 43.86 ? 108 LYS A CB  1 
ATOM   568  C  CG  . LYS A 1 77  ? 1.805   -10.938 7.480   1.00 47.88 ? 108 LYS A CG  1 
ATOM   569  C  CD  . LYS A 1 77  ? 2.422   -12.320 7.374   1.00 50.50 ? 108 LYS A CD  1 
ATOM   570  C  CE  . LYS A 1 77  ? 2.455   -13.011 8.727   1.00 53.77 ? 108 LYS A CE  1 
ATOM   571  N  NZ  . LYS A 1 77  ? 3.273   -12.254 9.723   1.00 55.00 ? 108 LYS A NZ  1 
ATOM   572  N  N   . CYS A 1 78  ? 0.918   -7.729  7.296   1.00 35.20 ? 109 CYS A N   1 
ATOM   573  C  CA  . CYS A 1 78  ? 1.349   -6.742  6.318   1.00 35.74 ? 109 CYS A CA  1 
ATOM   574  C  C   . CYS A 1 78  ? 2.878   -6.649  6.309   1.00 35.66 ? 109 CYS A C   1 
ATOM   575  O  O   . CYS A 1 78  ? 3.514   -6.655  7.364   1.00 36.14 ? 109 CYS A O   1 
ATOM   576  C  CB  . CYS A 1 78  ? 0.762   -5.369  6.629   1.00 34.71 ? 109 CYS A CB  1 
ATOM   577  S  SG  . CYS A 1 78  ? 1.162   -4.142  5.360   1.00 39.18 ? 109 CYS A SG  1 
ATOM   578  N  N   . TYR A 1 79  ? 3.455   -6.558  5.116   1.00 33.79 ? 110 TYR A N   1 
ATOM   579  C  CA  . TYR A 1 79  ? 4.902   -6.476  4.972   1.00 33.33 ? 110 TYR A CA  1 
ATOM   580  C  C   . TYR A 1 79  ? 5.379   -5.081  4.607   1.00 32.83 ? 110 TYR A C   1 
ATOM   581  O  O   . TYR A 1 79  ? 4.778   -4.407  3.764   1.00 33.14 ? 110 TYR A O   1 
ATOM   582  C  CB  . TYR A 1 79  ? 5.392   -7.449  3.892   1.00 32.01 ? 110 TYR A CB  1 
ATOM   583  C  CG  . TYR A 1 79  ? 5.188   -8.917  4.205   1.00 32.50 ? 110 TYR A CG  1 
ATOM   584  C  CD1 . TYR A 1 79  ? 3.935   -9.517  4.072   1.00 31.88 ? 110 TYR A CD1 1 
ATOM   585  C  CD2 . TYR A 1 79  ? 6.260   -9.710  4.622   1.00 30.11 ? 110 TYR A CD2 1 
ATOM   586  C  CE1 . TYR A 1 79  ? 3.755   -10.873 4.345   1.00 31.50 ? 110 TYR A CE1 1 
ATOM   587  C  CE2 . TYR A 1 79  ? 6.095   -11.063 4.899   1.00 31.45 ? 110 TYR A CE2 1 
ATOM   588  C  CZ  . TYR A 1 79  ? 4.839   -11.640 4.759   1.00 33.26 ? 110 TYR A CZ  1 
ATOM   589  O  OH  . TYR A 1 79  ? 4.679   -12.978 5.041   1.00 33.69 ? 110 TYR A OH  1 
ATOM   590  N  N   . LEU A 1 80  ? 6.463   -4.659  5.251   1.00 30.37 ? 111 LEU A N   1 
ATOM   591  C  CA  . LEU A 1 80  ? 7.081   -3.366  4.986   1.00 30.82 ? 111 LEU A CA  1 
ATOM   592  C  C   . LEU A 1 80  ? 8.483   -3.664  4.461   1.00 30.67 ? 111 LEU A C   1 
ATOM   593  O  O   . LEU A 1 80  ? 9.345   -4.159  5.202   1.00 29.85 ? 111 LEU A O   1 
ATOM   594  C  CB  . LEU A 1 80  ? 7.176   -2.525  6.266   1.00 31.55 ? 111 LEU A CB  1 
ATOM   595  C  CG  . LEU A 1 80  ? 5.876   -2.191  7.011   1.00 33.30 ? 111 LEU A CG  1 
ATOM   596  C  CD1 . LEU A 1 80  ? 6.164   -1.099  8.038   1.00 33.63 ? 111 LEU A CD1 1 
ATOM   597  C  CD2 . LEU A 1 80  ? 4.808   -1.718  6.051   1.00 31.34 ? 111 LEU A CD2 1 
ATOM   598  N  N   . PHE A 1 81  ? 8.693   -3.395  3.178   1.00 31.45 ? 112 PHE A N   1 
ATOM   599  C  CA  . PHE A 1 81  ? 9.984   -3.641  2.533   1.00 31.91 ? 112 PHE A CA  1 
ATOM   600  C  C   . PHE A 1 81  ? 10.698  -2.302  2.366   1.00 32.18 ? 112 PHE A C   1 
ATOM   601  O  O   . PHE A 1 81  ? 10.400  -1.532  1.458   1.00 33.49 ? 112 PHE A O   1 
ATOM   602  C  CB  . PHE A 1 81  ? 9.751   -4.325  1.181   1.00 33.93 ? 112 PHE A CB  1 
ATOM   603  C  CG  . PHE A 1 81  ? 9.100   -5.687  1.293   1.00 32.41 ? 112 PHE A CG  1 
ATOM   604  C  CD1 . PHE A 1 81  ? 8.045   -6.043  0.461   1.00 34.53 ? 112 PHE A CD1 1 
ATOM   605  C  CD2 . PHE A 1 81  ? 9.549   -6.610  2.231   1.00 34.16 ? 112 PHE A CD2 1 
ATOM   606  C  CE1 . PHE A 1 81  ? 7.441   -7.303  0.560   1.00 28.78 ? 112 PHE A CE1 1 
ATOM   607  C  CE2 . PHE A 1 81  ? 8.954   -7.876  2.344   1.00 33.58 ? 112 PHE A CE2 1 
ATOM   608  C  CZ  . PHE A 1 81  ? 7.895   -8.219  1.501   1.00 33.78 ? 112 PHE A CZ  1 
ATOM   609  N  N   . HIS A 1 82  ? 11.633  -2.036  3.270   1.00 33.50 ? 113 HIS A N   1 
ATOM   610  C  CA  . HIS A 1 82  ? 12.387  -0.788  3.285   1.00 33.78 ? 113 HIS A CA  1 
ATOM   611  C  C   . HIS A 1 82  ? 13.500  -0.832  2.241   1.00 35.12 ? 113 HIS A C   1 
ATOM   612  O  O   . HIS A 1 82  ? 14.685  -0.914  2.579   1.00 36.74 ? 113 HIS A O   1 
ATOM   613  C  CB  . HIS A 1 82  ? 12.968  -0.589  4.687   1.00 32.02 ? 113 HIS A CB  1 
ATOM   614  C  CG  . HIS A 1 82  ? 13.155  0.845   5.070   1.00 32.04 ? 113 HIS A CG  1 
ATOM   615  N  ND1 . HIS A 1 82  ? 12.914  1.887   4.201   1.00 35.79 ? 113 HIS A ND1 1 
ATOM   616  C  CD2 . HIS A 1 82  ? 13.555  1.410   6.233   1.00 31.39 ? 113 HIS A CD2 1 
ATOM   617  C  CE1 . HIS A 1 82  ? 13.158  3.033   4.814   1.00 32.69 ? 113 HIS A CE1 1 
ATOM   618  N  NE2 . HIS A 1 82  ? 13.548  2.771   6.048   1.00 33.19 ? 113 HIS A NE2 1 
ATOM   619  N  N   . VAL A 1 83  ? 13.115  -0.761  0.971   1.00 36.21 ? 114 VAL A N   1 
ATOM   620  C  CA  . VAL A 1 83  ? 14.072  -0.836  -0.126  1.00 36.32 ? 114 VAL A CA  1 
ATOM   621  C  C   . VAL A 1 83  ? 15.166  0.234   -0.130  1.00 38.46 ? 114 VAL A C   1 
ATOM   622  O  O   . VAL A 1 83  ? 16.252  -0.005  -0.649  1.00 38.52 ? 114 VAL A O   1 
ATOM   623  C  CB  . VAL A 1 83  ? 13.344  -0.846  -1.487  1.00 36.97 ? 114 VAL A CB  1 
ATOM   624  C  CG1 . VAL A 1 83  ? 12.449  -2.086  -1.576  1.00 34.48 ? 114 VAL A CG1 1 
ATOM   625  C  CG2 . VAL A 1 83  ? 12.509  0.417   -1.657  1.00 37.09 ? 114 VAL A CG2 1 
ATOM   626  N  N   . SER A 1 84  ? 14.903  1.401   0.454   1.00 37.49 ? 115 SER A N   1 
ATOM   627  C  CA  . SER A 1 84  ? 15.925  2.446   0.480   1.00 38.94 ? 115 SER A CA  1 
ATOM   628  C  C   . SER A 1 84  ? 17.134  1.997   1.309   1.00 39.49 ? 115 SER A C   1 
ATOM   629  O  O   . SER A 1 84  ? 18.239  2.514   1.145   1.00 41.04 ? 115 SER A O   1 
ATOM   630  C  CB  . SER A 1 84  ? 15.351  3.758   1.037   1.00 37.00 ? 115 SER A CB  1 
ATOM   631  O  OG  . SER A 1 84  ? 14.788  3.575   2.321   1.00 35.21 ? 115 SER A OG  1 
ATOM   632  N  N   . SER A 1 85  ? 16.918  1.023   2.187   1.00 40.14 ? 116 SER A N   1 
ATOM   633  C  CA  . SER A 1 85  ? 17.987  0.500   3.028   1.00 40.41 ? 116 SER A CA  1 
ATOM   634  C  C   . SER A 1 85  ? 18.665  -0.730  2.429   1.00 40.39 ? 116 SER A C   1 
ATOM   635  O  O   . SER A 1 85  ? 19.620  -1.255  2.996   1.00 39.13 ? 116 SER A O   1 
ATOM   636  C  CB  . SER A 1 85  ? 17.444  0.139   4.414   1.00 42.13 ? 116 SER A CB  1 
ATOM   637  O  OG  . SER A 1 85  ? 17.103  1.301   5.145   1.00 46.57 ? 116 SER A OG  1 
ATOM   638  N  N   . MET A 1 86  ? 18.165  -1.190  1.289   1.00 40.05 ? 117 MET A N   1 
ATOM   639  C  CA  . MET A 1 86  ? 18.718  -2.368  0.632   1.00 41.46 ? 117 MET A CA  1 
ATOM   640  C  C   . MET A 1 86  ? 19.771  -2.025  -0.426  1.00 42.38 ? 117 MET A C   1 
ATOM   641  O  O   . MET A 1 86  ? 19.599  -1.096  -1.211  1.00 42.21 ? 117 MET A O   1 
ATOM   642  C  CB  . MET A 1 86  ? 17.577  -3.175  0.012   1.00 38.69 ? 117 MET A CB  1 
ATOM   643  C  CG  . MET A 1 86  ? 16.610  -3.711  1.056   1.00 37.01 ? 117 MET A CG  1 
ATOM   644  S  SD  . MET A 1 86  ? 15.158  -4.518  0.359   1.00 37.54 ? 117 MET A SD  1 
ATOM   645  C  CE  . MET A 1 86  ? 14.022  -4.482  1.822   1.00 35.99 ? 117 MET A CE  1 
ATOM   646  N  N   . SER A 1 87  ? 20.862  -2.788  -0.435  1.00 45.60 ? 118 SER A N   1 
ATOM   647  C  CA  . SER A 1 87  ? 21.960  -2.567  -1.378  1.00 46.91 ? 118 SER A CA  1 
ATOM   648  C  C   . SER A 1 87  ? 21.517  -2.714  -2.832  1.00 47.16 ? 118 SER A C   1 
ATOM   649  O  O   . SER A 1 87  ? 22.027  -2.031  -3.715  1.00 47.89 ? 118 SER A O   1 
ATOM   650  C  CB  . SER A 1 87  ? 23.111  -3.537  -1.084  1.00 48.03 ? 118 SER A CB  1 
ATOM   651  O  OG  . SER A 1 87  ? 22.688  -4.886  -1.189  1.00 49.16 ? 118 SER A OG  1 
ATOM   652  N  N   . VAL A 1 88  ? 20.570  -3.610  -3.075  1.00 47.71 ? 119 VAL A N   1 
ATOM   653  C  CA  . VAL A 1 88  ? 20.051  -3.835  -4.419  1.00 46.11 ? 119 VAL A CA  1 
ATOM   654  C  C   . VAL A 1 88  ? 18.553  -4.063  -4.289  1.00 45.21 ? 119 VAL A C   1 
ATOM   655  O  O   . VAL A 1 88  ? 18.084  -4.466  -3.223  1.00 43.69 ? 119 VAL A O   1 
ATOM   656  C  CB  . VAL A 1 88  ? 20.689  -5.088  -5.070  1.00 48.55 ? 119 VAL A CB  1 
ATOM   657  C  CG1 . VAL A 1 88  ? 22.202  -4.932  -5.134  1.00 49.28 ? 119 VAL A CG1 1 
ATOM   658  C  CG2 . VAL A 1 88  ? 20.316  -6.335  -4.276  1.00 49.11 ? 119 VAL A CG2 1 
ATOM   659  N  N   . PHE A 1 89  ? 17.789  -3.800  -5.344  1.00 43.21 ? 120 PHE A N   1 
ATOM   660  C  CA  . PHE A 1 89  ? 16.358  -4.042  -5.235  1.00 44.92 ? 120 PHE A CA  1 
ATOM   661  C  C   . PHE A 1 89  ? 16.182  -5.553  -5.193  1.00 45.64 ? 120 PHE A C   1 
ATOM   662  O  O   . PHE A 1 89  ? 16.676  -6.271  -6.068  1.00 45.45 ? 120 PHE A O   1 
ATOM   663  C  CB  . PHE A 1 89  ? 15.579  -3.450  -6.412  1.00 42.23 ? 120 PHE A CB  1 
ATOM   664  C  CG  . PHE A 1 89  ? 14.092  -3.418  -6.182  1.00 41.52 ? 120 PHE A CG  1 
ATOM   665  C  CD1 . PHE A 1 89  ? 13.330  -4.577  -6.288  1.00 40.67 ? 120 PHE A CD1 1 
ATOM   666  C  CD2 . PHE A 1 89  ? 13.462  -2.240  -5.788  1.00 41.31 ? 120 PHE A CD2 1 
ATOM   667  C  CE1 . PHE A 1 89  ? 11.962  -4.568  -5.999  1.00 41.42 ? 120 PHE A CE1 1 
ATOM   668  C  CE2 . PHE A 1 89  ? 12.094  -2.218  -5.498  1.00 40.72 ? 120 PHE A CE2 1 
ATOM   669  C  CZ  . PHE A 1 89  ? 11.343  -3.385  -5.602  1.00 38.90 ? 120 PHE A CZ  1 
ATOM   670  N  N   . PRO A 1 90  ? 15.480  -6.058  -4.167  1.00 44.91 ? 121 PRO A N   1 
ATOM   671  C  CA  . PRO A 1 90  ? 15.233  -7.493  -3.986  1.00 43.10 ? 121 PRO A CA  1 
ATOM   672  C  C   . PRO A 1 90  ? 14.542  -8.174  -5.163  1.00 42.08 ? 121 PRO A C   1 
ATOM   673  O  O   . PRO A 1 90  ? 13.415  -7.834  -5.523  1.00 41.06 ? 121 PRO A O   1 
ATOM   674  C  CB  . PRO A 1 90  ? 14.411  -7.538  -2.698  1.00 44.11 ? 121 PRO A CB  1 
ATOM   675  C  CG  . PRO A 1 90  ? 13.675  -6.225  -2.722  1.00 44.68 ? 121 PRO A CG  1 
ATOM   676  C  CD  . PRO A 1 90  ? 14.753  -5.270  -3.156  1.00 44.96 ? 121 PRO A CD  1 
ATOM   677  N  N   . GLN A 1 91  ? 15.234  -9.149  -5.748  1.00 40.74 ? 122 GLN A N   1 
ATOM   678  C  CA  . GLN A 1 91  ? 14.734  -9.905  -6.891  1.00 39.56 ? 122 GLN A CA  1 
ATOM   679  C  C   . GLN A 1 91  ? 13.415  -10.615 -6.622  1.00 37.91 ? 122 GLN A C   1 
ATOM   680  O  O   . GLN A 1 91  ? 12.559  -10.699 -7.499  1.00 38.74 ? 122 GLN A O   1 
ATOM   681  C  CB  . GLN A 1 91  ? 15.773  -10.940 -7.329  1.00 41.95 ? 122 GLN A CB  1 
ATOM   682  C  CG  . GLN A 1 91  ? 15.314  -11.817 -8.483  1.00 44.30 ? 122 GLN A CG  1 
ATOM   683  C  CD  . GLN A 1 91  ? 15.169  -11.054 -9.793  1.00 45.57 ? 122 GLN A CD  1 
ATOM   684  O  OE1 . GLN A 1 91  ? 14.619  -11.577 -10.760 1.00 49.11 ? 122 GLN A OE1 1 
ATOM   685  N  NE2 . GLN A 1 91  ? 15.670  -9.820  -9.833  1.00 45.34 ? 122 GLN A NE2 1 
ATOM   686  N  N   . GLY A 1 92  ? 13.262  -11.152 -5.417  1.00 37.95 ? 123 GLY A N   1 
ATOM   687  C  CA  . GLY A 1 92  ? 12.029  -11.838 -5.077  1.00 35.22 ? 123 GLY A CA  1 
ATOM   688  C  C   . GLY A 1 92  ? 10.851  -10.878 -5.077  1.00 34.85 ? 123 GLY A C   1 
ATOM   689  O  O   . GLY A 1 92  ? 9.750   -11.248 -5.476  1.00 32.36 ? 123 GLY A O   1 
ATOM   690  N  N   . LEU A 1 93  ? 11.078  -9.642  -4.635  1.00 34.03 ? 124 LEU A N   1 
ATOM   691  C  CA  . LEU A 1 93  ? 10.006  -8.651  -4.605  1.00 33.60 ? 124 LEU A CA  1 
ATOM   692  C  C   . LEU A 1 93  ? 9.714   -8.158  -6.020  1.00 33.29 ? 124 LEU A C   1 
ATOM   693  O  O   . LEU A 1 93  ? 8.565   -7.904  -6.378  1.00 30.99 ? 124 LEU A O   1 
ATOM   694  C  CB  . LEU A 1 93  ? 10.384  -7.466  -3.708  1.00 32.37 ? 124 LEU A CB  1 
ATOM   695  C  CG  . LEU A 1 93  ? 9.360   -6.328  -3.622  1.00 33.20 ? 124 LEU A CG  1 
ATOM   696  C  CD1 . LEU A 1 93  ? 8.012   -6.868  -3.149  1.00 31.30 ? 124 LEU A CD1 1 
ATOM   697  C  CD2 . LEU A 1 93  ? 9.869   -5.259  -2.666  1.00 32.32 ? 124 LEU A CD2 1 
ATOM   698  N  N   . LYS A 1 94  ? 10.756  -8.025  -6.829  1.00 35.41 ? 125 LYS A N   1 
ATOM   699  C  CA  . LYS A 1 94  ? 10.555  -7.585  -8.200  1.00 37.40 ? 125 LYS A CA  1 
ATOM   700  C  C   . LYS A 1 94  ? 9.659   -8.575  -8.930  1.00 38.18 ? 125 LYS A C   1 
ATOM   701  O  O   . LYS A 1 94  ? 8.721   -8.188  -9.622  1.00 37.92 ? 125 LYS A O   1 
ATOM   702  C  CB  . LYS A 1 94  ? 11.882  -7.478  -8.952  1.00 37.77 ? 125 LYS A CB  1 
ATOM   703  C  CG  . LYS A 1 94  ? 11.689  -7.344  -10.460 1.00 38.82 ? 125 LYS A CG  1 
ATOM   704  C  CD  . LYS A 1 94  ? 12.999  -7.166  -11.199 1.00 42.64 ? 125 LYS A CD  1 
ATOM   705  C  CE  . LYS A 1 94  ? 12.754  -6.986  -12.695 1.00 44.14 ? 125 LYS A CE  1 
ATOM   706  N  NZ  . LYS A 1 94  ? 14.005  -6.635  -13.425 1.00 48.74 ? 125 LYS A NZ  1 
ATOM   707  N  N   . MET A 1 95  ? 9.948   -9.860  -8.770  1.00 40.22 ? 126 MET A N   1 
ATOM   708  C  CA  . MET A 1 95  ? 9.172   -10.882 -9.456  1.00 41.10 ? 126 MET A CA  1 
ATOM   709  C  C   . MET A 1 95  ? 7.749   -10.952 -8.920  1.00 38.42 ? 126 MET A C   1 
ATOM   710  O  O   . MET A 1 95  ? 6.805   -11.187 -9.669  1.00 38.07 ? 126 MET A O   1 
ATOM   711  C  CB  . MET A 1 95  ? 9.897   -12.232 -9.364  1.00 43.44 ? 126 MET A CB  1 
ATOM   712  C  CG  . MET A 1 95  ? 11.315  -12.156 -9.957  1.00 50.52 ? 126 MET A CG  1 
ATOM   713  S  SD  . MET A 1 95  ? 12.187  -13.720 -10.282 1.00 57.32 ? 126 MET A SD  1 
ATOM   714  C  CE  . MET A 1 95  ? 12.669  -14.195 -8.613  1.00 52.79 ? 126 MET A CE  1 
ATOM   715  N  N   . LEU A 1 96  ? 7.586   -10.728 -7.623  1.00 38.46 ? 127 LEU A N   1 
ATOM   716  C  CA  . LEU A 1 96  ? 6.253   -10.744 -7.039  1.00 35.33 ? 127 LEU A CA  1 
ATOM   717  C  C   . LEU A 1 96  ? 5.458   -9.580  -7.625  1.00 33.62 ? 127 LEU A C   1 
ATOM   718  O  O   . LEU A 1 96  ? 4.305   -9.737  -8.033  1.00 32.13 ? 127 LEU A O   1 
ATOM   719  C  CB  . LEU A 1 96  ? 6.340   -10.614 -5.516  1.00 36.95 ? 127 LEU A CB  1 
ATOM   720  C  CG  . LEU A 1 96  ? 5.026   -10.558 -4.731  1.00 37.36 ? 127 LEU A CG  1 
ATOM   721  C  CD1 . LEU A 1 96  ? 4.110   -11.691 -5.162  1.00 36.17 ? 127 LEU A CD1 1 
ATOM   722  C  CD2 . LEU A 1 96  ? 5.324   -10.643 -3.232  1.00 33.71 ? 127 LEU A CD2 1 
ATOM   723  N  N   . LEU A 1 97  ? 6.081   -8.410  -7.691  1.00 33.74 ? 128 LEU A N   1 
ATOM   724  C  CA  . LEU A 1 97  ? 5.392   -7.235  -8.230  1.00 34.58 ? 128 LEU A CA  1 
ATOM   725  C  C   . LEU A 1 97  ? 5.094   -7.349  -9.726  1.00 34.41 ? 128 LEU A C   1 
ATOM   726  O  O   . LEU A 1 97  ? 4.091   -6.820  -10.207 1.00 33.23 ? 128 LEU A O   1 
ATOM   727  C  CB  . LEU A 1 97  ? 6.212   -5.973  -7.953  1.00 34.43 ? 128 LEU A CB  1 
ATOM   728  C  CG  . LEU A 1 97  ? 6.382   -5.633  -6.468  1.00 35.61 ? 128 LEU A CG  1 
ATOM   729  C  CD1 . LEU A 1 97  ? 7.262   -4.412  -6.334  1.00 34.00 ? 128 LEU A CD1 1 
ATOM   730  C  CD2 . LEU A 1 97  ? 5.012   -5.389  -5.823  1.00 35.72 ? 128 LEU A CD2 1 
ATOM   731  N  N   . GLU A 1 98  ? 5.968   -8.041  -10.456 1.00 35.05 ? 129 GLU A N   1 
ATOM   732  C  CA  . GLU A 1 98  ? 5.798   -8.232  -11.895 1.00 36.00 ? 129 GLU A CA  1 
ATOM   733  C  C   . GLU A 1 98  ? 5.003   -9.492  -12.234 1.00 36.31 ? 129 GLU A C   1 
ATOM   734  O  O   . GLU A 1 98  ? 4.812   -9.816  -13.404 1.00 38.44 ? 129 GLU A O   1 
ATOM   735  C  CB  . GLU A 1 98  ? 7.173   -8.286  -12.585 1.00 36.33 ? 129 GLU A CB  1 
ATOM   736  C  CG  . GLU A 1 98  ? 7.914   -6.955  -12.543 1.00 40.02 ? 129 GLU A CG  1 
ATOM   737  C  CD  . GLU A 1 98  ? 9.204   -6.938  -13.349 1.00 41.49 ? 129 GLU A CD  1 
ATOM   738  O  OE1 . GLU A 1 98  ? 9.728   -5.832  -13.597 1.00 41.42 ? 129 GLU A OE1 1 
ATOM   739  O  OE2 . GLU A 1 98  ? 9.700   -8.017  -13.728 1.00 41.21 ? 129 GLU A OE2 1 
ATOM   740  N  N   . ASN A 1 99  ? 4.525   -10.190 -11.211 1.00 36.82 ? 130 ASN A N   1 
ATOM   741  C  CA  . ASN A 1 99  ? 3.771   -11.427 -11.405 1.00 36.75 ? 130 ASN A CA  1 
ATOM   742  C  C   . ASN A 1 99  ? 2.269   -11.203 -11.585 1.00 40.07 ? 130 ASN A C   1 
ATOM   743  O  O   . ASN A 1 99  ? 1.572   -10.784 -10.658 1.00 36.97 ? 130 ASN A O   1 
ATOM   744  C  CB  . ASN A 1 99  ? 4.009   -12.359 -10.217 1.00 38.55 ? 130 ASN A CB  1 
ATOM   745  C  CG  . ASN A 1 99  ? 3.452   -13.759 -10.445 1.00 39.31 ? 130 ASN A CG  1 
ATOM   746  O  OD1 . ASN A 1 99  ? 3.603   -14.639 -9.600  1.00 41.04 ? 130 ASN A OD1 1 
ATOM   747  N  ND2 . ASN A 1 99  ? 2.813   -13.968 -11.585 1.00 37.95 ? 130 ASN A ND2 1 
ATOM   748  N  N   . LYS A 1 100 ? 1.775   -11.506 -12.780 1.00 40.35 ? 131 LYS A N   1 
ATOM   749  C  CA  . LYS A 1 100 ? 0.362   -11.343 -13.085 1.00 44.09 ? 131 LYS A CA  1 
ATOM   750  C  C   . LYS A 1 100 ? -0.519  -12.242 -12.226 1.00 43.12 ? 131 LYS A C   1 
ATOM   751  O  O   . LYS A 1 100 ? -1.716  -12.000 -12.095 1.00 44.10 ? 131 LYS A O   1 
ATOM   752  C  CB  . LYS A 1 100 ? 0.105   -11.639 -14.565 1.00 46.91 ? 131 LYS A CB  1 
ATOM   753  C  CG  . LYS A 1 100 ? 0.855   -10.715 -15.504 1.00 54.46 ? 131 LYS A CG  1 
ATOM   754  C  CD  . LYS A 1 100 ? 0.507   -10.961 -16.963 1.00 57.75 ? 131 LYS A CD  1 
ATOM   755  C  CE  . LYS A 1 100 ? 1.242   -9.976  -17.861 1.00 60.63 ? 131 LYS A CE  1 
ATOM   756  N  NZ  . LYS A 1 100 ? 0.862   -10.132 -19.293 1.00 64.49 ? 131 LYS A NZ  1 
ATOM   757  N  N   . ALA A 1 101 ? 0.075   -13.276 -11.643 1.00 42.82 ? 132 ALA A N   1 
ATOM   758  C  CA  . ALA A 1 101 ? -0.666  -14.215 -10.803 1.00 43.00 ? 132 ALA A CA  1 
ATOM   759  C  C   . ALA A 1 101 ? -1.224  -13.568 -9.534  1.00 43.48 ? 132 ALA A C   1 
ATOM   760  O  O   . ALA A 1 101 ? -2.221  -14.032 -8.978  1.00 43.12 ? 132 ALA A O   1 
ATOM   761  C  CB  . ALA A 1 101 ? 0.227   -15.390 -10.432 1.00 42.59 ? 132 ALA A CB  1 
ATOM   762  N  N   . VAL A 1 102 ? -0.573  -12.501 -9.077  1.00 42.68 ? 133 VAL A N   1 
ATOM   763  C  CA  . VAL A 1 102 ? -1.004  -11.800 -7.874  1.00 41.31 ? 133 VAL A CA  1 
ATOM   764  C  C   . VAL A 1 102 ? -1.515  -10.405 -8.197  1.00 40.03 ? 133 VAL A C   1 
ATOM   765  O  O   . VAL A 1 102 ? -0.825  -9.607  -8.830  1.00 38.32 ? 133 VAL A O   1 
ATOM   766  C  CB  . VAL A 1 102 ? 0.148   -11.680 -6.864  1.00 42.98 ? 133 VAL A CB  1 
ATOM   767  C  CG1 . VAL A 1 102 ? -0.301  -10.879 -5.651  1.00 41.01 ? 133 VAL A CG1 1 
ATOM   768  C  CG2 . VAL A 1 102 ? 0.605   -13.061 -6.446  1.00 42.51 ? 133 VAL A CG2 1 
ATOM   769  N  N   . LYS A 1 103 ? -2.734  -10.111 -7.758  1.00 40.22 ? 134 LYS A N   1 
ATOM   770  C  CA  . LYS A 1 103 ? -3.326  -8.802  -8.009  1.00 40.20 ? 134 LYS A CA  1 
ATOM   771  C  C   . LYS A 1 103 ? -2.964  -7.834  -6.881  1.00 37.11 ? 134 LYS A C   1 
ATOM   772  O  O   . LYS A 1 103 ? -2.963  -8.210  -5.713  1.00 35.80 ? 134 LYS A O   1 
ATOM   773  C  CB  . LYS A 1 103 ? -4.845  -8.932  -8.127  1.00 44.62 ? 134 LYS A CB  1 
ATOM   774  C  CG  . LYS A 1 103 ? -5.551  -7.645  -8.522  1.00 50.45 ? 134 LYS A CG  1 
ATOM   775  C  CD  . LYS A 1 103 ? -7.048  -7.862  -8.692  1.00 55.15 ? 134 LYS A CD  1 
ATOM   776  C  CE  . LYS A 1 103 ? -7.347  -8.869  -9.795  1.00 58.70 ? 134 LYS A CE  1 
ATOM   777  N  NZ  . LYS A 1 103 ? -8.812  -9.059  -9.996  1.00 60.81 ? 134 LYS A NZ  1 
ATOM   778  N  N   . LYS A 1 104 ? -2.640  -6.598  -7.243  1.00 37.15 ? 135 LYS A N   1 
ATOM   779  C  CA  . LYS A 1 104 ? -2.286  -5.579  -6.264  1.00 38.05 ? 135 LYS A CA  1 
ATOM   780  C  C   . LYS A 1 104 ? -3.351  -4.478  -6.285  1.00 38.58 ? 135 LYS A C   1 
ATOM   781  O  O   . LYS A 1 104 ? -3.561  -3.821  -7.309  1.00 38.35 ? 135 LYS A O   1 
ATOM   782  C  CB  . LYS A 1 104 ? -0.910  -4.978  -6.578  1.00 36.75 ? 135 LYS A CB  1 
ATOM   783  C  CG  . LYS A 1 104 ? 0.251   -5.982  -6.587  1.00 38.03 ? 135 LYS A CG  1 
ATOM   784  C  CD  . LYS A 1 104 ? 0.329   -6.735  -7.908  1.00 38.73 ? 135 LYS A CD  1 
ATOM   785  C  CE  . LYS A 1 104 ? 1.511   -7.693  -7.932  1.00 38.55 ? 135 LYS A CE  1 
ATOM   786  N  NZ  . LYS A 1 104 ? 1.594   -8.406  -9.232  1.00 35.85 ? 135 LYS A NZ  1 
ATOM   787  N  N   . ALA A 1 105 ? -4.022  -4.279  -5.155  1.00 40.62 ? 136 ALA A N   1 
ATOM   788  C  CA  . ALA A 1 105 ? -5.072  -3.267  -5.070  1.00 40.67 ? 136 ALA A CA  1 
ATOM   789  C  C   . ALA A 1 105 ? -4.626  -2.007  -4.339  1.00 42.17 ? 136 ALA A C   1 
ATOM   790  O  O   . ALA A 1 105 ? -3.864  -2.070  -3.374  1.00 43.09 ? 136 ALA A O   1 
ATOM   791  C  CB  . ALA A 1 105 ? -6.298  -3.855  -4.381  1.00 40.74 ? 136 ALA A CB  1 
ATOM   792  N  N   . GLY A 1 106 ? -5.114  -0.862  -4.812  1.00 42.35 ? 137 GLY A N   1 
ATOM   793  C  CA  . GLY A 1 106 ? -4.786  0.410   -4.196  1.00 42.07 ? 137 GLY A CA  1 
ATOM   794  C  C   . GLY A 1 106 ? -5.478  1.559   -4.906  1.00 41.63 ? 137 GLY A C   1 
ATOM   795  O  O   . GLY A 1 106 ? -6.200  1.349   -5.875  1.00 41.13 ? 137 GLY A O   1 
ATOM   796  N  N   . VAL A 1 107 ? -5.263  2.772   -4.416  1.00 42.27 ? 138 VAL A N   1 
ATOM   797  C  CA  . VAL A 1 107 ? -5.838  3.973   -5.013  1.00 41.99 ? 138 VAL A CA  1 
ATOM   798  C  C   . VAL A 1 107 ? -4.693  4.813   -5.570  1.00 42.95 ? 138 VAL A C   1 
ATOM   799  O  O   . VAL A 1 107 ? -3.739  5.116   -4.851  1.00 41.54 ? 138 VAL A O   1 
ATOM   800  C  CB  . VAL A 1 107 ? -6.607  4.809   -3.964  1.00 44.36 ? 138 VAL A CB  1 
ATOM   801  C  CG1 . VAL A 1 107 ? -6.979  6.166   -4.551  1.00 44.76 ? 138 VAL A CG1 1 
ATOM   802  C  CG2 . VAL A 1 107 ? -7.856  4.064   -3.523  1.00 44.59 ? 138 VAL A CG2 1 
ATOM   803  N  N   . GLY A 1 108 ? -4.796  5.193   -6.841  1.00 43.76 ? 139 GLY A N   1 
ATOM   804  C  CA  . GLY A 1 108 ? -3.746  5.973   -7.475  1.00 44.35 ? 139 GLY A CA  1 
ATOM   805  C  C   . GLY A 1 108 ? -2.583  5.052   -7.804  1.00 44.29 ? 139 GLY A C   1 
ATOM   806  O  O   . GLY A 1 108 ? -1.437  5.486   -7.960  1.00 43.88 ? 139 GLY A O   1 
ATOM   807  N  N   . ILE A 1 109 ? -2.900  3.769   -7.932  1.00 42.52 ? 140 ILE A N   1 
ATOM   808  C  CA  . ILE A 1 109 ? -1.901  2.743   -8.200  1.00 42.45 ? 140 ILE A CA  1 
ATOM   809  C  C   . ILE A 1 109 ? -1.248  2.864   -9.581  1.00 43.32 ? 140 ILE A C   1 
ATOM   810  O  O   . ILE A 1 109 ? -0.091  2.481   -9.756  1.00 42.72 ? 140 ILE A O   1 
ATOM   811  C  CB  . ILE A 1 109 ? -2.523  1.329   -7.969  1.00 42.15 ? 140 ILE A CB  1 
ATOM   812  C  CG1 . ILE A 1 109 ? -1.417  0.278   -7.840  1.00 42.55 ? 140 ILE A CG1 1 
ATOM   813  C  CG2 . ILE A 1 109 ? -3.502  0.989   -9.087  1.00 42.49 ? 140 ILE A CG2 1 
ATOM   814  C  CD1 . ILE A 1 109 ? -1.856  -0.978  -7.127  1.00 38.76 ? 140 ILE A CD1 1 
ATOM   815  N  N   . GLU A 1 110 ? -1.975  3.411   -10.555 1.00 43.38 ? 141 GLU A N   1 
ATOM   816  C  CA  . GLU A 1 110 ? -1.412  3.594   -11.889 1.00 43.45 ? 141 GLU A CA  1 
ATOM   817  C  C   . GLU A 1 110 ? -0.213  4.532   -11.774 1.00 42.05 ? 141 GLU A C   1 
ATOM   818  O  O   . GLU A 1 110 ? 0.795   4.366   -12.466 1.00 40.78 ? 141 GLU A O   1 
ATOM   819  C  CB  . GLU A 1 110 ? -2.443  4.192   -12.844 1.00 48.04 ? 141 GLU A CB  1 
ATOM   820  C  CG  . GLU A 1 110 ? -1.886  4.454   -14.235 1.00 54.12 ? 141 GLU A CG  1 
ATOM   821  C  CD  . GLU A 1 110 ? -2.953  4.860   -15.229 1.00 58.41 ? 141 GLU A CD  1 
ATOM   822  O  OE1 . GLU A 1 110 ? -3.598  5.911   -15.022 1.00 61.26 ? 141 GLU A OE1 1 
ATOM   823  O  OE2 . GLU A 1 110 ? -3.146  4.123   -16.220 1.00 61.93 ? 141 GLU A OE2 1 
ATOM   824  N  N   . GLY A 1 111 ? -0.334  5.521   -10.893 1.00 40.61 ? 142 GLY A N   1 
ATOM   825  C  CA  . GLY A 1 111 ? 0.754   6.453   -10.666 1.00 39.18 ? 142 GLY A CA  1 
ATOM   826  C  C   . GLY A 1 111 ? 1.905   5.760   -9.950  1.00 38.77 ? 142 GLY A C   1 
ATOM   827  O  O   . GLY A 1 111 ? 3.068   6.156   -10.095 1.00 39.31 ? 142 GLY A O   1 
ATOM   828  N  N   . ASP A 1 112 ? 1.593   4.728   -9.166  1.00 36.61 ? 143 ASP A N   1 
ATOM   829  C  CA  . ASP A 1 112 ? 2.643   3.990   -8.466  1.00 36.69 ? 143 ASP A CA  1 
ATOM   830  C  C   . ASP A 1 112 ? 3.423   3.187   -9.505  1.00 37.23 ? 143 ASP A C   1 
ATOM   831  O  O   . ASP A 1 112 ? 4.646   3.058   -9.422  1.00 35.58 ? 143 ASP A O   1 
ATOM   832  C  CB  . ASP A 1 112 ? 2.066   3.019   -7.429  1.00 38.50 ? 143 ASP A CB  1 
ATOM   833  C  CG  . ASP A 1 112 ? 1.345   3.720   -6.293  1.00 40.22 ? 143 ASP A CG  1 
ATOM   834  O  OD1 . ASP A 1 112 ? 1.816   4.784   -5.838  1.00 39.97 ? 143 ASP A OD1 1 
ATOM   835  O  OD2 . ASP A 1 112 ? 0.310   3.186   -5.847  1.00 43.35 ? 143 ASP A OD2 1 
ATOM   836  N  N   . GLN A 1 113 ? 2.695   2.628   -10.465 1.00 36.17 ? 144 GLN A N   1 
ATOM   837  C  CA  . GLN A 1 113 ? 3.297   1.857   -11.544 1.00 39.74 ? 144 GLN A CA  1 
ATOM   838  C  C   . GLN A 1 113 ? 4.355   2.711   -12.258 1.00 37.61 ? 144 GLN A C   1 
ATOM   839  O  O   . GLN A 1 113 ? 5.493   2.281   -12.455 1.00 38.99 ? 144 GLN A O   1 
ATOM   840  C  CB  . GLN A 1 113 ? 2.222   1.443   -12.545 1.00 40.44 ? 144 GLN A CB  1 
ATOM   841  C  CG  . GLN A 1 113 ? 2.758   0.718   -13.765 1.00 47.67 ? 144 GLN A CG  1 
ATOM   842  C  CD  . GLN A 1 113 ? 1.770   0.720   -14.919 1.00 51.49 ? 144 GLN A CD  1 
ATOM   843  O  OE1 . GLN A 1 113 ? 1.946   0.009   -15.904 1.00 55.86 ? 144 GLN A OE1 1 
ATOM   844  N  NE2 . GLN A 1 113 ? 0.727   1.535   -14.804 1.00 54.64 ? 144 GLN A NE2 1 
ATOM   845  N  N   A TRP A 1 114 ? 3.970   3.921   -12.643 0.50 34.80 ? 145 TRP A N   1 
ATOM   846  N  N   B TRP A 1 114 ? 3.978   3.929   -12.642 0.50 36.75 ? 145 TRP A N   1 
ATOM   847  C  CA  A TRP A 1 114 ? 4.883   4.826   -13.334 0.50 34.26 ? 145 TRP A CA  1 
ATOM   848  C  CA  B TRP A 1 114 ? 4.884   4.832   -13.340 0.50 37.58 ? 145 TRP A CA  1 
ATOM   849  C  C   A TRP A 1 114 ? 6.137   5.114   -12.515 0.50 35.12 ? 145 TRP A C   1 
ATOM   850  C  C   B TRP A 1 114 ? 6.134   5.103   -12.510 0.50 37.20 ? 145 TRP A C   1 
ATOM   851  O  O   A TRP A 1 114 ? 7.261   5.013   -13.024 0.50 33.59 ? 145 TRP A O   1 
ATOM   852  O  O   B TRP A 1 114 ? 7.261   5.013   -13.024 0.50 35.60 ? 145 TRP A O   1 
ATOM   853  C  CB  A TRP A 1 114 ? 4.184   6.153   -13.659 0.50 32.74 ? 145 TRP A CB  1 
ATOM   854  C  CB  B TRP A 1 114 ? 4.177   6.150   -13.659 0.50 40.00 ? 145 TRP A CB  1 
ATOM   855  C  CG  A TRP A 1 114 ? 5.125   7.202   -14.187 0.50 32.11 ? 145 TRP A CG  1 
ATOM   856  C  CG  B TRP A 1 114 ? 2.941   5.982   -14.490 0.50 44.33 ? 145 TRP A CG  1 
ATOM   857  C  CD1 A TRP A 1 114 ? 5.647   7.282   -15.453 0.50 31.48 ? 145 TRP A CD1 1 
ATOM   858  C  CD1 B TRP A 1 114 ? 2.205   5.224   -15.354 0.50 45.27 ? 145 TRP A CD1 1 
ATOM   859  C  CD2 A TRP A 1 114 ? 5.714   8.278   -13.444 0.50 33.33 ? 145 TRP A CD2 1 
ATOM   860  C  CD2 B TRP A 1 114 ? 2.146   7.135   -14.186 0.50 45.77 ? 145 TRP A CD2 1 
ATOM   861  N  NE1 A TRP A 1 114 ? 6.526   8.339   -15.537 0.50 28.06 ? 145 TRP A NE1 1 
ATOM   862  N  NE1 B TRP A 1 114 ? 0.999   5.836   -15.606 0.50 47.48 ? 145 TRP A NE1 1 
ATOM   863  C  CE2 A TRP A 1 114 ? 6.587   8.965   -14.320 0.50 33.34 ? 145 TRP A CE2 1 
ATOM   864  C  CE2 B TRP A 1 114 ? 0.939   7.010   -14.902 0.50 46.97 ? 145 TRP A CE2 1 
ATOM   865  C  CE3 A TRP A 1 114 ? 5.591   8.727   -12.120 0.50 35.53 ? 145 TRP A CE3 1 
ATOM   866  C  CE3 B TRP A 1 114 ? 2.363   8.290   -13.429 0.50 46.98 ? 145 TRP A CE3 1 
ATOM   867  C  CZ2 A TRP A 1 114 ? 7.335   10.079  -13.915 0.50 33.90 ? 145 TRP A CZ2 1 
ATOM   868  C  CZ2 B TRP A 1 114 ? -0.049  7.993   -14.883 0.50 47.50 ? 145 TRP A CZ2 1 
ATOM   869  C  CZ3 A TRP A 1 114 ? 6.336   9.835   -11.717 0.50 35.72 ? 145 TRP A CZ3 1 
ATOM   870  C  CZ3 B TRP A 1 114 ? 1.383   9.265   -13.411 0.50 47.02 ? 145 TRP A CZ3 1 
ATOM   871  C  CH2 A TRP A 1 114 ? 7.198   10.497  -12.615 0.50 36.22 ? 145 TRP A CH2 1 
ATOM   872  C  CH2 B TRP A 1 114 ? 0.191   9.111   -14.132 0.50 46.81 ? 145 TRP A CH2 1 
ATOM   873  N  N   . LYS A 1 115 ? 5.950   5.479   -11.248 1.00 36.51 ? 146 LYS A N   1 
ATOM   874  C  CA  . LYS A 1 115 ? 7.080   5.808   -10.386 1.00 37.80 ? 146 LYS A CA  1 
ATOM   875  C  C   . LYS A 1 115 ? 7.967   4.606   -10.120 1.00 38.53 ? 146 LYS A C   1 
ATOM   876  O  O   . LYS A 1 115 ? 9.193   4.727   -10.043 1.00 38.41 ? 146 LYS A O   1 
ATOM   877  C  CB  . LYS A 1 115 ? 6.588   6.407   -9.061  1.00 40.07 ? 146 LYS A CB  1 
ATOM   878  C  CG  . LYS A 1 115 ? 7.710   6.855   -8.136  1.00 38.79 ? 146 LYS A CG  1 
ATOM   879  C  CD  . LYS A 1 115 ? 7.229   7.905   -7.142  1.00 40.68 ? 146 LYS A CD  1 
ATOM   880  C  CE  . LYS A 1 115 ? 8.341   8.300   -6.173  1.00 39.37 ? 146 LYS A CE  1 
ATOM   881  N  NZ  . LYS A 1 115 ? 9.563   8.757   -6.888  1.00 39.00 ? 146 LYS A NZ  1 
ATOM   882  N  N   . LEU A 1 116 ? 7.344   3.442   -9.995  1.00 38.97 ? 147 LEU A N   1 
ATOM   883  C  CA  . LEU A 1 116 ? 8.081   2.215   -9.744  1.00 39.72 ? 147 LEU A CA  1 
ATOM   884  C  C   . LEU A 1 116 ? 8.989   1.924   -10.942 1.00 38.26 ? 147 LEU A C   1 
ATOM   885  O  O   . LEU A 1 116 ? 10.143  1.502   -10.779 1.00 36.96 ? 147 LEU A O   1 
ATOM   886  C  CB  . LEU A 1 116 ? 7.095   1.070   -9.530  1.00 41.47 ? 147 LEU A CB  1 
ATOM   887  C  CG  . LEU A 1 116 ? 7.417   0.023   -8.464  1.00 46.11 ? 147 LEU A CG  1 
ATOM   888  C  CD1 . LEU A 1 116 ? 7.832   0.693   -7.156  1.00 45.00 ? 147 LEU A CD1 1 
ATOM   889  C  CD2 . LEU A 1 116 ? 6.181   -0.839  -8.251  1.00 46.04 ? 147 LEU A CD2 1 
ATOM   890  N  N   . LEU A 1 117 ? 8.460   2.154   -12.142 1.00 35.82 ? 148 LEU A N   1 
ATOM   891  C  CA  . LEU A 1 117 ? 9.224   1.922   -13.363 1.00 34.86 ? 148 LEU A CA  1 
ATOM   892  C  C   . LEU A 1 117 ? 10.376  2.918   -13.450 1.00 35.48 ? 148 LEU A C   1 
ATOM   893  O  O   . LEU A 1 117 ? 11.513  2.537   -13.719 1.00 34.24 ? 148 LEU A O   1 
ATOM   894  C  CB  . LEU A 1 117 ? 8.328   2.062   -14.594 1.00 34.56 ? 148 LEU A CB  1 
ATOM   895  C  CG  . LEU A 1 117 ? 8.948   1.669   -15.947 1.00 37.14 ? 148 LEU A CG  1 
ATOM   896  C  CD1 . LEU A 1 117 ? 9.261   0.173   -15.941 1.00 38.03 ? 148 LEU A CD1 1 
ATOM   897  C  CD2 . LEU A 1 117 ? 7.989   1.999   -17.089 1.00 33.36 ? 148 LEU A CD2 1 
ATOM   898  N  N   . ARG A 1 118 ? 10.084  4.191   -13.207 1.00 35.56 ? 149 ARG A N   1 
ATOM   899  C  CA  . ARG A 1 118 ? 11.110  5.227   -13.267 1.00 37.14 ? 149 ARG A CA  1 
ATOM   900  C  C   . ARG A 1 118 ? 12.195  5.006   -12.229 1.00 37.24 ? 149 ARG A C   1 
ATOM   901  O  O   . ARG A 1 118 ? 13.379  5.109   -12.532 1.00 34.33 ? 149 ARG A O   1 
ATOM   902  C  CB  . ARG A 1 118 ? 10.497  6.621   -13.059 1.00 36.29 ? 149 ARG A CB  1 
ATOM   903  C  CG  . ARG A 1 118 ? 9.760   7.182   -14.278 1.00 37.47 ? 149 ARG A CG  1 
ATOM   904  C  CD  . ARG A 1 118 ? 10.740  7.602   -15.372 1.00 36.45 ? 149 ARG A CD  1 
ATOM   905  N  NE  . ARG A 1 118 ? 11.701  8.577   -14.866 1.00 32.68 ? 149 ARG A NE  1 
ATOM   906  C  CZ  . ARG A 1 118 ? 11.580  9.902   -14.983 1.00 33.33 ? 149 ARG A CZ  1 
ATOM   907  N  NH1 . ARG A 1 118 ? 10.538  10.443  -15.609 1.00 31.79 ? 149 ARG A NH1 1 
ATOM   908  N  NH2 . ARG A 1 118 ? 12.494  10.687  -14.438 1.00 30.21 ? 149 ARG A NH2 1 
ATOM   909  N  N   . ASP A 1 119 ? 11.791  4.677   -11.007 1.00 37.91 ? 150 ASP A N   1 
ATOM   910  C  CA  . ASP A 1 119 ? 12.753  4.485   -9.934  1.00 38.61 ? 150 ASP A CA  1 
ATOM   911  C  C   . ASP A 1 119 ? 13.565  3.198   -9.922  1.00 38.31 ? 150 ASP A C   1 
ATOM   912  O  O   . ASP A 1 119 ? 14.755  3.228   -9.617  1.00 37.46 ? 150 ASP A O   1 
ATOM   913  C  CB  . ASP A 1 119 ? 12.059  4.650   -8.581  1.00 40.35 ? 150 ASP A CB  1 
ATOM   914  C  CG  . ASP A 1 119 ? 11.641  6.085   -8.314  1.00 41.48 ? 150 ASP A CG  1 
ATOM   915  O  OD1 . ASP A 1 119 ? 11.974  6.962   -9.140  1.00 40.76 ? 150 ASP A OD1 1 
ATOM   916  O  OD2 . ASP A 1 119 ? 10.987  6.335   -7.278  1.00 40.95 ? 150 ASP A OD2 1 
ATOM   917  N  N   . PHE A 1 120 ? 12.944  2.074   -10.256 1.00 37.67 ? 151 PHE A N   1 
ATOM   918  C  CA  . PHE A 1 120 ? 13.660  0.803   -10.212 1.00 39.21 ? 151 PHE A CA  1 
ATOM   919  C  C   . PHE A 1 120 ? 13.579  -0.048  -11.469 1.00 39.80 ? 151 PHE A C   1 
ATOM   920  O  O   . PHE A 1 120 ? 14.091  -1.169  -11.488 1.00 39.08 ? 151 PHE A O   1 
ATOM   921  C  CB  . PHE A 1 120 ? 13.156  -0.045  -9.039  1.00 39.40 ? 151 PHE A CB  1 
ATOM   922  C  CG  . PHE A 1 120 ? 13.260  0.633   -7.706  1.00 38.60 ? 151 PHE A CG  1 
ATOM   923  C  CD1 . PHE A 1 120 ? 12.129  1.158   -7.089  1.00 41.40 ? 151 PHE A CD1 1 
ATOM   924  C  CD2 . PHE A 1 120 ? 14.481  0.729   -7.056  1.00 38.08 ? 151 PHE A CD2 1 
ATOM   925  C  CE1 . PHE A 1 120 ? 12.217  1.767   -5.836  1.00 39.85 ? 151 PHE A CE1 1 
ATOM   926  C  CE2 . PHE A 1 120 ? 14.577  1.336   -5.804  1.00 42.81 ? 151 PHE A CE2 1 
ATOM   927  C  CZ  . PHE A 1 120 ? 13.438  1.855   -5.196  1.00 38.02 ? 151 PHE A CZ  1 
ATOM   928  N  N   . ASP A 1 121 ? 12.933  0.470   -12.508 1.00 40.27 ? 152 ASP A N   1 
ATOM   929  C  CA  . ASP A 1 121 ? 12.783  -0.264  -13.759 1.00 41.57 ? 152 ASP A CA  1 
ATOM   930  C  C   . ASP A 1 121 ? 12.020  -1.568  -13.516 1.00 43.35 ? 152 ASP A C   1 
ATOM   931  O  O   . ASP A 1 121 ? 12.343  -2.619  -14.074 1.00 43.68 ? 152 ASP A O   1 
ATOM   932  C  CB  . ASP A 1 121 ? 14.159  -0.545  -14.374 1.00 45.18 ? 152 ASP A CB  1 
ATOM   933  C  CG  . ASP A 1 121 ? 14.070  -1.103  -15.784 1.00 47.38 ? 152 ASP A CG  1 
ATOM   934  O  OD1 . ASP A 1 121 ? 13.203  -0.650  -16.558 1.00 46.64 ? 152 ASP A OD1 1 
ATOM   935  O  OD2 . ASP A 1 121 ? 14.879  -1.989  -16.123 1.00 51.42 ? 152 ASP A OD2 1 
ATOM   936  N  N   . ILE A 1 122 ? 11.001  -1.487  -12.666 1.00 41.23 ? 153 ILE A N   1 
ATOM   937  C  CA  . ILE A 1 122 ? 10.164  -2.636  -12.352 1.00 40.22 ? 153 ILE A CA  1 
ATOM   938  C  C   . ILE A 1 122 ? 8.788   -2.392  -12.948 1.00 39.54 ? 153 ILE A C   1 
ATOM   939  O  O   . ILE A 1 122 ? 8.249   -1.298  -12.822 1.00 39.03 ? 153 ILE A O   1 
ATOM   940  C  CB  . ILE A 1 122 ? 10.046  -2.824  -10.831 1.00 42.73 ? 153 ILE A CB  1 
ATOM   941  C  CG1 . ILE A 1 122 ? 11.375  -3.348  -10.295 1.00 44.67 ? 153 ILE A CG1 1 
ATOM   942  C  CG2 . ILE A 1 122 ? 8.896   -3.770  -10.495 1.00 42.25 ? 153 ILE A CG2 1 
ATOM   943  C  CD1 . ILE A 1 122 ? 11.487  -3.279  -8.816  1.00 49.62 ? 153 ILE A CD1 1 
ATOM   944  N  N   . LYS A 1 123 ? 8.230   -3.410  -13.600 1.00 37.88 ? 154 LYS A N   1 
ATOM   945  C  CA  . LYS A 1 123 ? 6.922   -3.292  -14.233 1.00 37.82 ? 154 LYS A CA  1 
ATOM   946  C  C   . LYS A 1 123 ? 5.821   -3.910  -13.382 1.00 38.05 ? 154 LYS A C   1 
ATOM   947  O  O   . LYS A 1 123 ? 5.580   -5.120  -13.443 1.00 36.18 ? 154 LYS A O   1 
ATOM   948  C  CB  . LYS A 1 123 ? 6.939   -3.971  -15.609 1.00 39.39 ? 154 LYS A CB  1 
ATOM   949  C  CG  . LYS A 1 123 ? 7.924   -3.356  -16.596 1.00 42.67 ? 154 LYS A CG  1 
ATOM   950  C  CD  . LYS A 1 123 ? 7.901   -4.074  -17.943 1.00 45.29 ? 154 LYS A CD  1 
ATOM   951  C  CE  . LYS A 1 123 ? 8.811   -3.377  -18.955 1.00 47.19 ? 154 LYS A CE  1 
ATOM   952  N  NZ  . LYS A 1 123 ? 8.724   -3.984  -20.314 1.00 46.62 ? 154 LYS A NZ  1 
ATOM   953  N  N   . LEU A 1 124 ? 5.155   -3.079  -12.583 1.00 37.64 ? 155 LEU A N   1 
ATOM   954  C  CA  . LEU A 1 124 ? 4.073   -3.558  -11.729 1.00 38.03 ? 155 LEU A CA  1 
ATOM   955  C  C   . LEU A 1 124 ? 3.044   -4.223  -12.631 1.00 36.86 ? 155 LEU A C   1 
ATOM   956  O  O   . LEU A 1 124 ? 2.566   -3.624  -13.584 1.00 39.29 ? 155 LEU A O   1 
ATOM   957  C  CB  . LEU A 1 124 ? 3.438   -2.390  -10.970 1.00 38.68 ? 155 LEU A CB  1 
ATOM   958  C  CG  . LEU A 1 124 ? 2.340   -2.763  -9.971  1.00 39.55 ? 155 LEU A CG  1 
ATOM   959  C  CD1 . LEU A 1 124 ? 2.902   -3.691  -8.884  1.00 36.78 ? 155 LEU A CD1 1 
ATOM   960  C  CD2 . LEU A 1 124 ? 1.781   -1.486  -9.357  1.00 38.79 ? 155 LEU A CD2 1 
ATOM   961  N  N   . LYS A 1 125 ? 2.689   -5.461  -12.332 1.00 38.29 ? 156 LYS A N   1 
ATOM   962  C  CA  . LYS A 1 125 ? 1.754   -6.168  -13.191 1.00 40.42 ? 156 LYS A CA  1 
ATOM   963  C  C   . LYS A 1 125 ? 0.477   -6.603  -12.482 1.00 39.72 ? 156 LYS A C   1 
ATOM   964  O  O   . LYS A 1 125 ? 0.513   -7.051  -11.340 1.00 37.30 ? 156 LYS A O   1 
ATOM   965  C  CB  . LYS A 1 125 ? 2.462   -7.390  -13.782 1.00 43.51 ? 156 LYS A CB  1 
ATOM   966  C  CG  . LYS A 1 125 ? 1.998   -7.781  -15.165 1.00 49.74 ? 156 LYS A CG  1 
ATOM   967  C  CD  . LYS A 1 125 ? 2.394   -6.751  -16.205 1.00 51.65 ? 156 LYS A CD  1 
ATOM   968  C  CE  . LYS A 1 125 ? 3.899   -6.662  -16.352 1.00 55.81 ? 156 LYS A CE  1 
ATOM   969  N  NZ  . LYS A 1 125 ? 4.270   -5.676  -17.404 1.00 56.40 ? 156 LYS A NZ  1 
ATOM   970  N  N   . ASN A 1 126 ? -0.651  -6.470  -13.174 1.00 39.51 ? 157 ASN A N   1 
ATOM   971  C  CA  . ASN A 1 126 ? -1.949  -6.864  -12.632 1.00 41.35 ? 157 ASN A CA  1 
ATOM   972  C  C   . ASN A 1 126 ? -2.349  -6.066  -11.383 1.00 41.31 ? 157 ASN A C   1 
ATOM   973  O  O   . ASN A 1 126 ? -2.516  -6.622  -10.300 1.00 41.28 ? 157 ASN A O   1 
ATOM   974  C  CB  . ASN A 1 126 ? -1.951  -8.365  -12.308 1.00 40.87 ? 157 ASN A CB  1 
ATOM   975  C  CG  . ASN A 1 126 ? -3.342  -8.896  -11.982 1.00 45.80 ? 157 ASN A CG  1 
ATOM   976  O  OD1 . ASN A 1 126 ? -3.506  -10.064 -11.624 1.00 48.39 ? 157 ASN A OD1 1 
ATOM   977  N  ND2 . ASN A 1 126 ? -4.349  -8.040  -12.108 1.00 45.51 ? 157 ASN A ND2 1 
ATOM   978  N  N   . PHE A 1 127 ? -2.480  -4.756  -11.537 1.00 42.34 ? 158 PHE A N   1 
ATOM   979  C  CA  . PHE A 1 127 ? -2.891  -3.915  -10.425 1.00 42.98 ? 158 PHE A CA  1 
ATOM   980  C  C   . PHE A 1 127 ? -4.318  -3.485  -10.716 1.00 43.11 ? 158 PHE A C   1 
ATOM   981  O  O   . PHE A 1 127 ? -4.762  -3.535  -11.863 1.00 42.53 ? 158 PHE A O   1 
ATOM   982  C  CB  . PHE A 1 127 ? -1.997  -2.675  -10.301 1.00 43.51 ? 158 PHE A CB  1 
ATOM   983  C  CG  . PHE A 1 127 ? -1.844  -1.900  -11.583 1.00 48.13 ? 158 PHE A CG  1 
ATOM   984  C  CD1 . PHE A 1 127 ? -0.847  -2.237  -12.501 1.00 48.64 ? 158 PHE A CD1 1 
ATOM   985  C  CD2 . PHE A 1 127 ? -2.698  -0.841  -11.879 1.00 46.64 ? 158 PHE A CD2 1 
ATOM   986  C  CE1 . PHE A 1 127 ? -0.707  -1.526  -13.694 1.00 49.21 ? 158 PHE A CE1 1 
ATOM   987  C  CE2 . PHE A 1 127 ? -2.567  -0.125  -13.069 1.00 49.14 ? 158 PHE A CE2 1 
ATOM   988  C  CZ  . PHE A 1 127 ? -1.568  -0.470  -13.979 1.00 49.01 ? 158 PHE A CZ  1 
ATOM   989  N  N   . VAL A 1 128 ? -5.041  -3.082  -9.679  1.00 42.89 ? 159 VAL A N   1 
ATOM   990  C  CA  . VAL A 1 128 ? -6.413  -2.624  -9.855  1.00 43.25 ? 159 VAL A CA  1 
ATOM   991  C  C   . VAL A 1 128 ? -6.660  -1.345  -9.074  1.00 42.46 ? 159 VAL A C   1 
ATOM   992  O  O   . VAL A 1 128 ? -6.382  -1.265  -7.873  1.00 40.34 ? 159 VAL A O   1 
ATOM   993  C  CB  . VAL A 1 128 ? -7.451  -3.680  -9.395  1.00 44.74 ? 159 VAL A CB  1 
ATOM   994  C  CG1 . VAL A 1 128 ? -7.336  -4.926  -10.251 1.00 47.77 ? 159 VAL A CG1 1 
ATOM   995  C  CG2 . VAL A 1 128 ? -7.254  -4.011  -7.930  1.00 42.56 ? 159 VAL A CG2 1 
ATOM   996  N  N   . GLU A 1 129 ? -7.162  -0.337  -9.776  1.00 41.58 ? 160 GLU A N   1 
ATOM   997  C  CA  . GLU A 1 129 ? -7.481  0.933   -9.162  1.00 43.97 ? 160 GLU A CA  1 
ATOM   998  C  C   . GLU A 1 129 ? -8.778  0.716   -8.387  1.00 43.79 ? 160 GLU A C   1 
ATOM   999  O  O   . GLU A 1 129 ? -9.820  0.424   -8.969  1.00 44.15 ? 160 GLU A O   1 
ATOM   1000 C  CB  . GLU A 1 129 ? -7.661  2.008   -10.235 1.00 44.95 ? 160 GLU A CB  1 
ATOM   1001 C  CG  . GLU A 1 129 ? -8.258  3.291   -9.704  1.00 46.23 ? 160 GLU A CG  1 
ATOM   1002 C  CD  . GLU A 1 129 ? -7.514  3.818   -8.499  1.00 46.69 ? 160 GLU A CD  1 
ATOM   1003 O  OE1 . GLU A 1 129 ? -8.182  4.210   -7.521  1.00 47.60 ? 160 GLU A OE1 1 
ATOM   1004 O  OE2 . GLU A 1 129 ? -6.265  3.850   -8.531  1.00 47.91 ? 160 GLU A OE2 1 
ATOM   1005 N  N   . LEU A 1 130 ? -8.695  0.834   -7.069  1.00 43.00 ? 161 LEU A N   1 
ATOM   1006 C  CA  . LEU A 1 130 ? -9.844  0.639   -6.196  1.00 43.87 ? 161 LEU A CA  1 
ATOM   1007 C  C   . LEU A 1 130 ? -11.024 1.559   -6.527  1.00 44.02 ? 161 LEU A C   1 
ATOM   1008 O  O   . LEU A 1 130 ? -12.182 1.209   -6.283  1.00 41.94 ? 161 LEU A O   1 
ATOM   1009 C  CB  . LEU A 1 130 ? -9.414  0.827   -4.740  1.00 42.12 ? 161 LEU A CB  1 
ATOM   1010 C  CG  . LEU A 1 130 ? -9.321  -0.405  -3.827  1.00 45.68 ? 161 LEU A CG  1 
ATOM   1011 C  CD1 . LEU A 1 130 ? -9.582  -1.687  -4.605  1.00 40.66 ? 161 LEU A CD1 1 
ATOM   1012 C  CD2 . LEU A 1 130 ? -7.957  -0.431  -3.141  1.00 42.56 ? 161 LEU A CD2 1 
ATOM   1013 N  N   . THR A 1 131 ? -10.724 2.733   -7.075  1.00 45.62 ? 162 THR A N   1 
ATOM   1014 C  CA  . THR A 1 131 ? -11.761 3.689   -7.450  1.00 46.94 ? 162 THR A CA  1 
ATOM   1015 C  C   . THR A 1 131 ? -12.717 3.074   -8.467  1.00 47.05 ? 162 THR A C   1 
ATOM   1016 O  O   . THR A 1 131 ? -13.927 3.298   -8.405  1.00 46.83 ? 162 THR A O   1 
ATOM   1017 C  CB  . THR A 1 131 ? -11.156 4.966   -8.072  1.00 48.27 ? 162 THR A CB  1 
ATOM   1018 O  OG1 . THR A 1 131 ? -10.398 5.670   -7.083  1.00 51.91 ? 162 THR A OG1 1 
ATOM   1019 C  CG2 . THR A 1 131 ? -12.259 5.881   -8.595  1.00 50.85 ? 162 THR A CG2 1 
ATOM   1020 N  N   . ASP A 1 132 ? -12.169 2.297   -9.400  1.00 46.02 ? 163 ASP A N   1 
ATOM   1021 C  CA  . ASP A 1 132 ? -12.978 1.663   -10.433 1.00 45.69 ? 163 ASP A CA  1 
ATOM   1022 C  C   . ASP A 1 132 ? -13.715 0.448   -9.906  1.00 43.53 ? 163 ASP A C   1 
ATOM   1023 O  O   . ASP A 1 132 ? -14.845 0.178   -10.304 1.00 43.02 ? 163 ASP A O   1 
ATOM   1024 C  CB  . ASP A 1 132 ? -12.110 1.257   -11.631 1.00 49.22 ? 163 ASP A CB  1 
ATOM   1025 C  CG  . ASP A 1 132 ? -11.408 2.439   -12.265 1.00 51.11 ? 163 ASP A CG  1 
ATOM   1026 O  OD1 . ASP A 1 132 ? -12.044 3.503   -12.406 1.00 54.60 ? 163 ASP A OD1 1 
ATOM   1027 O  OD2 . ASP A 1 132 ? -10.224 2.302   -12.631 1.00 54.59 ? 163 ASP A OD2 1 
ATOM   1028 N  N   . VAL A 1 133 ? -13.072 -0.300  -9.018  1.00 42.41 ? 164 VAL A N   1 
ATOM   1029 C  CA  . VAL A 1 133 ? -13.714 -1.470  -8.441  1.00 40.90 ? 164 VAL A CA  1 
ATOM   1030 C  C   . VAL A 1 133 ? -14.935 -1.018  -7.616  1.00 40.21 ? 164 VAL A C   1 
ATOM   1031 O  O   . VAL A 1 133 ? -15.978 -1.671  -7.623  1.00 36.94 ? 164 VAL A O   1 
ATOM   1032 C  CB  . VAL A 1 133 ? -12.758 -2.227  -7.509  1.00 42.13 ? 164 VAL A CB  1 
ATOM   1033 C  CG1 . VAL A 1 133 ? -13.413 -3.519  -7.030  1.00 41.92 ? 164 VAL A CG1 1 
ATOM   1034 C  CG2 . VAL A 1 133 ? -11.445 -2.512  -8.235  1.00 44.59 ? 164 VAL A CG2 1 
ATOM   1035 N  N   . ALA A 1 134 ? -14.784 0.097   -6.911  1.00 37.59 ? 165 ALA A N   1 
ATOM   1036 C  CA  . ALA A 1 134 ? -15.852 0.635   -6.072  1.00 39.36 ? 165 ALA A CA  1 
ATOM   1037 C  C   . ALA A 1 134 ? -17.032 1.130   -6.909  1.00 38.98 ? 165 ALA A C   1 
ATOM   1038 O  O   . ALA A 1 134 ? -18.179 0.760   -6.664  1.00 39.51 ? 165 ALA A O   1 
ATOM   1039 C  CB  . ALA A 1 134 ? -15.303 1.772   -5.198  1.00 34.24 ? 165 ALA A CB  1 
ATOM   1040 N  N   . ASN A 1 135 ? -16.752 1.968   -7.899  1.00 41.18 ? 166 ASN A N   1 
ATOM   1041 C  CA  . ASN A 1 135 ? -17.810 2.478   -8.763  1.00 41.05 ? 166 ASN A CA  1 
ATOM   1042 C  C   . ASN A 1 135 ? -18.550 1.312   -9.397  1.00 43.22 ? 166 ASN A C   1 
ATOM   1043 O  O   . ASN A 1 135 ? -19.777 1.321   -9.516  1.00 40.96 ? 166 ASN A O   1 
ATOM   1044 C  CB  . ASN A 1 135 ? -17.218 3.377   -9.849  1.00 39.17 ? 166 ASN A CB  1 
ATOM   1045 C  CG  . ASN A 1 135 ? -16.886 4.755   -9.335  1.00 39.46 ? 166 ASN A CG  1 
ATOM   1046 O  OD1 . ASN A 1 135 ? -16.127 5.504   -9.957  1.00 41.42 ? 166 ASN A OD1 1 
ATOM   1047 N  ND2 . ASN A 1 135 ? -17.468 5.109   -8.200  1.00 36.86 ? 166 ASN A ND2 1 
ATOM   1048 N  N   . LYS A 1 136 ? -17.797 0.294   -9.790  1.00 44.15 ? 167 LYS A N   1 
ATOM   1049 C  CA  . LYS A 1 136 ? -18.394 -0.872  -10.415 1.00 44.68 ? 167 LYS A CA  1 
ATOM   1050 C  C   . LYS A 1 136 ? -19.308 -1.664  -9.485  1.00 44.48 ? 167 LYS A C   1 
ATOM   1051 O  O   . LYS A 1 136 ? -20.478 -1.884  -9.794  1.00 44.06 ? 167 LYS A O   1 
ATOM   1052 C  CB  . LYS A 1 136 ? -17.298 -1.791  -10.962 1.00 48.44 ? 167 LYS A CB  1 
ATOM   1053 C  CG  . LYS A 1 136 ? -17.822 -3.076  -11.581 1.00 52.44 ? 167 LYS A CG  1 
ATOM   1054 C  CD  . LYS A 1 136 ? -18.778 -2.790  -12.725 1.00 57.56 ? 167 LYS A CD  1 
ATOM   1055 C  CE  . LYS A 1 136 ? -19.331 -4.077  -13.320 1.00 61.36 ? 167 LYS A CE  1 
ATOM   1056 N  NZ  . LYS A 1 136 ? -20.248 -3.810  -14.468 1.00 64.17 ? 167 LYS A NZ  1 
ATOM   1057 N  N   . LYS A 1 137 ? -18.779 -2.084  -8.341  1.00 43.24 ? 168 LYS A N   1 
ATOM   1058 C  CA  . LYS A 1 137 ? -19.558 -2.890  -7.409  1.00 43.23 ? 168 LYS A CA  1 
ATOM   1059 C  C   . LYS A 1 137 ? -20.588 -2.138  -6.560  1.00 42.37 ? 168 LYS A C   1 
ATOM   1060 O  O   . LYS A 1 137 ? -21.579 -2.723  -6.135  1.00 41.72 ? 168 LYS A O   1 
ATOM   1061 C  CB  . LYS A 1 137 ? -18.609 -3.679  -6.507  1.00 46.10 ? 168 LYS A CB  1 
ATOM   1062 C  CG  . LYS A 1 137 ? -17.544 -4.429  -7.294  1.00 50.28 ? 168 LYS A CG  1 
ATOM   1063 C  CD  . LYS A 1 137 ? -17.408 -5.871  -6.841  1.00 54.12 ? 168 LYS A CD  1 
ATOM   1064 C  CE  . LYS A 1 137 ? -18.674 -6.665  -7.113  1.00 53.07 ? 168 LYS A CE  1 
ATOM   1065 N  NZ  . LYS A 1 137 ? -18.506 -8.086  -6.700  1.00 54.73 ? 168 LYS A NZ  1 
ATOM   1066 N  N   . LEU A 1 138 ? -20.351 -0.854  -6.318  1.00 40.67 ? 169 LEU A N   1 
ATOM   1067 C  CA  . LEU A 1 138 ? -21.266 -0.035  -5.524  1.00 42.02 ? 169 LEU A CA  1 
ATOM   1068 C  C   . LEU A 1 138 ? -22.322 0.613   -6.418  1.00 41.67 ? 169 LEU A C   1 
ATOM   1069 O  O   . LEU A 1 138 ? -23.247 1.279   -5.933  1.00 39.01 ? 169 LEU A O   1 
ATOM   1070 C  CB  . LEU A 1 138 ? -20.477 1.039   -4.772  1.00 41.56 ? 169 LEU A CB  1 
ATOM   1071 C  CG  . LEU A 1 138 ? -20.051 0.753   -3.326  1.00 45.21 ? 169 LEU A CG  1 
ATOM   1072 C  CD1 . LEU A 1 138 ? -19.917 -0.741  -3.069  1.00 44.69 ? 169 LEU A CD1 1 
ATOM   1073 C  CD2 . LEU A 1 138 ? -18.760 1.489   -3.041  1.00 43.76 ? 169 LEU A CD2 1 
ATOM   1074 N  N   . LYS A 1 139 ? -22.175 0.407   -7.725  1.00 41.80 ? 170 LYS A N   1 
ATOM   1075 C  CA  . LYS A 1 139 ? -23.097 0.947   -8.720  1.00 42.58 ? 170 LYS A CA  1 
ATOM   1076 C  C   . LYS A 1 139 ? -23.208 2.459   -8.625  1.00 41.79 ? 170 LYS A C   1 
ATOM   1077 O  O   . LYS A 1 139 ? -24.299 3.000   -8.438  1.00 40.81 ? 170 LYS A O   1 
ATOM   1078 C  CB  . LYS A 1 139 ? -24.483 0.324   -8.548  1.00 46.69 ? 170 LYS A CB  1 
ATOM   1079 C  CG  . LYS A 1 139 ? -24.524 -1.172  -8.774  1.00 51.12 ? 170 LYS A CG  1 
ATOM   1080 C  CD  . LYS A 1 139 ? -25.929 -1.702  -8.550  1.00 56.52 ? 170 LYS A CD  1 
ATOM   1081 C  CE  . LYS A 1 139 ? -26.008 -3.198  -8.795  1.00 60.48 ? 170 LYS A CE  1 
ATOM   1082 N  NZ  . LYS A 1 139 ? -27.375 -3.721  -8.513  1.00 63.79 ? 170 LYS A NZ  1 
ATOM   1083 N  N   . CYS A 1 140 ? -22.073 3.138   -8.756  1.00 39.11 ? 171 CYS A N   1 
ATOM   1084 C  CA  . CYS A 1 140 ? -22.041 4.590   -8.688  1.00 40.41 ? 171 CYS A CA  1 
ATOM   1085 C  C   . CYS A 1 140 ? -20.947 5.125   -9.594  1.00 41.12 ? 171 CYS A C   1 
ATOM   1086 O  O   . CYS A 1 140 ? -20.269 4.363   -10.279 1.00 41.76 ? 171 CYS A O   1 
ATOM   1087 C  CB  . CYS A 1 140 ? -21.787 5.046   -7.247  1.00 39.95 ? 171 CYS A CB  1 
ATOM   1088 S  SG  . CYS A 1 140 ? -20.322 4.292   -6.475  1.00 41.70 ? 171 CYS A SG  1 
ATOM   1089 N  N   . THR A 1 141 ? -20.783 6.441   -9.590  1.00 41.39 ? 172 THR A N   1 
ATOM   1090 C  CA  . THR A 1 141 ? -19.770 7.096   -10.402 1.00 44.19 ? 172 THR A CA  1 
ATOM   1091 C  C   . THR A 1 141 ? -19.187 8.204   -9.542  1.00 44.48 ? 172 THR A C   1 
ATOM   1092 O  O   . THR A 1 141 ? -19.521 9.376   -9.700  1.00 46.19 ? 172 THR A O   1 
ATOM   1093 C  CB  . THR A 1 141 ? -20.384 7.702   -11.685 1.00 46.25 ? 172 THR A CB  1 
ATOM   1094 O  OG1 . THR A 1 141 ? -21.105 6.686   -12.398 1.00 47.04 ? 172 THR A OG1 1 
ATOM   1095 C  CG2 . THR A 1 141 ? -19.291 8.251   -12.593 1.00 48.10 ? 172 THR A CG2 1 
ATOM   1096 N  N   . GLU A 1 142 ? -18.313 7.818   -8.621  1.00 46.83 ? 173 GLU A N   1 
ATOM   1097 C  CA  . GLU A 1 142 ? -17.691 8.764   -7.703  1.00 47.46 ? 173 GLU A CA  1 
ATOM   1098 C  C   . GLU A 1 142 ? -16.188 8.898   -7.927  1.00 48.05 ? 173 GLU A C   1 
ATOM   1099 O  O   . GLU A 1 142 ? -15.554 8.019   -8.513  1.00 48.22 ? 173 GLU A O   1 
ATOM   1100 C  CB  . GLU A 1 142 ? -17.934 8.308   -6.266  1.00 48.27 ? 173 GLU A CB  1 
ATOM   1101 C  CG  . GLU A 1 142 ? -19.395 8.126   -5.885  1.00 50.83 ? 173 GLU A CG  1 
ATOM   1102 C  CD  . GLU A 1 142 ? -20.156 9.435   -5.847  1.00 52.76 ? 173 GLU A CD  1 
ATOM   1103 O  OE1 . GLU A 1 142 ? -19.587 10.440  -5.374  1.00 54.91 ? 173 GLU A OE1 1 
ATOM   1104 O  OE2 . GLU A 1 142 ? -21.329 9.457   -6.277  1.00 53.75 ? 173 GLU A OE2 1 
ATOM   1105 N  N   . THR A 1 143 ? -15.624 9.999   -7.443  1.00 49.36 ? 174 THR A N   1 
ATOM   1106 C  CA  . THR A 1 143 ? -14.194 10.249  -7.551  1.00 51.79 ? 174 THR A CA  1 
ATOM   1107 C  C   . THR A 1 143 ? -13.610 9.953   -6.170  1.00 51.37 ? 174 THR A C   1 
ATOM   1108 O  O   . THR A 1 143 ? -13.376 10.858  -5.368  1.00 53.53 ? 174 THR A O   1 
ATOM   1109 C  CB  . THR A 1 143 ? -13.916 11.714  -7.934  1.00 52.15 ? 174 THR A CB  1 
ATOM   1110 O  OG1 . THR A 1 143 ? -14.470 12.584  -6.941  1.00 55.97 ? 174 THR A OG1 1 
ATOM   1111 C  CG2 . THR A 1 143 ? -14.547 12.035  -9.278  1.00 51.75 ? 174 THR A CG2 1 
ATOM   1112 N  N   . TRP A 1 144 ? -13.382 8.671   -5.906  1.00 49.77 ? 175 TRP A N   1 
ATOM   1113 C  CA  . TRP A 1 144 ? -12.870 8.214   -4.619  1.00 47.77 ? 175 TRP A CA  1 
ATOM   1114 C  C   . TRP A 1 144 ? -11.412 8.513   -4.295  1.00 48.56 ? 175 TRP A C   1 
ATOM   1115 O  O   . TRP A 1 144 ? -10.595 8.795   -5.172  1.00 49.50 ? 175 TRP A O   1 
ATOM   1116 C  CB  . TRP A 1 144 ? -13.058 6.704   -4.489  1.00 45.89 ? 175 TRP A CB  1 
ATOM   1117 C  CG  . TRP A 1 144 ? -14.448 6.201   -4.725  1.00 45.84 ? 175 TRP A CG  1 
ATOM   1118 C  CD1 . TRP A 1 144 ? -14.961 5.719   -5.899  1.00 46.33 ? 175 TRP A CD1 1 
ATOM   1119 C  CD2 . TRP A 1 144 ? -15.493 6.082   -3.751  1.00 45.66 ? 175 TRP A CD2 1 
ATOM   1120 N  NE1 . TRP A 1 144 ? -16.260 5.301   -5.713  1.00 44.71 ? 175 TRP A NE1 1 
ATOM   1121 C  CE2 . TRP A 1 144 ? -16.612 5.513   -4.404  1.00 46.07 ? 175 TRP A CE2 1 
ATOM   1122 C  CE3 . TRP A 1 144 ? -15.592 6.403   -2.388  1.00 44.63 ? 175 TRP A CE3 1 
ATOM   1123 C  CZ2 . TRP A 1 144 ? -17.816 5.255   -3.740  1.00 45.14 ? 175 TRP A CZ2 1 
ATOM   1124 C  CZ3 . TRP A 1 144 ? -16.791 6.146   -1.728  1.00 44.19 ? 175 TRP A CZ3 1 
ATOM   1125 C  CH2 . TRP A 1 144 ? -17.886 5.577   -2.406  1.00 45.39 ? 175 TRP A CH2 1 
ATOM   1126 N  N   . SER A 1 145 ? -11.112 8.444   -3.003  1.00 46.55 ? 176 SER A N   1 
ATOM   1127 C  CA  . SER A 1 145 ? -9.768  8.620   -2.473  1.00 45.20 ? 176 SER A CA  1 
ATOM   1128 C  C   . SER A 1 145 ? -9.722  7.447   -1.501  1.00 44.25 ? 176 SER A C   1 
ATOM   1129 O  O   . SER A 1 145 ? -10.773 6.897   -1.166  1.00 41.86 ? 176 SER A O   1 
ATOM   1130 C  CB  . SER A 1 145 ? -9.631  9.949   -1.722  1.00 45.47 ? 176 SER A CB  1 
ATOM   1131 O  OG  . SER A 1 145 ? -10.306 9.916   -0.476  1.00 47.02 ? 176 SER A OG  1 
ATOM   1132 N  N   . LEU A 1 146 ? -8.535  7.036   -1.068  1.00 43.17 ? 177 LEU A N   1 
ATOM   1133 C  CA  . LEU A 1 146 ? -8.449  5.909   -0.139  1.00 43.05 ? 177 LEU A CA  1 
ATOM   1134 C  C   . LEU A 1 146 ? -9.241  6.256   1.122   1.00 43.39 ? 177 LEU A C   1 
ATOM   1135 O  O   . LEU A 1 146 ? -9.977  5.425   1.658   1.00 43.70 ? 177 LEU A O   1 
ATOM   1136 C  CB  . LEU A 1 146 ? -6.984  5.608   0.221   1.00 41.52 ? 177 LEU A CB  1 
ATOM   1137 C  CG  . LEU A 1 146 ? -6.726  4.296   0.975   1.00 42.16 ? 177 LEU A CG  1 
ATOM   1138 C  CD1 . LEU A 1 146 ? -7.098  3.115   0.085   1.00 39.30 ? 177 LEU A CD1 1 
ATOM   1139 C  CD2 . LEU A 1 146 ? -5.257  4.195   1.390   1.00 40.23 ? 177 LEU A CD2 1 
ATOM   1140 N  N   . ASN A 1 147 ? -9.094  7.496   1.578   1.00 42.79 ? 178 ASN A N   1 
ATOM   1141 C  CA  . ASN A 1 147 ? -9.781  7.974   2.773   1.00 42.91 ? 178 ASN A CA  1 
ATOM   1142 C  C   . ASN A 1 147 ? -11.307 7.886   2.638   1.00 42.47 ? 178 ASN A C   1 
ATOM   1143 O  O   . ASN A 1 147 ? -11.976 7.331   3.509   1.00 41.76 ? 178 ASN A O   1 
ATOM   1144 C  CB  . ASN A 1 147 ? -9.380  9.426   3.056   1.00 41.95 ? 178 ASN A CB  1 
ATOM   1145 C  CG  . ASN A 1 147 ? -9.463  9.784   4.534   1.00 41.72 ? 178 ASN A CG  1 
ATOM   1146 O  OD1 . ASN A 1 147 ? -9.382  10.958  4.902   1.00 44.26 ? 178 ASN A OD1 1 
ATOM   1147 N  ND2 . ASN A 1 147 ? -9.610  8.775   5.383   1.00 39.67 ? 178 ASN A ND2 1 
ATOM   1148 N  N   . SER A 1 148 ? -11.855 8.422   1.547   1.00 42.97 ? 179 SER A N   1 
ATOM   1149 C  CA  . SER A 1 148 ? -13.304 8.400   1.346   1.00 42.34 ? 179 SER A CA  1 
ATOM   1150 C  C   . SER A 1 148 ? -13.858 6.986   1.228   1.00 42.04 ? 179 SER A C   1 
ATOM   1151 O  O   . SER A 1 148 ? -15.006 6.737   1.592   1.00 40.62 ? 179 SER A O   1 
ATOM   1152 C  CB  . SER A 1 148 ? -13.702 9.241   0.120   1.00 43.45 ? 179 SER A CB  1 
ATOM   1153 O  OG  . SER A 1 148 ? -13.288 8.660   -1.102  1.00 45.38 ? 179 SER A OG  1 
ATOM   1154 N  N   . LEU A 1 149 ? -13.051 6.059   0.718   1.00 40.29 ? 180 LEU A N   1 
ATOM   1155 C  CA  . LEU A 1 149 ? -13.492 4.671   0.605   1.00 40.29 ? 180 LEU A CA  1 
ATOM   1156 C  C   . LEU A 1 149 ? -13.459 4.022   1.988   1.00 40.78 ? 180 LEU A C   1 
ATOM   1157 O  O   . LEU A 1 149 ? -14.342 3.229   2.334   1.00 39.11 ? 180 LEU A O   1 
ATOM   1158 C  CB  . LEU A 1 149 ? -12.594 3.884   -0.358  1.00 43.01 ? 180 LEU A CB  1 
ATOM   1159 C  CG  . LEU A 1 149 ? -12.954 3.953   -1.845  1.00 43.54 ? 180 LEU A CG  1 
ATOM   1160 C  CD1 . LEU A 1 149 ? -11.844 3.321   -2.676  1.00 46.24 ? 180 LEU A CD1 1 
ATOM   1161 C  CD2 . LEU A 1 149 ? -14.278 3.240   -2.078  1.00 41.44 ? 180 LEU A CD2 1 
ATOM   1162 N  N   . VAL A 1 150 ? -12.439 4.352   2.777   1.00 38.90 ? 181 VAL A N   1 
ATOM   1163 C  CA  . VAL A 1 150 ? -12.339 3.803   4.125   1.00 39.33 ? 181 VAL A CA  1 
ATOM   1164 C  C   . VAL A 1 150 ? -13.541 4.303   4.934   1.00 39.02 ? 181 VAL A C   1 
ATOM   1165 O  O   . VAL A 1 150 ? -14.150 3.554   5.693   1.00 40.58 ? 181 VAL A O   1 
ATOM   1166 C  CB  . VAL A 1 150 ? -11.031 4.246   4.836   1.00 38.45 ? 181 VAL A CB  1 
ATOM   1167 C  CG1 . VAL A 1 150 ? -11.072 3.841   6.308   1.00 36.31 ? 181 VAL A CG1 1 
ATOM   1168 C  CG2 . VAL A 1 150 ? -9.822  3.594   4.158   1.00 37.65 ? 181 VAL A CG2 1 
ATOM   1169 N  N   . LYS A 1 151 ? -13.873 5.575   4.756   1.00 38.78 ? 182 LYS A N   1 
ATOM   1170 C  CA  . LYS A 1 151 ? -15.003 6.173   5.459   1.00 40.99 ? 182 LYS A CA  1 
ATOM   1171 C  C   . LYS A 1 151 ? -16.311 5.508   5.045   1.00 40.22 ? 182 LYS A C   1 
ATOM   1172 O  O   . LYS A 1 151 ? -17.042 4.987   5.883   1.00 40.02 ? 182 LYS A O   1 
ATOM   1173 C  CB  . LYS A 1 151 ? -15.061 7.679   5.170   1.00 38.81 ? 182 LYS A CB  1 
ATOM   1174 C  CG  . LYS A 1 151 ? -13.929 8.461   5.814   1.00 40.95 ? 182 LYS A CG  1 
ATOM   1175 C  CD  . LYS A 1 151 ? -13.946 9.939   5.423   1.00 41.81 ? 182 LYS A CD  1 
ATOM   1176 C  CE  . LYS A 1 151 ? -12.829 10.688  6.139   1.00 43.57 ? 182 LYS A CE  1 
ATOM   1177 N  NZ  . LYS A 1 151 ? -12.743 12.119  5.719   1.00 44.90 ? 182 LYS A NZ  1 
ATOM   1178 N  N   . HIS A 1 152 ? -16.583 5.503   3.743   1.00 41.82 ? 183 HIS A N   1 
ATOM   1179 C  CA  . HIS A 1 152 ? -17.809 4.917   3.206   1.00 41.84 ? 183 HIS A CA  1 
ATOM   1180 C  C   . HIS A 1 152 ? -18.005 3.440   3.514   1.00 42.57 ? 183 HIS A C   1 
ATOM   1181 O  O   . HIS A 1 152 ? -19.111 3.007   3.831   1.00 42.55 ? 183 HIS A O   1 
ATOM   1182 C  CB  . HIS A 1 152 ? -17.870 5.106   1.686   1.00 41.64 ? 183 HIS A CB  1 
ATOM   1183 C  CG  . HIS A 1 152 ? -19.129 4.578   1.067   1.00 41.70 ? 183 HIS A CG  1 
ATOM   1184 N  ND1 . HIS A 1 152 ? -20.324 5.264   1.112   1.00 40.36 ? 183 HIS A ND1 1 
ATOM   1185 C  CD2 . HIS A 1 152 ? -19.393 3.407   0.438   1.00 40.79 ? 183 HIS A CD2 1 
ATOM   1186 C  CE1 . HIS A 1 152 ? -21.269 4.538   0.541   1.00 40.94 ? 183 HIS A CE1 1 
ATOM   1187 N  NE2 . HIS A 1 152 ? -20.731 3.407   0.123   1.00 40.93 ? 183 HIS A NE2 1 
ATOM   1188 N  N   . LEU A 1 153 ? -16.934 2.661   3.417   1.00 41.42 ? 184 LEU A N   1 
ATOM   1189 C  CA  . LEU A 1 153 ? -17.035 1.228   3.649   1.00 41.55 ? 184 LEU A CA  1 
ATOM   1190 C  C   . LEU A 1 153 ? -16.728 0.737   5.059   1.00 40.70 ? 184 LEU A C   1 
ATOM   1191 O  O   . LEU A 1 153 ? -17.249 -0.297  5.481   1.00 38.93 ? 184 LEU A O   1 
ATOM   1192 C  CB  . LEU A 1 153 ? -16.125 0.486   2.663   1.00 44.04 ? 184 LEU A CB  1 
ATOM   1193 C  CG  . LEU A 1 153 ? -16.374 0.719   1.170   1.00 43.15 ? 184 LEU A CG  1 
ATOM   1194 C  CD1 . LEU A 1 153 ? -15.275 0.060   0.364   1.00 44.99 ? 184 LEU A CD1 1 
ATOM   1195 C  CD2 . LEU A 1 153 ? -17.732 0.162   0.785   1.00 45.34 ? 184 LEU A CD2 1 
ATOM   1196 N  N   . LEU A 1 154 ? -15.891 1.463   5.788   1.00 41.81 ? 185 LEU A N   1 
ATOM   1197 C  CA  . LEU A 1 154 ? -15.504 1.013   7.123   1.00 45.24 ? 185 LEU A CA  1 
ATOM   1198 C  C   . LEU A 1 154 ? -15.943 1.898   8.280   1.00 44.57 ? 185 LEU A C   1 
ATOM   1199 O  O   . LEU A 1 154 ? -15.894 1.475   9.433   1.00 46.42 ? 185 LEU A O   1 
ATOM   1200 C  CB  . LEU A 1 154 ? -13.982 0.840   7.183   1.00 45.12 ? 185 LEU A CB  1 
ATOM   1201 C  CG  . LEU A 1 154 ? -13.359 -0.032  6.089   1.00 46.49 ? 185 LEU A CG  1 
ATOM   1202 C  CD1 . LEU A 1 154 ? -11.844 -0.009  6.224   1.00 46.33 ? 185 LEU A CD1 1 
ATOM   1203 C  CD2 . LEU A 1 154 ? -13.899 -1.450  6.190   1.00 44.71 ? 185 LEU A CD2 1 
ATOM   1204 N  N   . GLY A 1 155 ? -16.359 3.120   7.981   1.00 44.42 ? 186 GLY A N   1 
ATOM   1205 C  CA  . GLY A 1 155 ? -16.778 4.018   9.039   1.00 45.79 ? 186 GLY A CA  1 
ATOM   1206 C  C   . GLY A 1 155 ? -15.587 4.509   9.843   1.00 46.59 ? 186 GLY A C   1 
ATOM   1207 O  O   . GLY A 1 155 ? -15.672 4.676   11.061  1.00 44.95 ? 186 GLY A O   1 
ATOM   1208 N  N   . LYS A 1 156 ? -14.468 4.735   9.159   1.00 45.76 ? 187 LYS A N   1 
ATOM   1209 C  CA  . LYS A 1 156 ? -13.256 5.216   9.812   1.00 44.80 ? 187 LYS A CA  1 
ATOM   1210 C  C   . LYS A 1 156 ? -12.498 6.139   8.876   1.00 42.96 ? 187 LYS A C   1 
ATOM   1211 O  O   . LYS A 1 156 ? -12.835 6.246   7.704   1.00 43.90 ? 187 LYS A O   1 
ATOM   1212 C  CB  . LYS A 1 156 ? -12.376 4.030   10.216  1.00 47.15 ? 187 LYS A CB  1 
ATOM   1213 C  CG  . LYS A 1 156 ? -13.042 3.107   11.221  1.00 50.78 ? 187 LYS A CG  1 
ATOM   1214 C  CD  . LYS A 1 156 ? -12.208 1.880   11.511  1.00 54.90 ? 187 LYS A CD  1 
ATOM   1215 C  CE  . LYS A 1 156 ? -12.922 0.956   12.483  1.00 55.04 ? 187 LYS A CE  1 
ATOM   1216 N  NZ  . LYS A 1 156 ? -12.150 -0.299  12.692  1.00 59.75 ? 187 LYS A NZ  1 
ATOM   1217 N  N   . GLN A 1 157 ? -11.492 6.827   9.400   1.00 42.51 ? 188 GLN A N   1 
ATOM   1218 C  CA  . GLN A 1 157 ? -10.684 7.720   8.581   1.00 42.75 ? 188 GLN A CA  1 
ATOM   1219 C  C   . GLN A 1 157 ? -9.225  7.301   8.715   1.00 42.72 ? 188 GLN A C   1 
ATOM   1220 O  O   . GLN A 1 157 ? -8.859  6.599   9.655   1.00 43.27 ? 188 GLN A O   1 
ATOM   1221 C  CB  . GLN A 1 157 ? -10.852 9.179   9.019   1.00 41.31 ? 188 GLN A CB  1 
ATOM   1222 C  CG  . GLN A 1 157 ? -10.602 9.420   10.494  1.00 42.59 ? 188 GLN A CG  1 
ATOM   1223 C  CD  . GLN A 1 157 ? -10.619 10.894  10.856  1.00 42.97 ? 188 GLN A CD  1 
ATOM   1224 O  OE1 . GLN A 1 157 ? -10.991 11.262  11.970  1.00 47.63 ? 188 GLN A OE1 1 
ATOM   1225 N  NE2 . GLN A 1 157 ? -10.203 11.744  9.925   1.00 41.29 ? 188 GLN A NE2 1 
ATOM   1226 N  N   . LEU A 1 158 ? -8.396  7.726   7.772   1.00 43.69 ? 189 LEU A N   1 
ATOM   1227 C  CA  . LEU A 1 158 ? -6.984  7.374   7.798   1.00 44.41 ? 189 LEU A CA  1 
ATOM   1228 C  C   . LEU A 1 158 ? -6.206  8.280   8.742   1.00 45.03 ? 189 LEU A C   1 
ATOM   1229 O  O   . LEU A 1 158 ? -6.508  9.470   8.868   1.00 44.62 ? 189 LEU A O   1 
ATOM   1230 C  CB  . LEU A 1 158 ? -6.391  7.475   6.388   1.00 44.69 ? 189 LEU A CB  1 
ATOM   1231 C  CG  . LEU A 1 158 ? -6.964  6.519   5.333   1.00 45.37 ? 189 LEU A CG  1 
ATOM   1232 C  CD1 . LEU A 1 158 ? -6.372  6.851   3.978   1.00 45.41 ? 189 LEU A CD1 1 
ATOM   1233 C  CD2 . LEU A 1 158 ? -6.661  5.078   5.717   1.00 44.19 ? 189 LEU A CD2 1 
ATOM   1234 N  N   . LEU A 1 159 ? -5.217  7.704   9.418   1.00 44.84 ? 190 LEU A N   1 
ATOM   1235 C  CA  . LEU A 1 159 ? -4.369  8.469   10.322  1.00 47.45 ? 190 LEU A CA  1 
ATOM   1236 C  C   . LEU A 1 159 ? -3.906  9.663   9.489   1.00 49.17 ? 190 LEU A C   1 
ATOM   1237 O  O   . LEU A 1 159 ? -3.591  9.508   8.306   1.00 49.59 ? 190 LEU A O   1 
ATOM   1238 C  CB  . LEU A 1 159 ? -3.192  7.598   10.772  1.00 46.28 ? 190 LEU A CB  1 
ATOM   1239 C  CG  . LEU A 1 159 ? -3.613  6.456   11.707  1.00 47.11 ? 190 LEU A CG  1 
ATOM   1240 C  CD1 . LEU A 1 159 ? -2.577  5.336   11.705  1.00 47.01 ? 190 LEU A CD1 1 
ATOM   1241 C  CD2 . LEU A 1 159 ? -3.812  7.020   13.112  1.00 45.57 ? 190 LEU A CD2 1 
ATOM   1242 N  N   . LYS A 1 160 ? -3.864  10.851  10.087  1.00 51.05 ? 191 LYS A N   1 
ATOM   1243 C  CA  . LYS A 1 160 ? -3.504  12.034  9.315   1.00 52.05 ? 191 LYS A CA  1 
ATOM   1244 C  C   . LYS A 1 160 ? -2.397  12.960  9.805   1.00 52.65 ? 191 LYS A C   1 
ATOM   1245 O  O   . LYS A 1 160 ? -2.286  14.087  9.322   1.00 53.30 ? 191 LYS A O   1 
ATOM   1246 C  CB  . LYS A 1 160 ? -4.767  12.861  9.066   1.00 52.98 ? 191 LYS A CB  1 
ATOM   1247 C  CG  . LYS A 1 160 ? -5.552  13.191  10.329  1.00 54.14 ? 191 LYS A CG  1 
ATOM   1248 C  CD  . LYS A 1 160 ? -6.864  13.882  9.989   1.00 56.67 ? 191 LYS A CD  1 
ATOM   1249 C  CE  . LYS A 1 160 ? -7.693  14.156  11.234  1.00 59.78 ? 191 LYS A CE  1 
ATOM   1250 N  NZ  . LYS A 1 160 ? -9.032  14.723  10.899  1.00 61.00 ? 191 LYS A NZ  1 
ATOM   1251 N  N   . ASP A 1 161 ? -1.573  12.515  10.744  1.00 53.32 ? 192 ASP A N   1 
ATOM   1252 C  CA  . ASP A 1 161 ? -0.501  13.383  11.211  1.00 53.13 ? 192 ASP A CA  1 
ATOM   1253 C  C   . ASP A 1 161 ? 0.475   13.615  10.060  1.00 54.61 ? 192 ASP A C   1 
ATOM   1254 O  O   . ASP A 1 161 ? 1.225   12.715  9.674   1.00 52.34 ? 192 ASP A O   1 
ATOM   1255 C  CB  . ASP A 1 161 ? 0.241   12.755  12.387  1.00 53.63 ? 192 ASP A CB  1 
ATOM   1256 C  CG  . ASP A 1 161 ? 1.146   13.748  13.089  1.00 54.40 ? 192 ASP A CG  1 
ATOM   1257 O  OD1 . ASP A 1 161 ? 1.839   14.521  12.390  1.00 55.20 ? 192 ASP A OD1 1 
ATOM   1258 O  OD2 . ASP A 1 161 ? 1.167   13.753  14.336  1.00 55.99 ? 192 ASP A OD2 1 
ATOM   1259 N  N   . LYS A 1 162 ? 0.461   14.831  9.522   1.00 56.17 ? 193 LYS A N   1 
ATOM   1260 C  CA  . LYS A 1 162 ? 1.322   15.198  8.402   1.00 58.53 ? 193 LYS A CA  1 
ATOM   1261 C  C   . LYS A 1 162 ? 2.818   15.049  8.694   1.00 57.53 ? 193 LYS A C   1 
ATOM   1262 O  O   . LYS A 1 162 ? 3.614   14.837  7.775   1.00 56.41 ? 193 LYS A O   1 
ATOM   1263 C  CB  . LYS A 1 162 ? 1.018   16.635  7.967   1.00 61.95 ? 193 LYS A CB  1 
ATOM   1264 C  CG  . LYS A 1 162 ? 1.753   17.076  6.714   1.00 67.09 ? 193 LYS A CG  1 
ATOM   1265 C  CD  . LYS A 1 162 ? 1.388   18.503  6.334   1.00 70.64 ? 193 LYS A CD  1 
ATOM   1266 C  CE  . LYS A 1 162 ? 2.089   18.929  5.054   1.00 73.00 ? 193 LYS A CE  1 
ATOM   1267 N  NZ  . LYS A 1 162 ? 1.731   18.050  3.905   1.00 74.67 ? 193 LYS A NZ  1 
ATOM   1268 N  N   . SER A 1 163 ? 3.205   15.154  9.963   1.00 56.52 ? 194 SER A N   1 
ATOM   1269 C  CA  . SER A 1 163 ? 4.614   15.022  10.320  1.00 55.27 ? 194 SER A CA  1 
ATOM   1270 C  C   . SER A 1 163 ? 5.053   13.568  10.175  1.00 53.66 ? 194 SER A C   1 
ATOM   1271 O  O   . SER A 1 163 ? 6.247   13.261  10.175  1.00 52.25 ? 194 SER A O   1 
ATOM   1272 C  CB  . SER A 1 163 ? 4.862   15.501  11.755  1.00 54.79 ? 194 SER A CB  1 
ATOM   1273 O  OG  . SER A 1 163 ? 4.333   14.594  12.708  1.00 56.93 ? 194 SER A OG  1 
ATOM   1274 N  N   . ILE A 1 164 ? 4.080   12.672  10.054  1.00 51.84 ? 195 ILE A N   1 
ATOM   1275 C  CA  . ILE A 1 164 ? 4.377   11.257  9.889   1.00 50.90 ? 195 ILE A CA  1 
ATOM   1276 C  C   . ILE A 1 164 ? 4.257   10.859  8.418   1.00 50.72 ? 195 ILE A C   1 
ATOM   1277 O  O   . ILE A 1 164 ? 5.150   10.203  7.871   1.00 49.22 ? 195 ILE A O   1 
ATOM   1278 C  CB  . ILE A 1 164 ? 3.425   10.378  10.736  1.00 51.30 ? 195 ILE A CB  1 
ATOM   1279 C  CG1 . ILE A 1 164 ? 3.610   10.706  12.221  1.00 50.29 ? 195 ILE A CG1 1 
ATOM   1280 C  CG2 . ILE A 1 164 ? 3.704   8.891   10.477  1.00 46.54 ? 195 ILE A CG2 1 
ATOM   1281 C  CD1 . ILE A 1 164 ? 2.762   9.860   13.155  1.00 51.45 ? 195 ILE A CD1 1 
ATOM   1282 N  N   . ARG A 1 165 ? 3.164   11.267  7.777   1.00 50.71 ? 196 ARG A N   1 
ATOM   1283 C  CA  . ARG A 1 165 ? 2.941   10.936  6.371   1.00 51.85 ? 196 ARG A CA  1 
ATOM   1284 C  C   . ARG A 1 165 ? 3.973   11.533  5.435   1.00 51.63 ? 196 ARG A C   1 
ATOM   1285 O  O   . ARG A 1 165 ? 4.374   10.901  4.455   1.00 50.86 ? 196 ARG A O   1 
ATOM   1286 C  CB  . ARG A 1 165 ? 1.544   11.373  5.923   1.00 52.67 ? 196 ARG A CB  1 
ATOM   1287 C  CG  . ARG A 1 165 ? 0.464   10.410  6.345   1.00 53.17 ? 196 ARG A CG  1 
ATOM   1288 C  CD  . ARG A 1 165 ? -0.867  10.706  5.687   1.00 53.47 ? 196 ARG A CD  1 
ATOM   1289 N  NE  . ARG A 1 165 ? -1.868  9.724   6.093   1.00 53.74 ? 196 ARG A NE  1 
ATOM   1290 C  CZ  . ARG A 1 165 ? -1.850  8.443   5.736   1.00 54.27 ? 196 ARG A CZ  1 
ATOM   1291 N  NH1 . ARG A 1 165 ? -2.801  7.624   6.164   1.00 54.05 ? 196 ARG A NH1 1 
ATOM   1292 N  NH2 . ARG A 1 165 ? -0.891  7.985   4.938   1.00 53.69 ? 196 ARG A NH2 1 
ATOM   1293 N  N   . CYS A 1 166 ? 4.405   12.751  5.732   1.00 52.22 ? 197 CYS A N   1 
ATOM   1294 C  CA  . CYS A 1 166 ? 5.394   13.407  4.896   1.00 52.74 ? 197 CYS A CA  1 
ATOM   1295 C  C   . CYS A 1 166 ? 6.761   13.384  5.562   1.00 51.21 ? 197 CYS A C   1 
ATOM   1296 O  O   . CYS A 1 166 ? 7.584   14.272  5.348   1.00 51.47 ? 197 CYS A O   1 
ATOM   1297 C  CB  . CYS A 1 166 ? 4.956   14.841  4.593   1.00 55.10 ? 197 CYS A CB  1 
ATOM   1298 S  SG  . CYS A 1 166 ? 3.474   14.929  3.551   1.00 65.52 ? 197 CYS A SG  1 
ATOM   1299 N  N   . SER A 1 167 ? 6.998   12.352  6.364   1.00 48.60 ? 198 SER A N   1 
ATOM   1300 C  CA  . SER A 1 167 ? 8.270   12.195  7.054   1.00 46.39 ? 198 SER A CA  1 
ATOM   1301 C  C   . SER A 1 167 ? 9.323   11.621  6.102   1.00 44.73 ? 198 SER A C   1 
ATOM   1302 O  O   . SER A 1 167 ? 9.017   11.257  4.967   1.00 43.44 ? 198 SER A O   1 
ATOM   1303 C  CB  . SER A 1 167 ? 8.096   11.261  8.250   1.00 46.66 ? 198 SER A CB  1 
ATOM   1304 O  OG  . SER A 1 167 ? 7.636   9.985   7.834   1.00 45.68 ? 198 SER A OG  1 
ATOM   1305 N  N   . ASN A 1 168 ? 10.564  11.540  6.570   1.00 42.04 ? 199 ASN A N   1 
ATOM   1306 C  CA  . ASN A 1 168 ? 11.640  10.999  5.752   1.00 41.16 ? 199 ASN A CA  1 
ATOM   1307 C  C   . ASN A 1 168 ? 11.553  9.475   5.734   1.00 38.97 ? 199 ASN A C   1 
ATOM   1308 O  O   . ASN A 1 168 ? 12.145  8.792   6.569   1.00 38.81 ? 199 ASN A O   1 
ATOM   1309 C  CB  . ASN A 1 168 ? 13.004  11.432  6.300   1.00 41.73 ? 199 ASN A CB  1 
ATOM   1310 C  CG  . ASN A 1 168 ? 14.155  11.024  5.391   1.00 42.98 ? 199 ASN A CG  1 
ATOM   1311 O  OD1 . ASN A 1 168 ? 15.314  11.344  5.662   1.00 45.75 ? 199 ASN A OD1 1 
ATOM   1312 N  ND2 . ASN A 1 168 ? 13.841  10.317  4.310   1.00 36.69 ? 199 ASN A ND2 1 
ATOM   1313 N  N   . TRP A 1 169 ? 10.812  8.947   4.769   1.00 37.73 ? 200 TRP A N   1 
ATOM   1314 C  CA  . TRP A 1 169 ? 10.647  7.511   4.654   1.00 38.08 ? 200 TRP A CA  1 
ATOM   1315 C  C   . TRP A 1 169 ? 11.942  6.763   4.336   1.00 39.58 ? 200 TRP A C   1 
ATOM   1316 O  O   . TRP A 1 169 ? 12.005  5.546   4.486   1.00 38.73 ? 200 TRP A O   1 
ATOM   1317 C  CB  . TRP A 1 169 ? 9.581   7.201   3.604   1.00 36.53 ? 200 TRP A CB  1 
ATOM   1318 C  CG  . TRP A 1 169 ? 8.227   7.649   4.036   1.00 37.81 ? 200 TRP A CG  1 
ATOM   1319 C  CD1 . TRP A 1 169 ? 7.585   8.804   3.686   1.00 37.81 ? 200 TRP A CD1 1 
ATOM   1320 C  CD2 . TRP A 1 169 ? 7.358   6.966   4.947   1.00 38.45 ? 200 TRP A CD2 1 
ATOM   1321 N  NE1 . TRP A 1 169 ? 6.366   8.882   4.323   1.00 36.49 ? 200 TRP A NE1 1 
ATOM   1322 C  CE2 . TRP A 1 169 ? 6.203   7.767   5.103   1.00 37.94 ? 200 TRP A CE2 1 
ATOM   1323 C  CE3 . TRP A 1 169 ? 7.445   5.754   5.648   1.00 35.85 ? 200 TRP A CE3 1 
ATOM   1324 C  CZ2 . TRP A 1 169 ? 5.140   7.393   5.931   1.00 35.65 ? 200 TRP A CZ2 1 
ATOM   1325 C  CZ3 . TRP A 1 169 ? 6.386   5.381   6.472   1.00 35.99 ? 200 TRP A CZ3 1 
ATOM   1326 C  CH2 . TRP A 1 169 ? 5.248   6.203   6.604   1.00 35.20 ? 200 TRP A CH2 1 
ATOM   1327 N  N   . SER A 1 170 ? 12.975  7.484   3.910   1.00 40.53 ? 201 SER A N   1 
ATOM   1328 C  CA  . SER A 1 170 ? 14.243  6.839   3.587   1.00 42.47 ? 201 SER A CA  1 
ATOM   1329 C  C   . SER A 1 170 ? 15.165  6.796   4.800   1.00 43.79 ? 201 SER A C   1 
ATOM   1330 O  O   . SER A 1 170 ? 16.262  6.236   4.743   1.00 45.12 ? 201 SER A O   1 
ATOM   1331 C  CB  . SER A 1 170 ? 14.939  7.569   2.432   1.00 42.68 ? 201 SER A CB  1 
ATOM   1332 O  OG  . SER A 1 170 ? 15.451  8.827   2.839   1.00 42.85 ? 201 SER A OG  1 
ATOM   1333 N  N   . LYS A 1 171 ? 14.719  7.378   5.905   1.00 45.02 ? 202 LYS A N   1 
ATOM   1334 C  CA  . LYS A 1 171 ? 15.529  7.398   7.116   1.00 45.74 ? 202 LYS A CA  1 
ATOM   1335 C  C   . LYS A 1 171 ? 15.424  6.050   7.819   1.00 44.44 ? 202 LYS A C   1 
ATOM   1336 O  O   . LYS A 1 171 ? 14.328  5.593   8.131   1.00 44.19 ? 202 LYS A O   1 
ATOM   1337 C  CB  . LYS A 1 171 ? 15.052  8.517   8.049   1.00 49.42 ? 202 LYS A CB  1 
ATOM   1338 C  CG  . LYS A 1 171 ? 16.083  8.985   9.069   1.00 52.99 ? 202 LYS A CG  1 
ATOM   1339 C  CD  . LYS A 1 171 ? 16.429  7.910   10.082  1.00 55.82 ? 202 LYS A CD  1 
ATOM   1340 C  CE  . LYS A 1 171 ? 17.429  8.427   11.104  1.00 58.70 ? 202 LYS A CE  1 
ATOM   1341 N  NZ  . LYS A 1 171 ? 17.724  7.423   12.169  1.00 59.51 ? 202 LYS A NZ  1 
ATOM   1342 N  N   . PHE A 1 172 ? 16.565  5.412   8.056   1.00 43.78 ? 203 PHE A N   1 
ATOM   1343 C  CA  . PHE A 1 172 ? 16.576  4.123   8.730   1.00 45.13 ? 203 PHE A CA  1 
ATOM   1344 C  C   . PHE A 1 172 ? 17.003  4.268   10.188  1.00 46.58 ? 203 PHE A C   1 
ATOM   1345 O  O   . PHE A 1 172 ? 17.957  4.982   10.497  1.00 48.54 ? 203 PHE A O   1 
ATOM   1346 C  CB  . PHE A 1 172 ? 17.513  3.145   8.013   1.00 43.99 ? 203 PHE A CB  1 
ATOM   1347 C  CG  . PHE A 1 172 ? 17.659  1.827   8.719   1.00 44.77 ? 203 PHE A CG  1 
ATOM   1348 C  CD1 . PHE A 1 172 ? 18.629  1.651   9.700   1.00 43.31 ? 203 PHE A CD1 1 
ATOM   1349 C  CD2 . PHE A 1 172 ? 16.796  0.771   8.431   1.00 44.09 ? 203 PHE A CD2 1 
ATOM   1350 C  CE1 . PHE A 1 172 ? 18.738  0.444   10.389  1.00 45.93 ? 203 PHE A CE1 1 
ATOM   1351 C  CE2 . PHE A 1 172 ? 16.896  -0.440  9.114   1.00 43.05 ? 203 PHE A CE2 1 
ATOM   1352 C  CZ  . PHE A 1 172 ? 17.867  -0.605  10.095  1.00 44.84 ? 203 PHE A CZ  1 
ATOM   1353 N  N   . PRO A 1 173 ? 16.296  3.587   11.104  1.00 44.96 ? 204 PRO A N   1 
ATOM   1354 C  CA  . PRO A 1 173 ? 15.151  2.724   10.798  1.00 43.40 ? 204 PRO A CA  1 
ATOM   1355 C  C   . PRO A 1 173 ? 13.837  3.500   10.888  1.00 42.63 ? 204 PRO A C   1 
ATOM   1356 O  O   . PRO A 1 173 ? 13.792  4.595   11.441  1.00 42.92 ? 204 PRO A O   1 
ATOM   1357 C  CB  . PRO A 1 173 ? 15.247  1.655   11.876  1.00 44.59 ? 204 PRO A CB  1 
ATOM   1358 C  CG  . PRO A 1 173 ? 15.643  2.482   13.077  1.00 45.45 ? 204 PRO A CG  1 
ATOM   1359 C  CD  . PRO A 1 173 ? 16.713  3.420   12.511  1.00 45.10 ? 204 PRO A CD  1 
ATOM   1360 N  N   . LEU A 1 174 ? 12.771  2.933   10.337  1.00 40.39 ? 205 LEU A N   1 
ATOM   1361 C  CA  . LEU A 1 174 ? 11.460  3.573   10.405  1.00 40.12 ? 205 LEU A CA  1 
ATOM   1362 C  C   . LEU A 1 174 ? 11.020  3.610   11.869  1.00 39.29 ? 205 LEU A C   1 
ATOM   1363 O  O   . LEU A 1 174 ? 11.383  2.735   12.654  1.00 39.16 ? 205 LEU A O   1 
ATOM   1364 C  CB  . LEU A 1 174 ? 10.439  2.763   9.602   1.00 40.38 ? 205 LEU A CB  1 
ATOM   1365 C  CG  . LEU A 1 174 ? 9.991   3.272   8.233   1.00 43.05 ? 205 LEU A CG  1 
ATOM   1366 C  CD1 . LEU A 1 174 ? 11.133  3.950   7.507   1.00 42.98 ? 205 LEU A CD1 1 
ATOM   1367 C  CD2 . LEU A 1 174 ? 9.437   2.103   7.438   1.00 38.96 ? 205 LEU A CD2 1 
ATOM   1368 N  N   . THR A 1 175 ? 10.249  4.625   12.238  1.00 38.55 ? 206 THR A N   1 
ATOM   1369 C  CA  . THR A 1 175 ? 9.747   4.718   13.605  1.00 39.66 ? 206 THR A CA  1 
ATOM   1370 C  C   . THR A 1 175 ? 8.518   3.815   13.686  1.00 39.88 ? 206 THR A C   1 
ATOM   1371 O  O   . THR A 1 175 ? 7.978   3.393   12.663  1.00 38.45 ? 206 THR A O   1 
ATOM   1372 C  CB  . THR A 1 175 ? 9.295   6.141   13.944  1.00 38.83 ? 206 THR A CB  1 
ATOM   1373 O  OG1 . THR A 1 175 ? 8.248   6.523   13.043  1.00 38.12 ? 206 THR A OG1 1 
ATOM   1374 C  CG2 . THR A 1 175 ? 10.463  7.126   13.830  1.00 38.51 ? 206 THR A CG2 1 
ATOM   1375 N  N   A GLU A 1 176 ? 8.069   3.528   14.902  0.50 39.40 ? 207 GLU A N   1 
ATOM   1376 N  N   B GLU A 1 176 ? 8.083   3.523   14.908  0.50 39.21 ? 207 GLU A N   1 
ATOM   1377 C  CA  A GLU A 1 176 ? 6.891   2.687   15.084  0.50 39.61 ? 207 GLU A CA  1 
ATOM   1378 C  CA  B GLU A 1 176 ? 6.892   2.700   15.080  0.50 39.24 ? 207 GLU A CA  1 
ATOM   1379 C  C   A GLU A 1 176 ? 5.688   3.366   14.437  0.50 38.44 ? 207 GLU A C   1 
ATOM   1380 C  C   B GLU A 1 176 ? 5.674   3.357   14.441  0.50 38.26 ? 207 GLU A C   1 
ATOM   1381 O  O   A GLU A 1 176 ? 4.806   2.694   13.895  0.50 39.08 ? 207 GLU A O   1 
ATOM   1382 O  O   B GLU A 1 176 ? 4.806   2.694   13.895  0.50 38.90 ? 207 GLU A O   1 
ATOM   1383 C  CB  A GLU A 1 176 ? 6.905   2.128   16.550  0.50 41.28 ? 207 GLU A CB  1 
ATOM   1384 C  CB  B GLU A 1 176 ? 6.833   2.146   16.506  0.50 40.72 ? 207 GLU A CB  1 
ATOM   1385 C  CG  A GLU A 1 176 ? 6.721   0.663   16.922  0.50 43.47 ? 207 GLU A CG  1 
ATOM   1386 C  CG  B GLU A 1 176 ? 5.444   1.715   16.947  0.50 41.47 ? 207 GLU A CG  1 
ATOM   1387 C  CD  A GLU A 1 176 ? 7.905   -0.208  16.506  0.50 43.88 ? 207 GLU A CD  1 
ATOM   1388 C  CD  B GLU A 1 176 ? 5.432   1.128   18.345  0.50 44.33 ? 207 GLU A CD  1 
ATOM   1389 O  OE1 A GLU A 1 176 ? 9.061   0.170   16.795  0.50 46.26 ? 207 GLU A OE1 1 
ATOM   1390 O  OE1 B GLU A 1 176 ? 4.509   0.344   18.654  0.50 44.92 ? 207 GLU A OE1 1 
ATOM   1391 O  OE2 A GLU A 1 176 ? 7.681   -1.276  15.896  0.50 42.71 ? 207 GLU A OE2 1 
ATOM   1392 O  OE2 B GLU A 1 176 ? 6.344   1.450   19.135  0.50 45.43 ? 207 GLU A OE2 1 
ATOM   1393 N  N   . ASP A 1 177 ? 5.649   4.696   14.499  1.00 38.21 ? 208 ASP A N   1 
ATOM   1394 C  CA  . ASP A 1 177 ? 4.559   5.458   13.882  1.00 38.51 ? 208 ASP A CA  1 
ATOM   1395 C  C   . ASP A 1 177 ? 4.601   5.313   12.360  1.00 35.66 ? 208 ASP A C   1 
ATOM   1396 O  O   . ASP A 1 177 ? 3.572   5.127   11.721  1.00 33.64 ? 208 ASP A O   1 
ATOM   1397 C  CB  . ASP A 1 177 ? 4.648   6.953   14.217  1.00 40.00 ? 208 ASP A CB  1 
ATOM   1398 C  CG  . ASP A 1 177 ? 4.139   7.283   15.614  1.00 44.32 ? 208 ASP A CG  1 
ATOM   1399 O  OD1 . ASP A 1 177 ? 3.396   6.466   16.200  1.00 45.29 ? 208 ASP A OD1 1 
ATOM   1400 O  OD2 . ASP A 1 177 ? 4.472   8.378   16.115  1.00 42.49 ? 208 ASP A OD2 1 
ATOM   1401 N  N   . GLN A 1 178 ? 5.788   5.425   11.774  1.00 35.51 ? 209 GLN A N   1 
ATOM   1402 C  CA  . GLN A 1 178 ? 5.898   5.289   10.322  1.00 35.32 ? 209 GLN A CA  1 
ATOM   1403 C  C   . GLN A 1 178 ? 5.435   3.900   9.911   1.00 33.67 ? 209 GLN A C   1 
ATOM   1404 O  O   . GLN A 1 178 ? 4.705   3.746   8.939   1.00 34.63 ? 209 GLN A O   1 
ATOM   1405 C  CB  . GLN A 1 178 ? 7.339   5.517   9.854   1.00 36.00 ? 209 GLN A CB  1 
ATOM   1406 C  CG  . GLN A 1 178 ? 7.795   6.965   9.925   1.00 35.10 ? 209 GLN A CG  1 
ATOM   1407 C  CD  . GLN A 1 178 ? 9.242   7.126   9.505   1.00 34.95 ? 209 GLN A CD  1 
ATOM   1408 O  OE1 . GLN A 1 178 ? 10.129  6.490   10.069  1.00 34.39 ? 209 GLN A OE1 1 
ATOM   1409 N  NE2 . GLN A 1 178 ? 9.486   7.973   8.509   1.00 34.75 ? 209 GLN A NE2 1 
ATOM   1410 N  N   . LYS A 1 179 ? 5.860   2.892   10.663  1.00 33.38 ? 210 LYS A N   1 
ATOM   1411 C  CA  . LYS A 1 179 ? 5.475   1.519   10.379  1.00 34.03 ? 210 LYS A CA  1 
ATOM   1412 C  C   . LYS A 1 179 ? 3.954   1.358   10.458  1.00 35.49 ? 210 LYS A C   1 
ATOM   1413 O  O   . LYS A 1 179 ? 3.343   0.741   9.588   1.00 35.34 ? 210 LYS A O   1 
ATOM   1414 C  CB  . LYS A 1 179 ? 6.158   0.568   11.364  1.00 33.84 ? 210 LYS A CB  1 
ATOM   1415 C  CG  . LYS A 1 179 ? 7.683   0.491   11.208  1.00 33.97 ? 210 LYS A CG  1 
ATOM   1416 C  CD  . LYS A 1 179 ? 8.288   -0.396  12.294  1.00 35.51 ? 210 LYS A CD  1 
ATOM   1417 C  CE  . LYS A 1 179 ? 9.809   -0.420  12.238  1.00 37.26 ? 210 LYS A CE  1 
ATOM   1418 N  NZ  . LYS A 1 179 ? 10.370  -1.234  13.363  1.00 35.62 ? 210 LYS A NZ  1 
ATOM   1419 N  N   . LEU A 1 180 ? 3.342   1.920   11.495  1.00 36.26 ? 211 LEU A N   1 
ATOM   1420 C  CA  . LEU A 1 180 ? 1.891   1.822   11.650  1.00 34.15 ? 211 LEU A CA  1 
ATOM   1421 C  C   . LEU A 1 180 ? 1.176   2.470   10.473  1.00 33.21 ? 211 LEU A C   1 
ATOM   1422 O  O   . LEU A 1 180 ? 0.281   1.876   9.882   1.00 33.60 ? 211 LEU A O   1 
ATOM   1423 C  CB  . LEU A 1 180 ? 1.439   2.493   12.953  1.00 34.87 ? 211 LEU A CB  1 
ATOM   1424 C  CG  . LEU A 1 180 ? -0.078  2.537   13.183  1.00 36.43 ? 211 LEU A CG  1 
ATOM   1425 C  CD1 . LEU A 1 180 ? -0.641  1.118   13.212  1.00 37.09 ? 211 LEU A CD1 1 
ATOM   1426 C  CD2 . LEU A 1 180 ? -0.379  3.254   14.490  1.00 37.99 ? 211 LEU A CD2 1 
ATOM   1427 N  N   . TYR A 1 181 ? 1.580   3.690   10.135  1.00 32.61 ? 212 TYR A N   1 
ATOM   1428 C  CA  . TYR A 1 181 ? 0.977   4.426   9.024   1.00 34.80 ? 212 TYR A CA  1 
ATOM   1429 C  C   . TYR A 1 181 ? 1.080   3.707   7.682   1.00 34.91 ? 212 TYR A C   1 
ATOM   1430 O  O   . TYR A 1 181 ? 0.087   3.550   6.967   1.00 32.06 ? 212 TYR A O   1 
ATOM   1431 C  CB  . TYR A 1 181 ? 1.633   5.802   8.889   1.00 36.46 ? 212 TYR A CB  1 
ATOM   1432 C  CG  . TYR A 1 181 ? 0.995   6.888   9.725   1.00 39.75 ? 212 TYR A CG  1 
ATOM   1433 C  CD1 . TYR A 1 181 ? 0.852   6.747   11.109  1.00 40.53 ? 212 TYR A CD1 1 
ATOM   1434 C  CD2 . TYR A 1 181 ? 0.537   8.066   9.127   1.00 40.54 ? 212 TYR A CD2 1 
ATOM   1435 C  CE1 . TYR A 1 181 ? 0.261   7.757   11.875  1.00 41.55 ? 212 TYR A CE1 1 
ATOM   1436 C  CE2 . TYR A 1 181 ? -0.050  9.074   9.880   1.00 41.64 ? 212 TYR A CE2 1 
ATOM   1437 C  CZ  . TYR A 1 181 ? -0.187  8.916   11.250  1.00 42.14 ? 212 TYR A CZ  1 
ATOM   1438 O  OH  . TYR A 1 181 ? -0.802  9.908   11.981  1.00 45.31 ? 212 TYR A OH  1 
ATOM   1439 N  N   . ALA A 1 182 ? 2.292   3.287   7.341   1.00 33.38 ? 213 ALA A N   1 
ATOM   1440 C  CA  . ALA A 1 182 ? 2.545   2.604   6.076   1.00 32.44 ? 213 ALA A CA  1 
ATOM   1441 C  C   . ALA A 1 182 ? 1.799   1.278   5.971   1.00 30.93 ? 213 ALA A C   1 
ATOM   1442 O  O   . ALA A 1 182 ? 1.207   0.981   4.944   1.00 32.00 ? 213 ALA A O   1 
ATOM   1443 C  CB  . ALA A 1 182 ? 4.045   2.377   5.912   1.00 30.01 ? 213 ALA A CB  1 
ATOM   1444 N  N   . ALA A 1 183 ? 1.830   0.485   7.037   1.00 32.98 ? 214 ALA A N   1 
ATOM   1445 C  CA  . ALA A 1 183 ? 1.151   -0.802  7.042   1.00 32.83 ? 214 ALA A CA  1 
ATOM   1446 C  C   . ALA A 1 183 ? -0.356  -0.635  6.902   1.00 34.13 ? 214 ALA A C   1 
ATOM   1447 O  O   . ALA A 1 183 ? -0.998  -1.380  6.163   1.00 32.83 ? 214 ALA A O   1 
ATOM   1448 C  CB  . ALA A 1 183 ? 1.469   -1.567  8.332   1.00 32.51 ? 214 ALA A CB  1 
ATOM   1449 N  N   . THR A 1 184 ? -0.914  0.337   7.620   1.00 33.35 ? 215 THR A N   1 
ATOM   1450 C  CA  . THR A 1 184 ? -2.357  0.584   7.591   1.00 34.15 ? 215 THR A CA  1 
ATOM   1451 C  C   . THR A 1 184 ? -2.870  1.004   6.213   1.00 33.61 ? 215 THR A C   1 
ATOM   1452 O  O   . THR A 1 184 ? -3.968  0.607   5.814   1.00 34.11 ? 215 THR A O   1 
ATOM   1453 C  CB  . THR A 1 184 ? -2.755  1.649   8.650   1.00 35.50 ? 215 THR A CB  1 
ATOM   1454 O  OG1 . THR A 1 184 ? -2.204  1.275   9.919   1.00 33.60 ? 215 THR A OG1 1 
ATOM   1455 C  CG2 . THR A 1 184 ? -4.285  1.735   8.788   1.00 33.70 ? 215 THR A CG2 1 
ATOM   1456 N  N   . ASP A 1 185 ? -2.096  1.798   5.480   1.00 34.51 ? 216 ASP A N   1 
ATOM   1457 C  CA  . ASP A 1 185 ? -2.539  2.198   4.144   1.00 36.42 ? 216 ASP A CA  1 
ATOM   1458 C  C   . ASP A 1 185 ? -2.652  0.975   3.226   1.00 36.23 ? 216 ASP A C   1 
ATOM   1459 O  O   . ASP A 1 185 ? -3.597  0.863   2.447   1.00 36.87 ? 216 ASP A O   1 
ATOM   1460 C  CB  . ASP A 1 185 ? -1.591  3.231   3.524   1.00 37.23 ? 216 ASP A CB  1 
ATOM   1461 C  CG  . ASP A 1 185 ? -1.817  4.634   4.071   1.00 39.35 ? 216 ASP A CG  1 
ATOM   1462 O  OD1 . ASP A 1 185 ? -2.859  4.865   4.716   1.00 40.60 ? 216 ASP A OD1 1 
ATOM   1463 O  OD2 . ASP A 1 185 ? -0.965  5.512   3.846   1.00 40.88 ? 216 ASP A OD2 1 
ATOM   1464 N  N   . ALA A 1 186 ? -1.701  0.051   3.320   1.00 35.11 ? 217 ALA A N   1 
ATOM   1465 C  CA  . ALA A 1 186 ? -1.755  -1.148  2.487   1.00 33.92 ? 217 ALA A CA  1 
ATOM   1466 C  C   . ALA A 1 186 ? -2.896  -2.031  2.972   1.00 34.11 ? 217 ALA A C   1 
ATOM   1467 O  O   . ALA A 1 186 ? -3.563  -2.699  2.182   1.00 33.02 ? 217 ALA A O   1 
ATOM   1468 C  CB  . ALA A 1 186 ? -0.437  -1.910  2.562   1.00 32.28 ? 217 ALA A CB  1 
ATOM   1469 N  N   . TYR A 1 187 ? -3.109  -2.034  4.284   1.00 34.00 ? 218 TYR A N   1 
ATOM   1470 C  CA  . TYR A 1 187 ? -4.175  -2.824  4.884   1.00 34.87 ? 218 TYR A CA  1 
ATOM   1471 C  C   . TYR A 1 187 ? -5.535  -2.334  4.377   1.00 34.85 ? 218 TYR A C   1 
ATOM   1472 O  O   . TYR A 1 187 ? -6.434  -3.134  4.108   1.00 34.13 ? 218 TYR A O   1 
ATOM   1473 C  CB  . TYR A 1 187 ? -4.111  -2.712  6.411   1.00 36.50 ? 218 TYR A CB  1 
ATOM   1474 C  CG  . TYR A 1 187 ? -5.319  -3.277  7.120   1.00 39.26 ? 218 TYR A CG  1 
ATOM   1475 C  CD1 . TYR A 1 187 ? -5.584  -4.649  7.114   1.00 38.49 ? 218 TYR A CD1 1 
ATOM   1476 C  CD2 . TYR A 1 187 ? -6.211  -2.435  7.782   1.00 39.28 ? 218 TYR A CD2 1 
ATOM   1477 C  CE1 . TYR A 1 187 ? -6.701  -5.164  7.754   1.00 41.61 ? 218 TYR A CE1 1 
ATOM   1478 C  CE2 . TYR A 1 187 ? -7.334  -2.940  8.425   1.00 40.93 ? 218 TYR A CE2 1 
ATOM   1479 C  CZ  . TYR A 1 187 ? -7.573  -4.303  8.408   1.00 42.65 ? 218 TYR A CZ  1 
ATOM   1480 O  OH  . TYR A 1 187 ? -8.683  -4.804  9.044   1.00 46.30 ? 218 TYR A OH  1 
ATOM   1481 N  N   . ALA A 1 188 ? -5.676  -1.018  4.258   1.00 35.24 ? 219 ALA A N   1 
ATOM   1482 C  CA  . ALA A 1 188 ? -6.912  -0.412  3.767   1.00 38.36 ? 219 ALA A CA  1 
ATOM   1483 C  C   . ALA A 1 188 ? -7.210  -0.929  2.362   1.00 37.97 ? 219 ALA A C   1 
ATOM   1484 O  O   . ALA A 1 188 ? -8.335  -1.322  2.060   1.00 36.96 ? 219 ALA A O   1 
ATOM   1485 C  CB  . ALA A 1 188 ? -6.777  1.111   3.739   1.00 37.72 ? 219 ALA A CB  1 
ATOM   1486 N  N   . GLY A 1 189 ? -6.188  -0.921  1.509   1.00 38.33 ? 220 GLY A N   1 
ATOM   1487 C  CA  . GLY A 1 189 ? -6.353  -1.398  0.147   1.00 37.04 ? 220 GLY A CA  1 
ATOM   1488 C  C   . GLY A 1 189 ? -6.814  -2.842  0.099   1.00 36.84 ? 220 GLY A C   1 
ATOM   1489 O  O   . GLY A 1 189 ? -7.655  -3.208  -0.724  1.00 37.19 ? 220 GLY A O   1 
ATOM   1490 N  N   . PHE A 1 190 ? -6.267  -3.668  0.985   1.00 36.19 ? 221 PHE A N   1 
ATOM   1491 C  CA  . PHE A 1 190 ? -6.641  -5.073  1.040   1.00 37.34 ? 221 PHE A CA  1 
ATOM   1492 C  C   . PHE A 1 190 ? -8.082  -5.292  1.502   1.00 38.15 ? 221 PHE A C   1 
ATOM   1493 O  O   . PHE A 1 190 ? -8.820  -6.084  0.905   1.00 36.18 ? 221 PHE A O   1 
ATOM   1494 C  CB  . PHE A 1 190 ? -5.700  -5.844  1.968   1.00 37.07 ? 221 PHE A CB  1 
ATOM   1495 C  CG  . PHE A 1 190 ? -6.172  -7.245  2.285   1.00 36.26 ? 221 PHE A CG  1 
ATOM   1496 C  CD1 . PHE A 1 190 ? -7.000  -7.484  3.378   1.00 38.78 ? 221 PHE A CD1 1 
ATOM   1497 C  CD2 . PHE A 1 190 ? -5.817  -8.313  1.470   1.00 37.06 ? 221 PHE A CD2 1 
ATOM   1498 C  CE1 . PHE A 1 190 ? -7.471  -8.767  3.653   1.00 38.74 ? 221 PHE A CE1 1 
ATOM   1499 C  CE2 . PHE A 1 190 ? -6.282  -9.600  1.733   1.00 38.56 ? 221 PHE A CE2 1 
ATOM   1500 C  CZ  . PHE A 1 190 ? -7.113  -9.828  2.831   1.00 40.03 ? 221 PHE A CZ  1 
ATOM   1501 N  N   . ILE A 1 191 ? -8.463  -4.612  2.579   1.00 39.36 ? 222 ILE A N   1 
ATOM   1502 C  CA  . ILE A 1 191 ? -9.810  -4.740  3.137   1.00 41.94 ? 222 ILE A CA  1 
ATOM   1503 C  C   . ILE A 1 191 ? -10.869 -4.179  2.200   1.00 39.93 ? 222 ILE A C   1 
ATOM   1504 O  O   . ILE A 1 191 ? -11.939 -4.770  2.036   1.00 41.15 ? 222 ILE A O   1 
ATOM   1505 C  CB  . ILE A 1 191 ? -9.923  -4.030  4.509   1.00 44.32 ? 222 ILE A CB  1 
ATOM   1506 C  CG1 . ILE A 1 191 ? -9.175  -4.837  5.570   1.00 49.43 ? 222 ILE A CG1 1 
ATOM   1507 C  CG2 . ILE A 1 191 ? -11.385 -3.900  4.920   1.00 48.87 ? 222 ILE A CG2 1 
ATOM   1508 C  CD1 . ILE A 1 191 ? -9.751  -6.227  5.813   1.00 48.56 ? 222 ILE A CD1 1 
ATOM   1509 N  N   . ILE A 1 192 ? -10.570 -3.037  1.593   1.00 39.19 ? 223 ILE A N   1 
ATOM   1510 C  CA  . ILE A 1 192 ? -11.501 -2.412  0.664   1.00 39.33 ? 223 ILE A CA  1 
ATOM   1511 C  C   . ILE A 1 192 ? -11.776 -3.355  -0.497  1.00 41.91 ? 223 ILE A C   1 
ATOM   1512 O  O   . ILE A 1 192 ? -12.933 -3.558  -0.874  1.00 39.70 ? 223 ILE A O   1 
ATOM   1513 C  CB  . ILE A 1 192 ? -10.943 -1.084  0.134   1.00 40.30 ? 223 ILE A CB  1 
ATOM   1514 C  CG1 . ILE A 1 192 ? -10.960 -0.045  1.259   1.00 38.19 ? 223 ILE A CG1 1 
ATOM   1515 C  CG2 . ILE A 1 192 ? -11.753 -0.616  -1.071  1.00 40.09 ? 223 ILE A CG2 1 
ATOM   1516 C  CD1 . ILE A 1 192 ? -10.323 1.268   0.900   1.00 40.53 ? 223 ILE A CD1 1 
ATOM   1517 N  N   . TYR A 1 193 ? -10.720 -3.942  -1.063  1.00 39.55 ? 224 TYR A N   1 
ATOM   1518 C  CA  . TYR A 1 193 ? -10.927 -4.868  -2.164  1.00 38.77 ? 224 TYR A CA  1 
ATOM   1519 C  C   . TYR A 1 193 ? -11.775 -6.054  -1.714  1.00 39.38 ? 224 TYR A C   1 
ATOM   1520 O  O   . TYR A 1 193 ? -12.753 -6.409  -2.372  1.00 39.57 ? 224 TYR A O   1 
ATOM   1521 C  CB  . TYR A 1 193 ? -9.606  -5.404  -2.721  1.00 38.45 ? 224 TYR A CB  1 
ATOM   1522 C  CG  . TYR A 1 193 ? -9.832  -6.264  -3.948  1.00 37.16 ? 224 TYR A CG  1 
ATOM   1523 C  CD1 . TYR A 1 193 ? -9.938  -5.689  -5.212  1.00 36.05 ? 224 TYR A CD1 1 
ATOM   1524 C  CD2 . TYR A 1 193 ? -10.038 -7.640  -3.829  1.00 36.56 ? 224 TYR A CD2 1 
ATOM   1525 C  CE1 . TYR A 1 193 ? -10.246 -6.456  -6.329  1.00 40.41 ? 224 TYR A CE1 1 
ATOM   1526 C  CE2 . TYR A 1 193 ? -10.354 -8.420  -4.942  1.00 40.56 ? 224 TYR A CE2 1 
ATOM   1527 C  CZ  . TYR A 1 193 ? -10.456 -7.821  -6.185  1.00 40.27 ? 224 TYR A CZ  1 
ATOM   1528 O  OH  . TYR A 1 193 ? -10.771 -8.581  -7.289  1.00 44.46 ? 224 TYR A OH  1 
ATOM   1529 N  N   . ARG A 1 194 ? -11.406 -6.664  -0.595  1.00 41.57 ? 225 ARG A N   1 
ATOM   1530 C  CA  . ARG A 1 194 ? -12.133 -7.823  -0.089  1.00 43.82 ? 225 ARG A CA  1 
ATOM   1531 C  C   . ARG A 1 194 ? -13.617 -7.551  0.163   1.00 45.76 ? 225 ARG A C   1 
ATOM   1532 O  O   . ARG A 1 194 ? -14.478 -8.360  -0.202  1.00 45.58 ? 225 ARG A O   1 
ATOM   1533 C  CB  . ARG A 1 194 ? -11.504 -8.331  1.204   1.00 45.84 ? 225 ARG A CB  1 
ATOM   1534 C  CG  . ARG A 1 194 ? -12.053 -9.680  1.640   1.00 49.48 ? 225 ARG A CG  1 
ATOM   1535 C  CD  . ARG A 1 194 ? -11.680 -9.988  3.071   1.00 53.36 ? 225 ARG A CD  1 
ATOM   1536 N  NE  . ARG A 1 194 ? -12.265 -9.011  3.982   1.00 57.79 ? 225 ARG A NE  1 
ATOM   1537 C  CZ  . ARG A 1 194 ? -12.114 -9.034  5.302   1.00 59.59 ? 225 ARG A CZ  1 
ATOM   1538 N  NH1 . ARG A 1 194 ? -12.686 -8.101  6.050   1.00 59.63 ? 225 ARG A NH1 1 
ATOM   1539 N  NH2 . ARG A 1 194 ? -11.392 -9.991  5.870   1.00 60.15 ? 225 ARG A NH2 1 
ATOM   1540 N  N   . ASN A 1 195 ? -13.915 -6.421  0.796   1.00 45.52 ? 226 ASN A N   1 
ATOM   1541 C  CA  . ASN A 1 195 ? -15.299 -6.077  1.084   1.00 47.60 ? 226 ASN A CA  1 
ATOM   1542 C  C   . ASN A 1 195 ? -16.085 -5.786  -0.197  1.00 48.39 ? 226 ASN A C   1 
ATOM   1543 O  O   . ASN A 1 195 ? -17.253 -6.155  -0.308  1.00 48.75 ? 226 ASN A O   1 
ATOM   1544 C  CB  . ASN A 1 195 ? -15.355 -4.881  2.036   1.00 47.08 ? 226 ASN A CB  1 
ATOM   1545 C  CG  . ASN A 1 195 ? -14.898 -5.236  3.447   1.00 50.54 ? 226 ASN A CG  1 
ATOM   1546 O  OD1 . ASN A 1 195 ? -14.925 -4.398  4.349   1.00 51.40 ? 226 ASN A OD1 1 
ATOM   1547 N  ND2 . ASN A 1 195 ? -14.478 -6.482  3.639   1.00 47.25 ? 226 ASN A ND2 1 
ATOM   1548 N  N   . LEU A 1 196 ? -15.447 -5.136  -1.166  1.00 48.15 ? 227 LEU A N   1 
ATOM   1549 C  CA  . LEU A 1 196 ? -16.111 -4.828  -2.431  1.00 49.83 ? 227 LEU A CA  1 
ATOM   1550 C  C   . LEU A 1 196 ? -16.353 -6.090  -3.258  1.00 52.34 ? 227 LEU A C   1 
ATOM   1551 O  O   . LEU A 1 196 ? -17.424 -6.265  -3.841  1.00 52.04 ? 227 LEU A O   1 
ATOM   1552 C  CB  . LEU A 1 196 ? -15.271 -3.849  -3.259  1.00 47.82 ? 227 LEU A CB  1 
ATOM   1553 C  CG  . LEU A 1 196 ? -15.180 -2.384  -2.819  1.00 47.37 ? 227 LEU A CG  1 
ATOM   1554 C  CD1 . LEU A 1 196 ? -14.215 -1.640  -3.732  1.00 43.75 ? 227 LEU A CD1 1 
ATOM   1555 C  CD2 . LEU A 1 196 ? -16.564 -1.741  -2.872  1.00 46.03 ? 227 LEU A CD2 1 
ATOM   1556 N  N   . GLU A 1 197 ? -15.353 -6.965  -3.298  1.00 55.35 ? 228 GLU A N   1 
ATOM   1557 C  CA  . GLU A 1 197 ? -15.421 -8.199  -4.073  1.00 59.91 ? 228 GLU A CA  1 
ATOM   1558 C  C   . GLU A 1 197 ? -16.541 -9.146  -3.655  1.00 62.18 ? 228 GLU A C   1 
ATOM   1559 O  O   . GLU A 1 197 ? -17.105 -9.853  -4.494  1.00 61.89 ? 228 GLU A O   1 
ATOM   1560 C  CB  . GLU A 1 197 ? -14.072 -8.927  -3.997  1.00 59.93 ? 228 GLU A CB  1 
ATOM   1561 C  CG  . GLU A 1 197 ? -13.874 -10.018 -5.045  1.00 62.58 ? 228 GLU A CG  1 
ATOM   1562 C  CD  . GLU A 1 197 ? -14.600 -11.311 -4.715  1.00 65.04 ? 228 GLU A CD  1 
ATOM   1563 O  OE1 . GLU A 1 197 ? -14.639 -12.210 -5.584  1.00 65.56 ? 228 GLU A OE1 1 
ATOM   1564 O  OE2 . GLU A 1 197 ? -15.122 -11.435 -3.587  1.00 66.97 ? 228 GLU A OE2 1 
ATOM   1565 N  N   . ILE A 1 198 ? -16.864 -9.160  -2.368  1.00 65.78 ? 229 ILE A N   1 
ATOM   1566 C  CA  . ILE A 1 198 ? -17.904 -10.041 -1.853  1.00 69.51 ? 229 ILE A CA  1 
ATOM   1567 C  C   . ILE A 1 198 ? -19.319 -9.601  -2.234  1.00 70.84 ? 229 ILE A C   1 
ATOM   1568 O  O   . ILE A 1 198 ? -20.272 -10.368 -2.093  1.00 71.43 ? 229 ILE A O   1 
ATOM   1569 C  CB  . ILE A 1 198 ? -17.815 -10.155 -0.313  1.00 70.66 ? 229 ILE A CB  1 
ATOM   1570 C  CG1 . ILE A 1 198 ? -18.753 -11.258 0.187   1.00 72.44 ? 229 ILE A CG1 1 
ATOM   1571 C  CG2 . ILE A 1 198 ? -18.183 -8.830  0.330   1.00 71.55 ? 229 ILE A CG2 1 
ATOM   1572 C  CD1 . ILE A 1 198 ? -18.413 -12.642 -0.340  1.00 73.93 ? 229 ILE A CD1 1 
ATOM   1573 N  N   . LEU A 1 199 ? -19.458 -8.372  -2.720  1.00 72.25 ? 230 LEU A N   1 
ATOM   1574 C  CA  . LEU A 1 199 ? -20.769 -7.862  -3.108  1.00 73.63 ? 230 LEU A CA  1 
ATOM   1575 C  C   . LEU A 1 199 ? -21.333 -8.573  -4.331  1.00 75.57 ? 230 LEU A C   1 
ATOM   1576 O  O   . LEU A 1 199 ? -20.646 -8.743  -5.337  1.00 75.00 ? 230 LEU A O   1 
ATOM   1577 C  CB  . LEU A 1 199 ? -20.700 -6.358  -3.382  1.00 71.88 ? 230 LEU A CB  1 
ATOM   1578 C  CG  . LEU A 1 199 ? -20.294 -5.485  -2.194  1.00 71.27 ? 230 LEU A CG  1 
ATOM   1579 C  CD1 . LEU A 1 199 ? -20.396 -4.024  -2.585  1.00 69.01 ? 230 LEU A CD1 1 
ATOM   1580 C  CD2 . LEU A 1 199 ? -21.191 -5.787  -0.999  1.00 70.92 ? 230 LEU A CD2 1 
ATOM   1581 N  N   . ASP A 1 200 ? -22.594 -8.983  -4.230  1.00 78.40 ? 231 ASP A N   1 
ATOM   1582 C  CA  . ASP A 1 200 ? -23.282 -9.676  -5.313  1.00 80.97 ? 231 ASP A CA  1 
ATOM   1583 C  C   . ASP A 1 200 ? -23.386 -8.784  -6.546  1.00 81.35 ? 231 ASP A C   1 
ATOM   1584 O  O   . ASP A 1 200 ? -22.922 -9.212  -7.624  1.00 82.98 ? 231 ASP A O   1 
ATOM   1585 C  CB  . ASP A 1 200 ? -24.684 -10.089 -4.858  1.00 82.65 ? 231 ASP A CB  1 
ATOM   1586 C  CG  . ASP A 1 200 ? -24.659 -11.007 -3.649  1.00 84.85 ? 231 ASP A CG  1 
ATOM   1587 O  OD1 . ASP A 1 200 ? -24.027 -10.642 -2.633  1.00 85.33 ? 231 ASP A OD1 1 
ATOM   1588 O  OD2 . ASP A 1 200 ? -25.276 -12.092 -3.714  1.00 85.71 ? 231 ASP A OD2 1 
HETATM 1589 EU EU  . EU3 B 2 .   ? 0.743   6.058   1.850   0.70 58.10 ? 237 EU3 A EU  1 
HETATM 1590 EU EU  . EU3 C 2 .   ? -0.167  6.178   -1.466  0.50 54.30 ? 238 EU3 A EU  1 
HETATM 1591 O  O   . HOH D 3 .   ? 17.922  -9.875  -4.566  1.00 44.11 ? 239 HOH A O   1 
HETATM 1592 O  O   . HOH D 3 .   ? 17.616  -14.233 -1.837  1.00 41.31 ? 240 HOH A O   1 
HETATM 1593 O  O   . HOH D 3 .   ? 5.905   -0.296  -13.048 1.00 36.00 ? 241 HOH A O   1 
HETATM 1594 O  O   . HOH D 3 .   ? 20.330  -5.296  1.436   1.00 39.46 ? 242 HOH A O   1 
HETATM 1595 O  O   . HOH D 3 .   ? 5.420   8.784   0.773   1.00 40.73 ? 243 HOH A O   1 
HETATM 1596 O  O   . HOH D 3 .   ? -6.287  -4.629  11.987  1.00 47.40 ? 244 HOH A O   1 
HETATM 1597 O  O   . HOH D 3 .   ? -6.758  9.396   0.850   1.00 44.73 ? 245 HOH A O   1 
HETATM 1598 O  O   . HOH D 3 .   ? 7.950   -0.044  -20.401 1.00 37.61 ? 246 HOH A O   1 
HETATM 1599 O  O   . HOH D 3 .   ? 0.456   -4.207  15.056  1.00 57.38 ? 247 HOH A O   1 
HETATM 1600 O  O   . HOH D 3 .   ? -2.426  4.710   7.417   1.00 39.46 ? 248 HOH A O   1 
HETATM 1601 O  O   . HOH D 3 .   ? 15.666  -7.271  7.110   1.00 36.96 ? 249 HOH A O   1 
HETATM 1602 O  O   . HOH D 3 .   ? -5.069  4.946   8.882   1.00 41.16 ? 250 HOH A O   1 
HETATM 1603 O  O   . HOH D 3 .   ? 20.612  -1.457  7.012   1.00 60.12 ? 251 HOH A O   1 
HETATM 1604 O  O   . HOH D 3 .   ? 13.930  -20.548 -3.281  1.00 42.79 ? 252 HOH A O   1 
HETATM 1605 O  O   . HOH D 3 .   ? -8.976  0.433   13.332  1.00 45.84 ? 253 HOH A O   1 
HETATM 1606 O  O   . HOH D 3 .   ? 9.218   -14.047 -5.335  1.00 49.53 ? 254 HOH A O   1 
HETATM 1607 O  O   . HOH D 3 .   ? -1.740  -20.689 -7.809  1.00 40.08 ? 255 HOH A O   1 
HETATM 1608 O  O   . HOH D 3 .   ? 13.093  10.117  -7.956  1.00 48.08 ? 256 HOH A O   1 
HETATM 1609 O  O   . HOH D 3 .   ? 7.423   -8.914  12.351  1.00 43.48 ? 257 HOH A O   1 
HETATM 1610 O  O   . HOH D 3 .   ? -8.433  11.183  7.798   1.00 47.78 ? 258 HOH A O   1 
HETATM 1611 O  O   . HOH D 3 .   ? 6.822   -14.641 6.225   1.00 48.88 ? 259 HOH A O   1 
HETATM 1612 O  O   . HOH D 3 .   ? 9.695   4.663   17.194  1.00 52.79 ? 260 HOH A O   1 
HETATM 1613 O  O   . HOH D 3 .   ? 5.749   -1.229  -18.816 1.00 60.81 ? 261 HOH A O   1 
HETATM 1614 O  O   . HOH D 3 .   ? -5.042  11.601  5.131   1.00 59.75 ? 262 HOH A O   1 
HETATM 1615 O  O   . HOH D 3 .   ? 6.917   6.409   16.668  1.00 46.66 ? 263 HOH A O   1 
HETATM 1616 O  O   . HOH D 3 .   ? -3.632  3.193   -2.186  1.00 44.39 ? 264 HOH A O   1 
HETATM 1617 O  O   . HOH D 3 .   ? -18.256 9.484   -2.442  1.00 63.90 ? 265 HOH A O   1 
HETATM 1618 O  O   . HOH D 3 .   ? 15.151  4.051   -2.283  1.00 41.53 ? 266 HOH A O   1 
HETATM 1619 O  O   . HOH D 3 .   ? 7.981   -7.895  -17.453 1.00 63.07 ? 267 HOH A O   1 
HETATM 1620 O  O   . HOH D 3 .   ? 6.395   10.028  15.359  1.00 53.73 ? 268 HOH A O   1 
HETATM 1621 O  O   . HOH D 3 .   ? 17.137  -0.097  -3.424  1.00 55.96 ? 269 HOH A O   1 
HETATM 1622 O  O   . HOH D 3 .   ? 17.482  2.297   -9.030  1.00 54.32 ? 270 HOH A O   1 
HETATM 1623 O  O   . HOH D 3 .   ? -3.736  0.378   -0.522  1.00 36.84 ? 271 HOH A O   1 
HETATM 1624 O  O   . HOH D 3 .   ? -6.044  8.463   -2.075  1.00 42.09 ? 272 HOH A O   1 
HETATM 1625 O  O   . HOH D 3 .   ? 20.850  -9.198  1.160   1.00 41.61 ? 273 HOH A O   1 
HETATM 1626 O  O   . HOH D 3 .   ? 20.155  2.120   5.849   1.00 57.44 ? 274 HOH A O   1 
HETATM 1627 O  O   . HOH D 3 .   ? -14.087 -7.416  -7.329  1.00 60.33 ? 275 HOH A O   1 
HETATM 1628 O  O   . HOH D 3 .   ? 7.975   12.894  -9.750  1.00 48.86 ? 276 HOH A O   1 
HETATM 1629 O  O   . HOH D 3 .   ? 12.614  -15.028 -5.258  1.00 62.55 ? 277 HOH A O   1 
HETATM 1630 O  O   . HOH D 3 .   ? -2.753  6.954   -10.399 1.00 54.70 ? 278 HOH A O   1 
HETATM 1631 O  O   . HOH D 3 .   ? -6.526  -19.745 -8.073  1.00 53.54 ? 279 HOH A O   1 
HETATM 1632 O  O   . HOH D 3 .   ? -7.819  -7.975  -1.021  1.00 48.71 ? 280 HOH A O   1 
HETATM 1633 O  O   . HOH D 3 .   ? -3.849  11.114  12.929  1.00 49.43 ? 281 HOH A O   1 
HETATM 1634 O  O   . HOH D 3 .   ? -16.360 15.352  14.902  1.00 54.94 ? 282 HOH A O   1 
HETATM 1635 O  O   . HOH D 3 .   ? -15.455 13.026  7.349   1.00 65.54 ? 283 HOH A O   1 
HETATM 1636 O  O   . HOH D 3 .   ? 9.945   -10.622 -13.262 1.00 58.17 ? 284 HOH A O   1 
HETATM 1637 O  O   . HOH D 3 .   ? -7.306  7.976   -8.266  1.00 61.08 ? 285 HOH A O   1 
HETATM 1638 O  O   . HOH D 3 .   ? 3.640   -12.460 -15.079 1.00 48.01 ? 286 HOH A O   1 
HETATM 1639 O  O   . HOH D 3 .   ? -1.513  -15.127 3.309   1.00 57.64 ? 287 HOH A O   1 
HETATM 1640 O  O   . HOH D 3 .   ? -2.868  -4.051  -14.447 1.00 57.95 ? 288 HOH A O   1 
HETATM 1641 O  O   . HOH D 3 .   ? 6.284   14.290  1.110   1.00 54.19 ? 289 HOH A O   1 
HETATM 1642 O  O   . HOH D 3 .   ? -14.967 4.037   -12.615 1.00 55.09 ? 290 HOH A O   1 
HETATM 1643 O  O   . HOH D 3 .   ? 13.402  -14.137 5.343   1.00 32.87 ? 291 HOH A O   1 
HETATM 1644 O  O   . HOH D 3 .   ? 9.820   -3.894  13.453  1.00 36.03 ? 292 HOH A O   1 
HETATM 1645 O  O   . HOH D 3 .   ? 4.089   0.180   14.318  1.00 42.71 ? 293 HOH A O   1 
HETATM 1646 O  O   . HOH D 3 .   ? 11.230  -20.236 -0.399  1.00 40.48 ? 294 HOH A O   1 
HETATM 1647 O  O   . HOH D 3 .   ? 15.362  10.474  -3.541  1.00 48.25 ? 295 HOH A O   1 
HETATM 1648 O  O   . HOH D 3 .   ? 20.427  -3.725  4.047   1.00 54.98 ? 296 HOH A O   1 
HETATM 1649 O  O   . HOH D 3 .   ? 7.109   -3.980  12.412  1.00 34.06 ? 297 HOH A O   1 
HETATM 1650 O  O   . HOH D 3 .   ? -19.135 15.990  15.854  1.00 58.10 ? 298 HOH A O   1 
HETATM 1651 O  O   . HOH D 3 .   ? -9.202  -7.535  9.736   1.00 64.62 ? 299 HOH A O   1 
HETATM 1652 O  O   . HOH D 3 .   ? 19.216  6.853   7.704   1.00 63.19 ? 300 HOH A O   1 
HETATM 1653 O  O   . HOH D 3 .   ? 13.211  -22.360 -5.695  1.00 59.40 ? 301 HOH A O   1 
HETATM 1654 O  O   . HOH D 3 .   ? 7.997   -14.818 -8.828  1.00 69.76 ? 302 HOH A O   1 
HETATM 1655 O  O   . HOH D 3 .   ? 5.120   -0.336  -16.062 1.00 49.51 ? 303 HOH A O   1 
HETATM 1656 O  O   . HOH D 3 .   ? -15.517 8.913   -11.789 1.00 65.12 ? 304 HOH A O   1 
HETATM 1657 O  O   . HOH D 3 .   ? 17.863  2.971   -3.369  1.00 69.47 ? 305 HOH A O   1 
HETATM 1658 O  O   . HOH D 3 .   ? 3.247   -2.872  -16.221 1.00 58.16 ? 306 HOH A O   1 
HETATM 1659 O  O   . HOH D 3 .   ? -9.464  6.839   16.765  1.00 54.32 ? 307 HOH A O   1 
HETATM 1660 O  O   . HOH D 3 .   ? 16.286  -5.163  -10.383 1.00 56.46 ? 308 HOH A O   1 
HETATM 1661 O  O   . HOH D 3 .   ? 14.212  13.680  2.045   1.00 55.47 ? 309 HOH A O   1 
HETATM 1662 O  O   . HOH D 3 .   ? -20.815 10.439  12.852  1.00 60.17 ? 310 HOH A O   1 
HETATM 1663 O  O   . HOH D 3 .   ? -17.461 12.111  -6.232  1.00 61.14 ? 311 HOH A O   1 
HETATM 1664 O  O   . HOH D 3 .   ? -7.649  -12.237 -2.552  1.00 57.10 ? 312 HOH A O   1 
HETATM 1665 O  O   . HOH D 3 .   ? -7.448  -12.308 5.361   1.00 50.91 ? 313 HOH A O   1 
HETATM 1666 O  O   . HOH D 3 .   ? -1.201  9.844   14.709  1.00 65.04 ? 314 HOH A O   1 
HETATM 1667 O  O   . HOH D 3 .   ? -22.454 11.680  -5.260  1.00 54.86 ? 315 HOH A O   1 
HETATM 1668 O  O   . HOH D 3 .   ? -16.997 12.341  16.228  1.00 66.07 ? 316 HOH A O   1 
HETATM 1669 O  O   . HOH D 3 .   ? -17.631 8.514   -15.625 1.00 61.55 ? 317 HOH A O   1 
HETATM 1670 O  O   . HOH D 3 .   ? 10.563  0.615   -19.556 1.00 37.14 ? 318 HOH A O   1 
HETATM 1671 O  O   . HOH D 3 .   ? 5.758   -2.136  14.066  1.00 38.07 ? 319 HOH A O   1 
HETATM 1672 O  O   . HOH D 3 .   ? 11.373  -16.186 4.801   1.00 41.37 ? 320 HOH A O   1 
HETATM 1673 O  O   . HOH D 3 .   ? 3.566   11.120  1.123   1.00 64.01 ? 321 HOH A O   1 
HETATM 1674 O  O   . HOH D 3 .   ? 16.039  -2.098  -9.699  1.00 52.68 ? 322 HOH A O   1 
HETATM 1675 O  O   . HOH D 3 .   ? 12.599  7.230   9.793   1.00 46.70 ? 323 HOH A O   1 
HETATM 1676 O  O   . HOH D 3 .   ? 7.442   9.176   12.645  1.00 50.34 ? 324 HOH A O   1 
HETATM 1677 O  O   . HOH D 3 .   ? -0.983  8.439   -8.044  1.00 64.20 ? 325 HOH A O   1 
HETATM 1678 O  O   . HOH D 3 .   ? -10.553 13.621  6.673   1.00 65.18 ? 326 HOH A O   1 
HETATM 1679 O  O   . HOH D 3 .   ? -2.108  6.749   0.854   1.00 59.99 ? 327 HOH A O   1 
HETATM 1680 O  O   . HOH D 3 .   ? 3.023   -21.181 7.214   1.00 61.85 ? 328 HOH A O   1 
HETATM 1681 O  O   . HOH D 3 .   ? -9.761  -11.870 1.309   1.00 70.41 ? 329 HOH A O   1 
HETATM 1682 O  O   . HOH D 3 .   ? 9.979   10.513  11.777  1.00 70.55 ? 330 HOH A O   1 
HETATM 1683 O  O   . HOH D 3 .   ? 17.751  -11.052 -13.161 1.00 66.97 ? 331 HOH A O   1 
HETATM 1684 O  O   . HOH D 3 .   ? 0.186   7.251   15.778  1.00 59.40 ? 332 HOH A O   1 
HETATM 1685 O  O   . HOH D 3 .   ? -13.190 2.716   -15.877 1.00 69.10 ? 333 HOH A O   1 
HETATM 1686 O  O   . HOH D 3 .   ? 13.189  -3.946  -20.504 1.00 53.28 ? 334 HOH A O   1 
HETATM 1687 O  O   . HOH D 3 .   ? 1.623   6.337   5.134   1.00 54.58 ? 335 HOH A O   1 
HETATM 1688 O  O   . HOH D 3 .   ? 14.106  3.649   -15.548 1.00 56.27 ? 336 HOH A O   1 
HETATM 1689 O  O   . HOH D 3 .   ? -12.454 11.969  2.709   1.00 60.99 ? 337 HOH A O   1 
HETATM 1690 O  O   . HOH D 3 .   ? 14.575  9.155   -13.089 1.00 48.97 ? 338 HOH A O   1 
HETATM 1691 O  O   . HOH D 3 .   ? -13.736 11.666  9.848   1.00 61.52 ? 339 HOH A O   1 
HETATM 1692 O  O   . HOH D 3 .   ? -18.027 1.577   -13.399 1.00 65.38 ? 340 HOH A O   1 
HETATM 1693 O  O   . HOH D 3 .   ? 12.424  1.654   -17.431 1.00 48.95 ? 341 HOH A O   1 
HETATM 1694 O  O   . HOH D 3 .   ? 19.028  -10.262 3.610   1.00 48.30 ? 342 HOH A O   1 
HETATM 1695 O  O   . HOH D 3 .   ? 9.487   -6.718  12.000  1.00 58.75 ? 343 HOH A O   1 
HETATM 1696 O  O   . HOH D 3 .   ? -22.037 3.171   -13.952 1.00 52.78 ? 344 HOH A O   1 
HETATM 1697 O  O   . HOH D 3 .   ? -20.271 -5.952  -10.540 1.00 61.66 ? 345 HOH A O   1 
HETATM 1698 O  O   . HOH D 3 .   ? 2.018   6.695   -0.435  1.00 35.66 ? 346 HOH A O   1 
HETATM 1699 O  O   . HOH D 3 .   ? -1.705  -5.073  17.954  1.00 66.98 ? 347 HOH A O   1 
HETATM 1700 O  O   . HOH D 3 .   ? 1.993   -16.207 -13.157 1.00 63.82 ? 348 HOH A O   1 
HETATM 1701 O  O   . HOH D 3 .   ? -1.205  5.293   -3.887  1.00 63.16 ? 349 HOH A O   1 
HETATM 1702 O  O   . HOH D 3 .   ? 10.331  9.285   -10.326 1.00 50.11 ? 350 HOH A O   1 
HETATM 1703 O  O   . HOH D 3 .   ? -16.018 18.153  12.339  1.00 67.63 ? 351 HOH A O   1 
HETATM 1704 O  O   . HOH D 3 .   ? 15.414  -2.195  -19.151 1.00 64.93 ? 352 HOH A O   1 
HETATM 1705 O  O   . HOH D 3 .   ? 2.738   -13.987 12.823  1.00 69.81 ? 353 HOH A O   1 
HETATM 1706 O  O   . HOH D 3 .   ? 18.028  10.815  4.068   1.00 65.44 ? 354 HOH A O   1 
HETATM 1707 O  O   . HOH D 3 .   ? -0.523  -5.430  -15.871 1.00 60.92 ? 355 HOH A O   1 
HETATM 1708 O  O   . HOH D 3 .   ? 14.818  6.613   13.263  1.00 67.45 ? 356 HOH A O   1 
HETATM 1709 O  O   . HOH D 3 .   ? -3.619  -4.728  -19.635 1.00 64.42 ? 357 HOH A O   1 
HETATM 1710 O  O   . HOH D 3 .   ? -10.503 12.881  -4.386  1.00 60.04 ? 358 HOH A O   1 
HETATM 1711 O  O   . HOH D 3 .   ? -18.148 11.901  -11.033 1.00 68.15 ? 359 HOH A O   1 
HETATM 1712 O  O   . HOH D 3 .   ? -1.632  2.201   -4.113  1.00 52.02 ? 360 HOH A O   1 
HETATM 1713 O  O   . HOH D 3 .   ? -8.478  -11.786 -9.130  1.00 54.78 ? 361 HOH A O   1 
HETATM 1714 O  O   . HOH D 3 .   ? 4.468   2.670   -16.488 1.00 44.11 ? 362 HOH A O   1 
HETATM 1715 O  O   . HOH D 3 .   ? 5.823   13.009  14.447  1.00 67.97 ? 363 HOH A O   1 
HETATM 1716 O  O   . HOH D 3 .   ? 2.782   4.066   17.195  1.00 62.02 ? 364 HOH A O   1 
HETATM 1717 O  O   . HOH D 3 .   ? -8.662  -2.755  12.424  1.00 68.43 ? 365 HOH A O   1 
HETATM 1718 O  O   . HOH D 3 .   ? -22.700 8.140   -8.091  1.00 44.06 ? 366 HOH A O   1 
# 
loop_
_pdbx_poly_seq_scheme.asym_id 
_pdbx_poly_seq_scheme.entity_id 
_pdbx_poly_seq_scheme.seq_id 
_pdbx_poly_seq_scheme.mon_id 
_pdbx_poly_seq_scheme.ndb_seq_num 
_pdbx_poly_seq_scheme.pdb_seq_num 
_pdbx_poly_seq_scheme.auth_seq_num 
_pdbx_poly_seq_scheme.pdb_mon_id 
_pdbx_poly_seq_scheme.auth_mon_id 
_pdbx_poly_seq_scheme.pdb_strand_id 
_pdbx_poly_seq_scheme.pdb_ins_code 
_pdbx_poly_seq_scheme.hetero 
A 1 1   HIS 1   32  ?   ?   ?   A . n 
A 1 2   HIS 2   33  ?   ?   ?   A . n 
A 1 3   HIS 3   34  ?   ?   ?   A . n 
A 1 4   HIS 4   35  ?   ?   ?   A . n 
A 1 5   HIS 5   36  36  HIS HIS A . n 
A 1 6   HIS 6   37  37  HIS HIS A . n 
A 1 7   SER 7   38  38  SER SER A . n 
A 1 8   VAL 8   39  39  VAL VAL A . n 
A 1 9   PHE 9   40  40  PHE PHE A . n 
A 1 10  GLU 10  41  41  GLU GLU A . n 
A 1 11  ASP 11  42  42  ASP ASP A . n 
A 1 12  ASP 12  43  43  ASP ASP A . n 
A 1 13  LEU 13  44  44  LEU LEU A . n 
A 1 14  PRO 14  45  45  PRO PRO A . n 
A 1 15  PHE 15  46  46  PHE PHE A . n 
A 1 16  LEU 16  47  47  LEU LEU A . n 
A 1 17  GLU 17  48  48  GLU GLU A . n 
A 1 18  PHE 18  49  49  PHE PHE A . n 
A 1 19  THR 19  50  50  THR THR A . n 
A 1 20  GLY 20  51  51  GLY GLY A . n 
A 1 21  SER 21  52  52  SER SER A . n 
A 1 22  ILE 22  53  53  ILE ILE A . n 
A 1 23  VAL 23  54  54  VAL VAL A . n 
A 1 24  TYR 24  55  55  TYR TYR A . n 
A 1 25  SER 25  56  56  SER SER A . n 
A 1 26  TYR 26  57  57  TYR TYR A . n 
A 1 27  ASP 27  58  58  ASP ASP A . n 
A 1 28  ALA 28  59  59  ALA ALA A . n 
A 1 29  SER 29  60  60  SER SER A . n 
A 1 30  ASP 30  61  61  ASP ASP A . n 
A 1 31  CYS 31  62  62  CYS CYS A . n 
A 1 32  SER 32  63  63  SER SER A . n 
A 1 33  PHE 33  64  64  PHE PHE A . n 
A 1 34  LEU 34  65  65  LEU LEU A . n 
A 1 35  SER 35  66  66  SER SER A . n 
A 1 36  GLU 36  67  67  GLU GLU A . n 
A 1 37  ASP 37  68  68  ASP ASP A . n 
A 1 38  ILE 38  69  69  ILE ILE A . n 
A 1 39  SER 39  70  70  SER SER A . n 
A 1 40  MET 40  71  71  MET MET A . n 
A 1 41  SER 41  72  72  SER SER A . n 
A 1 42  LEU 42  73  73  LEU LEU A . n 
A 1 43  SER 43  74  74  SER SER A . n 
A 1 44  ASP 44  75  75  ASP ASP A . n 
A 1 45  GLY 45  76  76  GLY GLY A . n 
A 1 46  ASP 46  77  77  ASP ASP A . n 
A 1 47  VAL 47  78  78  VAL VAL A . n 
A 1 48  VAL 48  79  79  VAL VAL A . n 
A 1 49  GLY 49  80  80  GLY GLY A . n 
A 1 50  PHE 50  81  81  PHE PHE A . n 
A 1 51  ASP 51  82  82  ASP ASP A . n 
A 1 52  MET 52  83  83  MET MET A . n 
A 1 53  GLU 53  84  84  GLU GLU A . n 
A 1 54  TRP 54  85  85  TRP TRP A . n 
A 1 55  PRO 55  86  86  PRO PRO A . n 
A 1 56  PRO 56  87  87  PRO PRO A . n 
A 1 57  LEU 57  88  88  LEU LEU A . n 
A 1 58  TYR 58  89  89  TYR TYR A . n 
A 1 59  ASN 59  90  90  ASN ASN A . n 
A 1 60  ARG 60  91  91  ARG ARG A . n 
A 1 61  GLY 61  92  92  GLY GLY A . n 
A 1 62  LYS 62  93  93  LYS LYS A . n 
A 1 63  LEU 63  94  94  LEU LEU A . n 
A 1 64  GLY 64  95  95  GLY GLY A . n 
A 1 65  LYS 65  96  96  LYS LYS A . n 
A 1 66  VAL 66  97  97  VAL VAL A . n 
A 1 67  ALA 67  98  98  ALA ALA A . n 
A 1 68  LEU 68  99  99  LEU LEU A . n 
A 1 69  ILE 69  100 100 ILE ILE A . n 
A 1 70  GLN 70  101 101 GLN GLN A . n 
A 1 71  LEU 71  102 102 LEU LEU A . n 
A 1 72  CYS 72  103 103 CYS CYS A . n 
A 1 73  VAL 73  104 104 VAL VAL A . n 
A 1 74  SER 74  105 105 SER SER A . n 
A 1 75  GLU 75  106 106 GLU GLU A . n 
A 1 76  SER 76  107 107 SER SER A . n 
A 1 77  LYS 77  108 108 LYS LYS A . n 
A 1 78  CYS 78  109 109 CYS CYS A . n 
A 1 79  TYR 79  110 110 TYR TYR A . n 
A 1 80  LEU 80  111 111 LEU LEU A . n 
A 1 81  PHE 81  112 112 PHE PHE A . n 
A 1 82  HIS 82  113 113 HIS HIS A . n 
A 1 83  VAL 83  114 114 VAL VAL A . n 
A 1 84  SER 84  115 115 SER SER A . n 
A 1 85  SER 85  116 116 SER SER A . n 
A 1 86  MET 86  117 117 MET MET A . n 
A 1 87  SER 87  118 118 SER SER A . n 
A 1 88  VAL 88  119 119 VAL VAL A . n 
A 1 89  PHE 89  120 120 PHE PHE A . n 
A 1 90  PRO 90  121 121 PRO PRO A . n 
A 1 91  GLN 91  122 122 GLN GLN A . n 
A 1 92  GLY 92  123 123 GLY GLY A . n 
A 1 93  LEU 93  124 124 LEU LEU A . n 
A 1 94  LYS 94  125 125 LYS LYS A . n 
A 1 95  MET 95  126 126 MET MET A . n 
A 1 96  LEU 96  127 127 LEU LEU A . n 
A 1 97  LEU 97  128 128 LEU LEU A . n 
A 1 98  GLU 98  129 129 GLU GLU A . n 
A 1 99  ASN 99  130 130 ASN ASN A . n 
A 1 100 LYS 100 131 131 LYS LYS A . n 
A 1 101 ALA 101 132 132 ALA ALA A . n 
A 1 102 VAL 102 133 133 VAL VAL A . n 
A 1 103 LYS 103 134 134 LYS LYS A . n 
A 1 104 LYS 104 135 135 LYS LYS A . n 
A 1 105 ALA 105 136 136 ALA ALA A . n 
A 1 106 GLY 106 137 137 GLY GLY A . n 
A 1 107 VAL 107 138 138 VAL VAL A . n 
A 1 108 GLY 108 139 139 GLY GLY A . n 
A 1 109 ILE 109 140 140 ILE ILE A . n 
A 1 110 GLU 110 141 141 GLU GLU A . n 
A 1 111 GLY 111 142 142 GLY GLY A . n 
A 1 112 ASP 112 143 143 ASP ASP A . n 
A 1 113 GLN 113 144 144 GLN GLN A . n 
A 1 114 TRP 114 145 145 TRP TRP A . n 
A 1 115 LYS 115 146 146 LYS LYS A . n 
A 1 116 LEU 116 147 147 LEU LEU A . n 
A 1 117 LEU 117 148 148 LEU LEU A . n 
A 1 118 ARG 118 149 149 ARG ARG A . n 
A 1 119 ASP 119 150 150 ASP ASP A . n 
A 1 120 PHE 120 151 151 PHE PHE A . n 
A 1 121 ASP 121 152 152 ASP ASP A . n 
A 1 122 ILE 122 153 153 ILE ILE A . n 
A 1 123 LYS 123 154 154 LYS LYS A . n 
A 1 124 LEU 124 155 155 LEU LEU A . n 
A 1 125 LYS 125 156 156 LYS LYS A . n 
A 1 126 ASN 126 157 157 ASN ASN A . n 
A 1 127 PHE 127 158 158 PHE PHE A . n 
A 1 128 VAL 128 159 159 VAL VAL A . n 
A 1 129 GLU 129 160 160 GLU GLU A . n 
A 1 130 LEU 130 161 161 LEU LEU A . n 
A 1 131 THR 131 162 162 THR THR A . n 
A 1 132 ASP 132 163 163 ASP ASP A . n 
A 1 133 VAL 133 164 164 VAL VAL A . n 
A 1 134 ALA 134 165 165 ALA ALA A . n 
A 1 135 ASN 135 166 166 ASN ASN A . n 
A 1 136 LYS 136 167 167 LYS LYS A . n 
A 1 137 LYS 137 168 168 LYS LYS A . n 
A 1 138 LEU 138 169 169 LEU LEU A . n 
A 1 139 LYS 139 170 170 LYS LYS A . n 
A 1 140 CYS 140 171 171 CYS CYS A . n 
A 1 141 THR 141 172 172 THR THR A . n 
A 1 142 GLU 142 173 173 GLU GLU A . n 
A 1 143 THR 143 174 174 THR THR A . n 
A 1 144 TRP 144 175 175 TRP TRP A . n 
A 1 145 SER 145 176 176 SER SER A . n 
A 1 146 LEU 146 177 177 LEU LEU A . n 
A 1 147 ASN 147 178 178 ASN ASN A . n 
A 1 148 SER 148 179 179 SER SER A . n 
A 1 149 LEU 149 180 180 LEU LEU A . n 
A 1 150 VAL 150 181 181 VAL VAL A . n 
A 1 151 LYS 151 182 182 LYS LYS A . n 
A 1 152 HIS 152 183 183 HIS HIS A . n 
A 1 153 LEU 153 184 184 LEU LEU A . n 
A 1 154 LEU 154 185 185 LEU LEU A . n 
A 1 155 GLY 155 186 186 GLY GLY A . n 
A 1 156 LYS 156 187 187 LYS LYS A . n 
A 1 157 GLN 157 188 188 GLN GLN A . n 
A 1 158 LEU 158 189 189 LEU LEU A . n 
A 1 159 LEU 159 190 190 LEU LEU A . n 
A 1 160 LYS 160 191 191 LYS LYS A . n 
A 1 161 ASP 161 192 192 ASP ASP A . n 
A 1 162 LYS 162 193 193 LYS LYS A . n 
A 1 163 SER 163 194 194 SER SER A . n 
A 1 164 ILE 164 195 195 ILE ILE A . n 
A 1 165 ARG 165 196 196 ARG ARG A . n 
A 1 166 CYS 166 197 197 CYS CYS A . n 
A 1 167 SER 167 198 198 SER SER A . n 
A 1 168 ASN 168 199 199 ASN ASN A . n 
A 1 169 TRP 169 200 200 TRP TRP A . n 
A 1 170 SER 170 201 201 SER SER A . n 
A 1 171 LYS 171 202 202 LYS LYS A . n 
A 1 172 PHE 172 203 203 PHE PHE A . n 
A 1 173 PRO 173 204 204 PRO PRO A . n 
A 1 174 LEU 174 205 205 LEU LEU A . n 
A 1 175 THR 175 206 206 THR THR A . n 
A 1 176 GLU 176 207 207 GLU GLU A . n 
A 1 177 ASP 177 208 208 ASP ASP A . n 
A 1 178 GLN 178 209 209 GLN GLN A . n 
A 1 179 LYS 179 210 210 LYS LYS A . n 
A 1 180 LEU 180 211 211 LEU LEU A . n 
A 1 181 TYR 181 212 212 TYR TYR A . n 
A 1 182 ALA 182 213 213 ALA ALA A . n 
A 1 183 ALA 183 214 214 ALA ALA A . n 
A 1 184 THR 184 215 215 THR THR A . n 
A 1 185 ASP 185 216 216 ASP ASP A . n 
A 1 186 ALA 186 217 217 ALA ALA A . n 
A 1 187 TYR 187 218 218 TYR TYR A . n 
A 1 188 ALA 188 219 219 ALA ALA A . n 
A 1 189 GLY 189 220 220 GLY GLY A . n 
A 1 190 PHE 190 221 221 PHE PHE A . n 
A 1 191 ILE 191 222 222 ILE ILE A . n 
A 1 192 ILE 192 223 223 ILE ILE A . n 
A 1 193 TYR 193 224 224 TYR TYR A . n 
A 1 194 ARG 194 225 225 ARG ARG A . n 
A 1 195 ASN 195 226 226 ASN ASN A . n 
A 1 196 LEU 196 227 227 LEU LEU A . n 
A 1 197 GLU 197 228 228 GLU GLU A . n 
A 1 198 ILE 198 229 229 ILE ILE A . n 
A 1 199 LEU 199 230 230 LEU LEU A . n 
A 1 200 ASP 200 231 231 ASP ASP A . n 
A 1 201 ASP 201 232 ?   ?   ?   A . n 
A 1 202 THR 202 233 ?   ?   ?   A . n 
A 1 203 VAL 203 234 ?   ?   ?   A . n 
A 1 204 GLN 204 235 ?   ?   ?   A . n 
A 1 205 ARG 205 236 ?   ?   ?   A . n 
# 
loop_
_pdbx_nonpoly_scheme.asym_id 
_pdbx_nonpoly_scheme.entity_id 
_pdbx_nonpoly_scheme.mon_id 
_pdbx_nonpoly_scheme.ndb_seq_num 
_pdbx_nonpoly_scheme.pdb_seq_num 
_pdbx_nonpoly_scheme.auth_seq_num 
_pdbx_nonpoly_scheme.pdb_mon_id 
_pdbx_nonpoly_scheme.auth_mon_id 
_pdbx_nonpoly_scheme.pdb_strand_id 
_pdbx_nonpoly_scheme.pdb_ins_code 
B 2 EU3 1   237 232 EU3 EU3 A . 
C 2 EU3 1   238 233 EU3 EU3 A . 
D 3 HOH 1   239 234 HOH HOH A . 
D 3 HOH 2   240 235 HOH HOH A . 
D 3 HOH 3   241 236 HOH HOH A . 
D 3 HOH 4   242 237 HOH HOH A . 
D 3 HOH 5   243 238 HOH HOH A . 
D 3 HOH 6   244 240 HOH HOH A . 
D 3 HOH 7   245 241 HOH HOH A . 
D 3 HOH 8   246 242 HOH HOH A . 
D 3 HOH 9   247 243 HOH HOH A . 
D 3 HOH 10  248 244 HOH HOH A . 
D 3 HOH 11  249 245 HOH HOH A . 
D 3 HOH 12  250 246 HOH HOH A . 
D 3 HOH 13  251 247 HOH HOH A . 
D 3 HOH 14  252 248 HOH HOH A . 
D 3 HOH 15  253 249 HOH HOH A . 
D 3 HOH 16  254 250 HOH HOH A . 
D 3 HOH 17  255 251 HOH HOH A . 
D 3 HOH 18  256 252 HOH HOH A . 
D 3 HOH 19  257 254 HOH HOH A . 
D 3 HOH 20  258 255 HOH HOH A . 
D 3 HOH 21  259 256 HOH HOH A . 
D 3 HOH 22  260 257 HOH HOH A . 
D 3 HOH 23  261 258 HOH HOH A . 
D 3 HOH 24  262 259 HOH HOH A . 
D 3 HOH 25  263 260 HOH HOH A . 
D 3 HOH 26  264 261 HOH HOH A . 
D 3 HOH 27  265 262 HOH HOH A . 
D 3 HOH 28  266 263 HOH HOH A . 
D 3 HOH 29  267 264 HOH HOH A . 
D 3 HOH 30  268 265 HOH HOH A . 
D 3 HOH 31  269 266 HOH HOH A . 
D 3 HOH 32  270 267 HOH HOH A . 
D 3 HOH 33  271 268 HOH HOH A . 
D 3 HOH 34  272 269 HOH HOH A . 
D 3 HOH 35  273 270 HOH HOH A . 
D 3 HOH 36  274 271 HOH HOH A . 
D 3 HOH 37  275 272 HOH HOH A . 
D 3 HOH 38  276 273 HOH HOH A . 
D 3 HOH 39  277 274 HOH HOH A . 
D 3 HOH 40  278 275 HOH HOH A . 
D 3 HOH 41  279 276 HOH HOH A . 
D 3 HOH 42  280 277 HOH HOH A . 
D 3 HOH 43  281 278 HOH HOH A . 
D 3 HOH 44  282 279 HOH HOH A . 
D 3 HOH 45  283 281 HOH HOH A . 
D 3 HOH 46  284 282 HOH HOH A . 
D 3 HOH 47  285 283 HOH HOH A . 
D 3 HOH 48  286 284 HOH HOH A . 
D 3 HOH 49  287 285 HOH HOH A . 
D 3 HOH 50  288 286 HOH HOH A . 
D 3 HOH 51  289 287 HOH HOH A . 
D 3 HOH 52  290 288 HOH HOH A . 
D 3 HOH 53  291 289 HOH HOH A . 
D 3 HOH 54  292 290 HOH HOH A . 
D 3 HOH 55  293 291 HOH HOH A . 
D 3 HOH 56  294 292 HOH HOH A . 
D 3 HOH 57  295 293 HOH HOH A . 
D 3 HOH 58  296 294 HOH HOH A . 
D 3 HOH 59  297 295 HOH HOH A . 
D 3 HOH 60  298 296 HOH HOH A . 
D 3 HOH 61  299 298 HOH HOH A . 
D 3 HOH 62  300 299 HOH HOH A . 
D 3 HOH 63  301 300 HOH HOH A . 
D 3 HOH 64  302 301 HOH HOH A . 
D 3 HOH 65  303 302 HOH HOH A . 
D 3 HOH 66  304 303 HOH HOH A . 
D 3 HOH 67  305 304 HOH HOH A . 
D 3 HOH 68  306 306 HOH HOH A . 
D 3 HOH 69  307 308 HOH HOH A . 
D 3 HOH 70  308 309 HOH HOH A . 
D 3 HOH 71  309 310 HOH HOH A . 
D 3 HOH 72  310 311 HOH HOH A . 
D 3 HOH 73  311 312 HOH HOH A . 
D 3 HOH 74  312 313 HOH HOH A . 
D 3 HOH 75  313 314 HOH HOH A . 
D 3 HOH 76  314 315 HOH HOH A . 
D 3 HOH 77  315 316 HOH HOH A . 
D 3 HOH 78  316 317 HOH HOH A . 
D 3 HOH 79  317 318 HOH HOH A . 
D 3 HOH 80  318 320 HOH HOH A . 
D 3 HOH 81  319 321 HOH HOH A . 
D 3 HOH 82  320 322 HOH HOH A . 
D 3 HOH 83  321 323 HOH HOH A . 
D 3 HOH 84  322 324 HOH HOH A . 
D 3 HOH 85  323 326 HOH HOH A . 
D 3 HOH 86  324 328 HOH HOH A . 
D 3 HOH 87  325 329 HOH HOH A . 
D 3 HOH 88  326 330 HOH HOH A . 
D 3 HOH 89  327 331 HOH HOH A . 
D 3 HOH 90  328 332 HOH HOH A . 
D 3 HOH 91  329 333 HOH HOH A . 
D 3 HOH 92  330 335 HOH HOH A . 
D 3 HOH 93  331 336 HOH HOH A . 
D 3 HOH 94  332 337 HOH HOH A . 
D 3 HOH 95  333 339 HOH HOH A . 
D 3 HOH 96  334 340 HOH HOH A . 
D 3 HOH 97  335 342 HOH HOH A . 
D 3 HOH 98  336 343 HOH HOH A . 
D 3 HOH 99  337 344 HOH HOH A . 
D 3 HOH 100 338 345 HOH HOH A . 
D 3 HOH 101 339 346 HOH HOH A . 
D 3 HOH 102 340 347 HOH HOH A . 
D 3 HOH 103 341 349 HOH HOH A . 
D 3 HOH 104 342 350 HOH HOH A . 
D 3 HOH 105 343 351 HOH HOH A . 
D 3 HOH 106 344 352 HOH HOH A . 
D 3 HOH 107 345 354 HOH HOH A . 
D 3 HOH 108 346 355 HOH HOH A . 
D 3 HOH 109 347 358 HOH HOH A . 
D 3 HOH 110 348 359 HOH HOH A . 
D 3 HOH 111 349 360 HOH HOH A . 
D 3 HOH 112 350 361 HOH HOH A . 
D 3 HOH 113 351 362 HOH HOH A . 
D 3 HOH 114 352 363 HOH HOH A . 
D 3 HOH 115 353 366 HOH HOH A . 
D 3 HOH 116 354 367 HOH HOH A . 
D 3 HOH 117 355 368 HOH HOH A . 
D 3 HOH 118 356 369 HOH HOH A . 
D 3 HOH 119 357 370 HOH HOH A . 
D 3 HOH 120 358 371 HOH HOH A . 
D 3 HOH 121 359 375 HOH HOH A . 
D 3 HOH 122 360 377 HOH HOH A . 
D 3 HOH 123 361 378 HOH HOH A . 
D 3 HOH 124 362 380 HOH HOH A . 
D 3 HOH 125 363 381 HOH HOH A . 
D 3 HOH 126 364 382 HOH HOH A . 
D 3 HOH 127 365 383 HOH HOH A . 
D 3 HOH 128 366 384 HOH HOH A . 
# 
_pdbx_struct_assembly.id                   1 
_pdbx_struct_assembly.details              author_defined_assembly 
_pdbx_struct_assembly.method_details       ? 
_pdbx_struct_assembly.oligomeric_details   monomeric 
_pdbx_struct_assembly.oligomeric_count     1 
# 
_pdbx_struct_assembly_gen.assembly_id       1 
_pdbx_struct_assembly_gen.oper_expression   1 
_pdbx_struct_assembly_gen.asym_id_list      A,B,C,D 
# 
_pdbx_struct_oper_list.id                   1 
_pdbx_struct_oper_list.type                 'identity operation' 
_pdbx_struct_oper_list.name                 1_555 
_pdbx_struct_oper_list.symmetry_operation   x,y,z 
_pdbx_struct_oper_list.matrix[1][1]         1.0000000000 
_pdbx_struct_oper_list.matrix[1][2]         0.0000000000 
_pdbx_struct_oper_list.matrix[1][3]         0.0000000000 
_pdbx_struct_oper_list.vector[1]            0.0000000000 
_pdbx_struct_oper_list.matrix[2][1]         0.0000000000 
_pdbx_struct_oper_list.matrix[2][2]         1.0000000000 
_pdbx_struct_oper_list.matrix[2][3]         0.0000000000 
_pdbx_struct_oper_list.vector[2]            0.0000000000 
_pdbx_struct_oper_list.matrix[3][1]         0.0000000000 
_pdbx_struct_oper_list.matrix[3][2]         0.0000000000 
_pdbx_struct_oper_list.matrix[3][3]         1.0000000000 
_pdbx_struct_oper_list.vector[3]            0.0000000000 
# 
loop_
_pdbx_audit_revision_history.ordinal 
_pdbx_audit_revision_history.data_content_type 
_pdbx_audit_revision_history.major_revision 
_pdbx_audit_revision_history.minor_revision 
_pdbx_audit_revision_history.revision_date 
1 'Structure model' 1 0 2006-04-25 
2 'Structure model' 1 1 2008-05-01 
3 'Structure model' 1 2 2011-07-13 
4 'Structure model' 1 3 2023-08-30 
# 
_pdbx_audit_revision_details.ordinal             1 
_pdbx_audit_revision_details.revision_ordinal    1 
_pdbx_audit_revision_details.data_content_type   'Structure model' 
_pdbx_audit_revision_details.provider            repository 
_pdbx_audit_revision_details.type                'Initial release' 
_pdbx_audit_revision_details.description         ? 
_pdbx_audit_revision_details.details             ? 
# 
loop_
_pdbx_audit_revision_group.ordinal 
_pdbx_audit_revision_group.revision_ordinal 
_pdbx_audit_revision_group.data_content_type 
_pdbx_audit_revision_group.group 
1 2 'Structure model' 'Version format compliance' 
2 3 'Structure model' 'Version format compliance' 
3 4 'Structure model' 'Data collection'           
4 4 'Structure model' 'Database references'       
5 4 'Structure model' 'Derived calculations'      
6 4 'Structure model' 'Refinement description'    
# 
loop_
_pdbx_audit_revision_category.ordinal 
_pdbx_audit_revision_category.revision_ordinal 
_pdbx_audit_revision_category.data_content_type 
_pdbx_audit_revision_category.category 
1 4 'Structure model' chem_comp_atom                
2 4 'Structure model' chem_comp_bond                
3 4 'Structure model' database_2                    
4 4 'Structure model' pdbx_initial_refinement_model 
5 4 'Structure model' struct_ref_seq_dif            
6 4 'Structure model' struct_site                   
# 
loop_
_pdbx_audit_revision_item.ordinal 
_pdbx_audit_revision_item.revision_ordinal 
_pdbx_audit_revision_item.data_content_type 
_pdbx_audit_revision_item.item 
1 4 'Structure model' '_database_2.pdbx_DOI'                
2 4 'Structure model' '_database_2.pdbx_database_accession' 
3 4 'Structure model' '_struct_ref_seq_dif.details'         
4 4 'Structure model' '_struct_site.pdbx_auth_asym_id'      
5 4 'Structure model' '_struct_site.pdbx_auth_comp_id'      
6 4 'Structure model' '_struct_site.pdbx_auth_seq_id'       
# 
loop_
_software.name 
_software.classification 
_software.version 
_software.citation_id 
_software.pdbx_ordinal 
HKL-2000  'data collection' .   ? 1 
SCALEPACK 'data scaling'    .   ? 2 
AMoRE     phasing           .   ? 3 
CNS       refinement        1.1 ? 4 
HKL-2000  'data reduction'  .   ? 5 
# 
loop_
_pdbx_validate_rmsd_angle.id 
_pdbx_validate_rmsd_angle.PDB_model_num 
_pdbx_validate_rmsd_angle.auth_atom_id_1 
_pdbx_validate_rmsd_angle.auth_asym_id_1 
_pdbx_validate_rmsd_angle.auth_comp_id_1 
_pdbx_validate_rmsd_angle.auth_seq_id_1 
_pdbx_validate_rmsd_angle.PDB_ins_code_1 
_pdbx_validate_rmsd_angle.label_alt_id_1 
_pdbx_validate_rmsd_angle.auth_atom_id_2 
_pdbx_validate_rmsd_angle.auth_asym_id_2 
_pdbx_validate_rmsd_angle.auth_comp_id_2 
_pdbx_validate_rmsd_angle.auth_seq_id_2 
_pdbx_validate_rmsd_angle.PDB_ins_code_2 
_pdbx_validate_rmsd_angle.label_alt_id_2 
_pdbx_validate_rmsd_angle.auth_atom_id_3 
_pdbx_validate_rmsd_angle.auth_asym_id_3 
_pdbx_validate_rmsd_angle.auth_comp_id_3 
_pdbx_validate_rmsd_angle.auth_seq_id_3 
_pdbx_validate_rmsd_angle.PDB_ins_code_3 
_pdbx_validate_rmsd_angle.label_alt_id_3 
_pdbx_validate_rmsd_angle.angle_value 
_pdbx_validate_rmsd_angle.angle_target_value 
_pdbx_validate_rmsd_angle.angle_deviation 
_pdbx_validate_rmsd_angle.angle_standard_deviation 
_pdbx_validate_rmsd_angle.linker_flag 
1 1 CB A TRP 145 ? B CG A TRP 145 ? B CD2 A TRP 145 ? B 104.47 126.60 -22.13 1.30 N 
2 1 CB A TRP 145 ? B CG A TRP 145 ? B CD1 A TRP 145 ? B 149.08 127.00 22.08  1.30 N 
3 1 CB A GLU 207 ? A CA A GLU 207 ? A C   A GLU 207 ? A 124.21 110.40 13.81  2.00 N 
# 
_pdbx_validate_torsion.id              1 
_pdbx_validate_torsion.PDB_model_num   1 
_pdbx_validate_torsion.auth_comp_id    ASN 
_pdbx_validate_torsion.auth_asym_id    A 
_pdbx_validate_torsion.auth_seq_id     157 
_pdbx_validate_torsion.PDB_ins_code    ? 
_pdbx_validate_torsion.label_alt_id    ? 
_pdbx_validate_torsion.phi             62.42 
_pdbx_validate_torsion.psi             61.14 
# 
loop_
_pdbx_unobs_or_zero_occ_residues.id 
_pdbx_unobs_or_zero_occ_residues.PDB_model_num 
_pdbx_unobs_or_zero_occ_residues.polymer_flag 
_pdbx_unobs_or_zero_occ_residues.occupancy_flag 
_pdbx_unobs_or_zero_occ_residues.auth_asym_id 
_pdbx_unobs_or_zero_occ_residues.auth_comp_id 
_pdbx_unobs_or_zero_occ_residues.auth_seq_id 
_pdbx_unobs_or_zero_occ_residues.PDB_ins_code 
_pdbx_unobs_or_zero_occ_residues.label_asym_id 
_pdbx_unobs_or_zero_occ_residues.label_comp_id 
_pdbx_unobs_or_zero_occ_residues.label_seq_id 
1 1 Y 1 A HIS 32  ? A HIS 1   
2 1 Y 1 A HIS 33  ? A HIS 2   
3 1 Y 1 A HIS 34  ? A HIS 3   
4 1 Y 1 A HIS 35  ? A HIS 4   
5 1 Y 1 A ASP 232 ? A ASP 201 
6 1 Y 1 A THR 233 ? A THR 202 
7 1 Y 1 A VAL 234 ? A VAL 203 
8 1 Y 1 A GLN 235 ? A GLN 204 
9 1 Y 1 A ARG 236 ? A ARG 205 
# 
loop_
_chem_comp_atom.comp_id 
_chem_comp_atom.atom_id 
_chem_comp_atom.type_symbol 
_chem_comp_atom.pdbx_aromatic_flag 
_chem_comp_atom.pdbx_stereo_config 
_chem_comp_atom.pdbx_ordinal 
ALA N    N  N N 1   
ALA CA   C  N S 2   
ALA C    C  N N 3   
ALA O    O  N N 4   
ALA CB   C  N N 5   
ALA OXT  O  N N 6   
ALA H    H  N N 7   
ALA H2   H  N N 8   
ALA HA   H  N N 9   
ALA HB1  H  N N 10  
ALA HB2  H  N N 11  
ALA HB3  H  N N 12  
ALA HXT  H  N N 13  
ARG N    N  N N 14  
ARG CA   C  N S 15  
ARG C    C  N N 16  
ARG O    O  N N 17  
ARG CB   C  N N 18  
ARG CG   C  N N 19  
ARG CD   C  N N 20  
ARG NE   N  N N 21  
ARG CZ   C  N N 22  
ARG NH1  N  N N 23  
ARG NH2  N  N N 24  
ARG OXT  O  N N 25  
ARG H    H  N N 26  
ARG H2   H  N N 27  
ARG HA   H  N N 28  
ARG HB2  H  N N 29  
ARG HB3  H  N N 30  
ARG HG2  H  N N 31  
ARG HG3  H  N N 32  
ARG HD2  H  N N 33  
ARG HD3  H  N N 34  
ARG HE   H  N N 35  
ARG HH11 H  N N 36  
ARG HH12 H  N N 37  
ARG HH21 H  N N 38  
ARG HH22 H  N N 39  
ARG HXT  H  N N 40  
ASN N    N  N N 41  
ASN CA   C  N S 42  
ASN C    C  N N 43  
ASN O    O  N N 44  
ASN CB   C  N N 45  
ASN CG   C  N N 46  
ASN OD1  O  N N 47  
ASN ND2  N  N N 48  
ASN OXT  O  N N 49  
ASN H    H  N N 50  
ASN H2   H  N N 51  
ASN HA   H  N N 52  
ASN HB2  H  N N 53  
ASN HB3  H  N N 54  
ASN HD21 H  N N 55  
ASN HD22 H  N N 56  
ASN HXT  H  N N 57  
ASP N    N  N N 58  
ASP CA   C  N S 59  
ASP C    C  N N 60  
ASP O    O  N N 61  
ASP CB   C  N N 62  
ASP CG   C  N N 63  
ASP OD1  O  N N 64  
ASP OD2  O  N N 65  
ASP OXT  O  N N 66  
ASP H    H  N N 67  
ASP H2   H  N N 68  
ASP HA   H  N N 69  
ASP HB2  H  N N 70  
ASP HB3  H  N N 71  
ASP HD2  H  N N 72  
ASP HXT  H  N N 73  
CYS N    N  N N 74  
CYS CA   C  N R 75  
CYS C    C  N N 76  
CYS O    O  N N 77  
CYS CB   C  N N 78  
CYS SG   S  N N 79  
CYS OXT  O  N N 80  
CYS H    H  N N 81  
CYS H2   H  N N 82  
CYS HA   H  N N 83  
CYS HB2  H  N N 84  
CYS HB3  H  N N 85  
CYS HG   H  N N 86  
CYS HXT  H  N N 87  
EU3 EU   EU N N 88  
GLN N    N  N N 89  
GLN CA   C  N S 90  
GLN C    C  N N 91  
GLN O    O  N N 92  
GLN CB   C  N N 93  
GLN CG   C  N N 94  
GLN CD   C  N N 95  
GLN OE1  O  N N 96  
GLN NE2  N  N N 97  
GLN OXT  O  N N 98  
GLN H    H  N N 99  
GLN H2   H  N N 100 
GLN HA   H  N N 101 
GLN HB2  H  N N 102 
GLN HB3  H  N N 103 
GLN HG2  H  N N 104 
GLN HG3  H  N N 105 
GLN HE21 H  N N 106 
GLN HE22 H  N N 107 
GLN HXT  H  N N 108 
GLU N    N  N N 109 
GLU CA   C  N S 110 
GLU C    C  N N 111 
GLU O    O  N N 112 
GLU CB   C  N N 113 
GLU CG   C  N N 114 
GLU CD   C  N N 115 
GLU OE1  O  N N 116 
GLU OE2  O  N N 117 
GLU OXT  O  N N 118 
GLU H    H  N N 119 
GLU H2   H  N N 120 
GLU HA   H  N N 121 
GLU HB2  H  N N 122 
GLU HB3  H  N N 123 
GLU HG2  H  N N 124 
GLU HG3  H  N N 125 
GLU HE2  H  N N 126 
GLU HXT  H  N N 127 
GLY N    N  N N 128 
GLY CA   C  N N 129 
GLY C    C  N N 130 
GLY O    O  N N 131 
GLY OXT  O  N N 132 
GLY H    H  N N 133 
GLY H2   H  N N 134 
GLY HA2  H  N N 135 
GLY HA3  H  N N 136 
GLY HXT  H  N N 137 
HIS N    N  N N 138 
HIS CA   C  N S 139 
HIS C    C  N N 140 
HIS O    O  N N 141 
HIS CB   C  N N 142 
HIS CG   C  Y N 143 
HIS ND1  N  Y N 144 
HIS CD2  C  Y N 145 
HIS CE1  C  Y N 146 
HIS NE2  N  Y N 147 
HIS OXT  O  N N 148 
HIS H    H  N N 149 
HIS H2   H  N N 150 
HIS HA   H  N N 151 
HIS HB2  H  N N 152 
HIS HB3  H  N N 153 
HIS HD1  H  N N 154 
HIS HD2  H  N N 155 
HIS HE1  H  N N 156 
HIS HE2  H  N N 157 
HIS HXT  H  N N 158 
HOH O    O  N N 159 
HOH H1   H  N N 160 
HOH H2   H  N N 161 
ILE N    N  N N 162 
ILE CA   C  N S 163 
ILE C    C  N N 164 
ILE O    O  N N 165 
ILE CB   C  N S 166 
ILE CG1  C  N N 167 
ILE CG2  C  N N 168 
ILE CD1  C  N N 169 
ILE OXT  O  N N 170 
ILE H    H  N N 171 
ILE H2   H  N N 172 
ILE HA   H  N N 173 
ILE HB   H  N N 174 
ILE HG12 H  N N 175 
ILE HG13 H  N N 176 
ILE HG21 H  N N 177 
ILE HG22 H  N N 178 
ILE HG23 H  N N 179 
ILE HD11 H  N N 180 
ILE HD12 H  N N 181 
ILE HD13 H  N N 182 
ILE HXT  H  N N 183 
LEU N    N  N N 184 
LEU CA   C  N S 185 
LEU C    C  N N 186 
LEU O    O  N N 187 
LEU CB   C  N N 188 
LEU CG   C  N N 189 
LEU CD1  C  N N 190 
LEU CD2  C  N N 191 
LEU OXT  O  N N 192 
LEU H    H  N N 193 
LEU H2   H  N N 194 
LEU HA   H  N N 195 
LEU HB2  H  N N 196 
LEU HB3  H  N N 197 
LEU HG   H  N N 198 
LEU HD11 H  N N 199 
LEU HD12 H  N N 200 
LEU HD13 H  N N 201 
LEU HD21 H  N N 202 
LEU HD22 H  N N 203 
LEU HD23 H  N N 204 
LEU HXT  H  N N 205 
LYS N    N  N N 206 
LYS CA   C  N S 207 
LYS C    C  N N 208 
LYS O    O  N N 209 
LYS CB   C  N N 210 
LYS CG   C  N N 211 
LYS CD   C  N N 212 
LYS CE   C  N N 213 
LYS NZ   N  N N 214 
LYS OXT  O  N N 215 
LYS H    H  N N 216 
LYS H2   H  N N 217 
LYS HA   H  N N 218 
LYS HB2  H  N N 219 
LYS HB3  H  N N 220 
LYS HG2  H  N N 221 
LYS HG3  H  N N 222 
LYS HD2  H  N N 223 
LYS HD3  H  N N 224 
LYS HE2  H  N N 225 
LYS HE3  H  N N 226 
LYS HZ1  H  N N 227 
LYS HZ2  H  N N 228 
LYS HZ3  H  N N 229 
LYS HXT  H  N N 230 
MET N    N  N N 231 
MET CA   C  N S 232 
MET C    C  N N 233 
MET O    O  N N 234 
MET CB   C  N N 235 
MET CG   C  N N 236 
MET SD   S  N N 237 
MET CE   C  N N 238 
MET OXT  O  N N 239 
MET H    H  N N 240 
MET H2   H  N N 241 
MET HA   H  N N 242 
MET HB2  H  N N 243 
MET HB3  H  N N 244 
MET HG2  H  N N 245 
MET HG3  H  N N 246 
MET HE1  H  N N 247 
MET HE2  H  N N 248 
MET HE3  H  N N 249 
MET HXT  H  N N 250 
PHE N    N  N N 251 
PHE CA   C  N S 252 
PHE C    C  N N 253 
PHE O    O  N N 254 
PHE CB   C  N N 255 
PHE CG   C  Y N 256 
PHE CD1  C  Y N 257 
PHE CD2  C  Y N 258 
PHE CE1  C  Y N 259 
PHE CE2  C  Y N 260 
PHE CZ   C  Y N 261 
PHE OXT  O  N N 262 
PHE H    H  N N 263 
PHE H2   H  N N 264 
PHE HA   H  N N 265 
PHE HB2  H  N N 266 
PHE HB3  H  N N 267 
PHE HD1  H  N N 268 
PHE HD2  H  N N 269 
PHE HE1  H  N N 270 
PHE HE2  H  N N 271 
PHE HZ   H  N N 272 
PHE HXT  H  N N 273 
PRO N    N  N N 274 
PRO CA   C  N S 275 
PRO C    C  N N 276 
PRO O    O  N N 277 
PRO CB   C  N N 278 
PRO CG   C  N N 279 
PRO CD   C  N N 280 
PRO OXT  O  N N 281 
PRO H    H  N N 282 
PRO HA   H  N N 283 
PRO HB2  H  N N 284 
PRO HB3  H  N N 285 
PRO HG2  H  N N 286 
PRO HG3  H  N N 287 
PRO HD2  H  N N 288 
PRO HD3  H  N N 289 
PRO HXT  H  N N 290 
SER N    N  N N 291 
SER CA   C  N S 292 
SER C    C  N N 293 
SER O    O  N N 294 
SER CB   C  N N 295 
SER OG   O  N N 296 
SER OXT  O  N N 297 
SER H    H  N N 298 
SER H2   H  N N 299 
SER HA   H  N N 300 
SER HB2  H  N N 301 
SER HB3  H  N N 302 
SER HG   H  N N 303 
SER HXT  H  N N 304 
THR N    N  N N 305 
THR CA   C  N S 306 
THR C    C  N N 307 
THR O    O  N N 308 
THR CB   C  N R 309 
THR OG1  O  N N 310 
THR CG2  C  N N 311 
THR OXT  O  N N 312 
THR H    H  N N 313 
THR H2   H  N N 314 
THR HA   H  N N 315 
THR HB   H  N N 316 
THR HG1  H  N N 317 
THR HG21 H  N N 318 
THR HG22 H  N N 319 
THR HG23 H  N N 320 
THR HXT  H  N N 321 
TRP N    N  N N 322 
TRP CA   C  N S 323 
TRP C    C  N N 324 
TRP O    O  N N 325 
TRP CB   C  N N 326 
TRP CG   C  Y N 327 
TRP CD1  C  Y N 328 
TRP CD2  C  Y N 329 
TRP NE1  N  Y N 330 
TRP CE2  C  Y N 331 
TRP CE3  C  Y N 332 
TRP CZ2  C  Y N 333 
TRP CZ3  C  Y N 334 
TRP CH2  C  Y N 335 
TRP OXT  O  N N 336 
TRP H    H  N N 337 
TRP H2   H  N N 338 
TRP HA   H  N N 339 
TRP HB2  H  N N 340 
TRP HB3  H  N N 341 
TRP HD1  H  N N 342 
TRP HE1  H  N N 343 
TRP HE3  H  N N 344 
TRP HZ2  H  N N 345 
TRP HZ3  H  N N 346 
TRP HH2  H  N N 347 
TRP HXT  H  N N 348 
TYR N    N  N N 349 
TYR CA   C  N S 350 
TYR C    C  N N 351 
TYR O    O  N N 352 
TYR CB   C  N N 353 
TYR CG   C  Y N 354 
TYR CD1  C  Y N 355 
TYR CD2  C  Y N 356 
TYR CE1  C  Y N 357 
TYR CE2  C  Y N 358 
TYR CZ   C  Y N 359 
TYR OH   O  N N 360 
TYR OXT  O  N N 361 
TYR H    H  N N 362 
TYR H2   H  N N 363 
TYR HA   H  N N 364 
TYR HB2  H  N N 365 
TYR HB3  H  N N 366 
TYR HD1  H  N N 367 
TYR HD2  H  N N 368 
TYR HE1  H  N N 369 
TYR HE2  H  N N 370 
TYR HH   H  N N 371 
TYR HXT  H  N N 372 
VAL N    N  N N 373 
VAL CA   C  N S 374 
VAL C    C  N N 375 
VAL O    O  N N 376 
VAL CB   C  N N 377 
VAL CG1  C  N N 378 
VAL CG2  C  N N 379 
VAL OXT  O  N N 380 
VAL H    H  N N 381 
VAL H2   H  N N 382 
VAL HA   H  N N 383 
VAL HB   H  N N 384 
VAL HG11 H  N N 385 
VAL HG12 H  N N 386 
VAL HG13 H  N N 387 
VAL HG21 H  N N 388 
VAL HG22 H  N N 389 
VAL HG23 H  N N 390 
VAL HXT  H  N N 391 
# 
loop_
_chem_comp_bond.comp_id 
_chem_comp_bond.atom_id_1 
_chem_comp_bond.atom_id_2 
_chem_comp_bond.value_order 
_chem_comp_bond.pdbx_aromatic_flag 
_chem_comp_bond.pdbx_stereo_config 
_chem_comp_bond.pdbx_ordinal 
ALA N   CA   sing N N 1   
ALA N   H    sing N N 2   
ALA N   H2   sing N N 3   
ALA CA  C    sing N N 4   
ALA CA  CB   sing N N 5   
ALA CA  HA   sing N N 6   
ALA C   O    doub N N 7   
ALA C   OXT  sing N N 8   
ALA CB  HB1  sing N N 9   
ALA CB  HB2  sing N N 10  
ALA CB  HB3  sing N N 11  
ALA OXT HXT  sing N N 12  
ARG N   CA   sing N N 13  
ARG N   H    sing N N 14  
ARG N   H2   sing N N 15  
ARG CA  C    sing N N 16  
ARG CA  CB   sing N N 17  
ARG CA  HA   sing N N 18  
ARG C   O    doub N N 19  
ARG C   OXT  sing N N 20  
ARG CB  CG   sing N N 21  
ARG CB  HB2  sing N N 22  
ARG CB  HB3  sing N N 23  
ARG CG  CD   sing N N 24  
ARG CG  HG2  sing N N 25  
ARG CG  HG3  sing N N 26  
ARG CD  NE   sing N N 27  
ARG CD  HD2  sing N N 28  
ARG CD  HD3  sing N N 29  
ARG NE  CZ   sing N N 30  
ARG NE  HE   sing N N 31  
ARG CZ  NH1  sing N N 32  
ARG CZ  NH2  doub N N 33  
ARG NH1 HH11 sing N N 34  
ARG NH1 HH12 sing N N 35  
ARG NH2 HH21 sing N N 36  
ARG NH2 HH22 sing N N 37  
ARG OXT HXT  sing N N 38  
ASN N   CA   sing N N 39  
ASN N   H    sing N N 40  
ASN N   H2   sing N N 41  
ASN CA  C    sing N N 42  
ASN CA  CB   sing N N 43  
ASN CA  HA   sing N N 44  
ASN C   O    doub N N 45  
ASN C   OXT  sing N N 46  
ASN CB  CG   sing N N 47  
ASN CB  HB2  sing N N 48  
ASN CB  HB3  sing N N 49  
ASN CG  OD1  doub N N 50  
ASN CG  ND2  sing N N 51  
ASN ND2 HD21 sing N N 52  
ASN ND2 HD22 sing N N 53  
ASN OXT HXT  sing N N 54  
ASP N   CA   sing N N 55  
ASP N   H    sing N N 56  
ASP N   H2   sing N N 57  
ASP CA  C    sing N N 58  
ASP CA  CB   sing N N 59  
ASP CA  HA   sing N N 60  
ASP C   O    doub N N 61  
ASP C   OXT  sing N N 62  
ASP CB  CG   sing N N 63  
ASP CB  HB2  sing N N 64  
ASP CB  HB3  sing N N 65  
ASP CG  OD1  doub N N 66  
ASP CG  OD2  sing N N 67  
ASP OD2 HD2  sing N N 68  
ASP OXT HXT  sing N N 69  
CYS N   CA   sing N N 70  
CYS N   H    sing N N 71  
CYS N   H2   sing N N 72  
CYS CA  C    sing N N 73  
CYS CA  CB   sing N N 74  
CYS CA  HA   sing N N 75  
CYS C   O    doub N N 76  
CYS C   OXT  sing N N 77  
CYS CB  SG   sing N N 78  
CYS CB  HB2  sing N N 79  
CYS CB  HB3  sing N N 80  
CYS SG  HG   sing N N 81  
CYS OXT HXT  sing N N 82  
GLN N   CA   sing N N 83  
GLN N   H    sing N N 84  
GLN N   H2   sing N N 85  
GLN CA  C    sing N N 86  
GLN CA  CB   sing N N 87  
GLN CA  HA   sing N N 88  
GLN C   O    doub N N 89  
GLN C   OXT  sing N N 90  
GLN CB  CG   sing N N 91  
GLN CB  HB2  sing N N 92  
GLN CB  HB3  sing N N 93  
GLN CG  CD   sing N N 94  
GLN CG  HG2  sing N N 95  
GLN CG  HG3  sing N N 96  
GLN CD  OE1  doub N N 97  
GLN CD  NE2  sing N N 98  
GLN NE2 HE21 sing N N 99  
GLN NE2 HE22 sing N N 100 
GLN OXT HXT  sing N N 101 
GLU N   CA   sing N N 102 
GLU N   H    sing N N 103 
GLU N   H2   sing N N 104 
GLU CA  C    sing N N 105 
GLU CA  CB   sing N N 106 
GLU CA  HA   sing N N 107 
GLU C   O    doub N N 108 
GLU C   OXT  sing N N 109 
GLU CB  CG   sing N N 110 
GLU CB  HB2  sing N N 111 
GLU CB  HB3  sing N N 112 
GLU CG  CD   sing N N 113 
GLU CG  HG2  sing N N 114 
GLU CG  HG3  sing N N 115 
GLU CD  OE1  doub N N 116 
GLU CD  OE2  sing N N 117 
GLU OE2 HE2  sing N N 118 
GLU OXT HXT  sing N N 119 
GLY N   CA   sing N N 120 
GLY N   H    sing N N 121 
GLY N   H2   sing N N 122 
GLY CA  C    sing N N 123 
GLY CA  HA2  sing N N 124 
GLY CA  HA3  sing N N 125 
GLY C   O    doub N N 126 
GLY C   OXT  sing N N 127 
GLY OXT HXT  sing N N 128 
HIS N   CA   sing N N 129 
HIS N   H    sing N N 130 
HIS N   H2   sing N N 131 
HIS CA  C    sing N N 132 
HIS CA  CB   sing N N 133 
HIS CA  HA   sing N N 134 
HIS C   O    doub N N 135 
HIS C   OXT  sing N N 136 
HIS CB  CG   sing N N 137 
HIS CB  HB2  sing N N 138 
HIS CB  HB3  sing N N 139 
HIS CG  ND1  sing Y N 140 
HIS CG  CD2  doub Y N 141 
HIS ND1 CE1  doub Y N 142 
HIS ND1 HD1  sing N N 143 
HIS CD2 NE2  sing Y N 144 
HIS CD2 HD2  sing N N 145 
HIS CE1 NE2  sing Y N 146 
HIS CE1 HE1  sing N N 147 
HIS NE2 HE2  sing N N 148 
HIS OXT HXT  sing N N 149 
HOH O   H1   sing N N 150 
HOH O   H2   sing N N 151 
ILE N   CA   sing N N 152 
ILE N   H    sing N N 153 
ILE N   H2   sing N N 154 
ILE CA  C    sing N N 155 
ILE CA  CB   sing N N 156 
ILE CA  HA   sing N N 157 
ILE C   O    doub N N 158 
ILE C   OXT  sing N N 159 
ILE CB  CG1  sing N N 160 
ILE CB  CG2  sing N N 161 
ILE CB  HB   sing N N 162 
ILE CG1 CD1  sing N N 163 
ILE CG1 HG12 sing N N 164 
ILE CG1 HG13 sing N N 165 
ILE CG2 HG21 sing N N 166 
ILE CG2 HG22 sing N N 167 
ILE CG2 HG23 sing N N 168 
ILE CD1 HD11 sing N N 169 
ILE CD1 HD12 sing N N 170 
ILE CD1 HD13 sing N N 171 
ILE OXT HXT  sing N N 172 
LEU N   CA   sing N N 173 
LEU N   H    sing N N 174 
LEU N   H2   sing N N 175 
LEU CA  C    sing N N 176 
LEU CA  CB   sing N N 177 
LEU CA  HA   sing N N 178 
LEU C   O    doub N N 179 
LEU C   OXT  sing N N 180 
LEU CB  CG   sing N N 181 
LEU CB  HB2  sing N N 182 
LEU CB  HB3  sing N N 183 
LEU CG  CD1  sing N N 184 
LEU CG  CD2  sing N N 185 
LEU CG  HG   sing N N 186 
LEU CD1 HD11 sing N N 187 
LEU CD1 HD12 sing N N 188 
LEU CD1 HD13 sing N N 189 
LEU CD2 HD21 sing N N 190 
LEU CD2 HD22 sing N N 191 
LEU CD2 HD23 sing N N 192 
LEU OXT HXT  sing N N 193 
LYS N   CA   sing N N 194 
LYS N   H    sing N N 195 
LYS N   H2   sing N N 196 
LYS CA  C    sing N N 197 
LYS CA  CB   sing N N 198 
LYS CA  HA   sing N N 199 
LYS C   O    doub N N 200 
LYS C   OXT  sing N N 201 
LYS CB  CG   sing N N 202 
LYS CB  HB2  sing N N 203 
LYS CB  HB3  sing N N 204 
LYS CG  CD   sing N N 205 
LYS CG  HG2  sing N N 206 
LYS CG  HG3  sing N N 207 
LYS CD  CE   sing N N 208 
LYS CD  HD2  sing N N 209 
LYS CD  HD3  sing N N 210 
LYS CE  NZ   sing N N 211 
LYS CE  HE2  sing N N 212 
LYS CE  HE3  sing N N 213 
LYS NZ  HZ1  sing N N 214 
LYS NZ  HZ2  sing N N 215 
LYS NZ  HZ3  sing N N 216 
LYS OXT HXT  sing N N 217 
MET N   CA   sing N N 218 
MET N   H    sing N N 219 
MET N   H2   sing N N 220 
MET CA  C    sing N N 221 
MET CA  CB   sing N N 222 
MET CA  HA   sing N N 223 
MET C   O    doub N N 224 
MET C   OXT  sing N N 225 
MET CB  CG   sing N N 226 
MET CB  HB2  sing N N 227 
MET CB  HB3  sing N N 228 
MET CG  SD   sing N N 229 
MET CG  HG2  sing N N 230 
MET CG  HG3  sing N N 231 
MET SD  CE   sing N N 232 
MET CE  HE1  sing N N 233 
MET CE  HE2  sing N N 234 
MET CE  HE3  sing N N 235 
MET OXT HXT  sing N N 236 
PHE N   CA   sing N N 237 
PHE N   H    sing N N 238 
PHE N   H2   sing N N 239 
PHE CA  C    sing N N 240 
PHE CA  CB   sing N N 241 
PHE CA  HA   sing N N 242 
PHE C   O    doub N N 243 
PHE C   OXT  sing N N 244 
PHE CB  CG   sing N N 245 
PHE CB  HB2  sing N N 246 
PHE CB  HB3  sing N N 247 
PHE CG  CD1  doub Y N 248 
PHE CG  CD2  sing Y N 249 
PHE CD1 CE1  sing Y N 250 
PHE CD1 HD1  sing N N 251 
PHE CD2 CE2  doub Y N 252 
PHE CD2 HD2  sing N N 253 
PHE CE1 CZ   doub Y N 254 
PHE CE1 HE1  sing N N 255 
PHE CE2 CZ   sing Y N 256 
PHE CE2 HE2  sing N N 257 
PHE CZ  HZ   sing N N 258 
PHE OXT HXT  sing N N 259 
PRO N   CA   sing N N 260 
PRO N   CD   sing N N 261 
PRO N   H    sing N N 262 
PRO CA  C    sing N N 263 
PRO CA  CB   sing N N 264 
PRO CA  HA   sing N N 265 
PRO C   O    doub N N 266 
PRO C   OXT  sing N N 267 
PRO CB  CG   sing N N 268 
PRO CB  HB2  sing N N 269 
PRO CB  HB3  sing N N 270 
PRO CG  CD   sing N N 271 
PRO CG  HG2  sing N N 272 
PRO CG  HG3  sing N N 273 
PRO CD  HD2  sing N N 274 
PRO CD  HD3  sing N N 275 
PRO OXT HXT  sing N N 276 
SER N   CA   sing N N 277 
SER N   H    sing N N 278 
SER N   H2   sing N N 279 
SER CA  C    sing N N 280 
SER CA  CB   sing N N 281 
SER CA  HA   sing N N 282 
SER C   O    doub N N 283 
SER C   OXT  sing N N 284 
SER CB  OG   sing N N 285 
SER CB  HB2  sing N N 286 
SER CB  HB3  sing N N 287 
SER OG  HG   sing N N 288 
SER OXT HXT  sing N N 289 
THR N   CA   sing N N 290 
THR N   H    sing N N 291 
THR N   H2   sing N N 292 
THR CA  C    sing N N 293 
THR CA  CB   sing N N 294 
THR CA  HA   sing N N 295 
THR C   O    doub N N 296 
THR C   OXT  sing N N 297 
THR CB  OG1  sing N N 298 
THR CB  CG2  sing N N 299 
THR CB  HB   sing N N 300 
THR OG1 HG1  sing N N 301 
THR CG2 HG21 sing N N 302 
THR CG2 HG22 sing N N 303 
THR CG2 HG23 sing N N 304 
THR OXT HXT  sing N N 305 
TRP N   CA   sing N N 306 
TRP N   H    sing N N 307 
TRP N   H2   sing N N 308 
TRP CA  C    sing N N 309 
TRP CA  CB   sing N N 310 
TRP CA  HA   sing N N 311 
TRP C   O    doub N N 312 
TRP C   OXT  sing N N 313 
TRP CB  CG   sing N N 314 
TRP CB  HB2  sing N N 315 
TRP CB  HB3  sing N N 316 
TRP CG  CD1  doub Y N 317 
TRP CG  CD2  sing Y N 318 
TRP CD1 NE1  sing Y N 319 
TRP CD1 HD1  sing N N 320 
TRP CD2 CE2  doub Y N 321 
TRP CD2 CE3  sing Y N 322 
TRP NE1 CE2  sing Y N 323 
TRP NE1 HE1  sing N N 324 
TRP CE2 CZ2  sing Y N 325 
TRP CE3 CZ3  doub Y N 326 
TRP CE3 HE3  sing N N 327 
TRP CZ2 CH2  doub Y N 328 
TRP CZ2 HZ2  sing N N 329 
TRP CZ3 CH2  sing Y N 330 
TRP CZ3 HZ3  sing N N 331 
TRP CH2 HH2  sing N N 332 
TRP OXT HXT  sing N N 333 
TYR N   CA   sing N N 334 
TYR N   H    sing N N 335 
TYR N   H2   sing N N 336 
TYR CA  C    sing N N 337 
TYR CA  CB   sing N N 338 
TYR CA  HA   sing N N 339 
TYR C   O    doub N N 340 
TYR C   OXT  sing N N 341 
TYR CB  CG   sing N N 342 
TYR CB  HB2  sing N N 343 
TYR CB  HB3  sing N N 344 
TYR CG  CD1  doub Y N 345 
TYR CG  CD2  sing Y N 346 
TYR CD1 CE1  sing Y N 347 
TYR CD1 HD1  sing N N 348 
TYR CD2 CE2  doub Y N 349 
TYR CD2 HD2  sing N N 350 
TYR CE1 CZ   doub Y N 351 
TYR CE1 HE1  sing N N 352 
TYR CE2 CZ   sing Y N 353 
TYR CE2 HE2  sing N N 354 
TYR CZ  OH   sing N N 355 
TYR OH  HH   sing N N 356 
TYR OXT HXT  sing N N 357 
VAL N   CA   sing N N 358 
VAL N   H    sing N N 359 
VAL N   H2   sing N N 360 
VAL CA  C    sing N N 361 
VAL CA  CB   sing N N 362 
VAL CA  HA   sing N N 363 
VAL C   O    doub N N 364 
VAL C   OXT  sing N N 365 
VAL CB  CG1  sing N N 366 
VAL CB  CG2  sing N N 367 
VAL CB  HB   sing N N 368 
VAL CG1 HG11 sing N N 369 
VAL CG1 HG12 sing N N 370 
VAL CG1 HG13 sing N N 371 
VAL CG2 HG21 sing N N 372 
VAL CG2 HG22 sing N N 373 
VAL CG2 HG23 sing N N 374 
VAL OXT HXT  sing N N 375 
# 
loop_
_pdbx_entity_nonpoly.entity_id 
_pdbx_entity_nonpoly.name 
_pdbx_entity_nonpoly.comp_id 
2 'EUROPIUM (III) ION' EU3 
3 water                HOH 
# 
_pdbx_initial_refinement_model.id               1 
_pdbx_initial_refinement_model.entity_id_list   ? 
_pdbx_initial_refinement_model.type             'experimental model' 
_pdbx_initial_refinement_model.source_name      PDB 
_pdbx_initial_refinement_model.accession_code   2FBT 
_pdbx_initial_refinement_model.details          'PDB ENTRY 2FBT' 
# 
